data_7K5G
#
_entry.id   7K5G
#
_cell.length_a   129.739
_cell.length_b   194.791
_cell.length_c   202.343
_cell.angle_alpha   90.000
_cell.angle_beta   90.000
_cell.angle_gamma   90.000
#
_symmetry.space_group_name_H-M   'C 2 2 21'
#
loop_
_entity.id
_entity.type
_entity.pdbx_description
1 polymer Ferroxidase
2 non-polymer 'POTASSIUM ION'
3 non-polymer 'PROTOPORPHYRIN IX CONTAINING FE'
4 non-polymer 4-{[3-(2-hydroxyphenyl)propyl]amino}-1H-isoindole-1,3(2H)-dione
5 water water
#
_entity_poly.entity_id   1
_entity_poly.type   'polypeptide(L)'
_entity_poly.pdbx_seq_one_letter_code
;MKGDKKVIQHLNKILGNELIAINQYFLHSRMWNDWGLKRLGAHEYHESIDEMKHADKLIERILFLEGLPNLQDLGKLLIG
ENTQEMLQCDLNLELKATKDLREAIVHCEQVHDYVSRDLLKDILESEEEHIDYLETQLGLIQKVGLENYLQSHMHEDD
;
_entity_poly.pdbx_strand_id   A,B,C,D,E,F,G,H,I,J,K,L
#
# COMPACT_ATOMS: atom_id res chain seq x y z
N MET A 1 -27.55 42.81 -26.86
CA MET A 1 -28.54 42.11 -27.70
C MET A 1 -29.88 42.22 -27.00
N LYS A 2 -30.82 43.01 -27.54
CA LYS A 2 -32.03 43.31 -26.77
C LYS A 2 -32.83 42.04 -26.58
N GLY A 3 -33.13 41.73 -25.34
CA GLY A 3 -33.95 40.59 -25.05
C GLY A 3 -35.43 40.85 -25.10
N ASP A 4 -36.19 39.75 -25.07
CA ASP A 4 -37.62 39.81 -24.88
C ASP A 4 -37.96 40.45 -23.53
N LYS A 5 -38.90 41.39 -23.53
CA LYS A 5 -39.25 42.12 -22.31
C LYS A 5 -39.70 41.19 -21.19
N LYS A 6 -40.58 40.23 -21.51
CA LYS A 6 -41.12 39.36 -20.49
C LYS A 6 -40.11 38.32 -20.01
N VAL A 7 -39.19 37.87 -20.88
CA VAL A 7 -38.03 37.11 -20.40
C VAL A 7 -37.29 37.89 -19.33
N ILE A 8 -37.03 39.16 -19.60
CA ILE A 8 -36.26 39.95 -18.65
C ILE A 8 -37.03 40.08 -17.35
N GLN A 9 -38.34 40.28 -17.42
CA GLN A 9 -39.14 40.29 -16.20
C GLN A 9 -39.06 38.96 -15.44
N HIS A 10 -39.13 37.84 -16.15
CA HIS A 10 -38.95 36.56 -15.48
C HIS A 10 -37.59 36.47 -14.81
N LEU A 11 -36.52 36.84 -15.52
CA LEU A 11 -35.19 36.75 -14.93
C LEU A 11 -35.09 37.60 -13.68
N ASN A 12 -35.72 38.79 -13.70
CA ASN A 12 -35.74 39.64 -12.52
C ASN A 12 -36.55 39.02 -11.38
N LYS A 13 -37.63 38.31 -11.69
CA LYS A 13 -38.33 37.64 -10.60
C LYS A 13 -37.47 36.53 -10.00
N ILE A 14 -36.81 35.73 -10.85
CA ILE A 14 -35.89 34.70 -10.34
C ILE A 14 -34.81 35.35 -9.50
N LEU A 15 -34.22 36.43 -10.03
CA LEU A 15 -33.18 37.14 -9.29
C LEU A 15 -33.70 37.58 -7.92
N GLY A 16 -34.91 38.10 -7.89
CA GLY A 16 -35.51 38.48 -6.62
C GLY A 16 -35.60 37.35 -5.62
N ASN A 17 -35.99 36.15 -6.08
CA ASN A 17 -36.00 34.99 -5.20
C ASN A 17 -34.59 34.67 -4.70
N GLU A 18 -33.59 34.76 -5.58
CA GLU A 18 -32.22 34.47 -5.14
C GLU A 18 -31.72 35.49 -4.13
N LEU A 19 -32.13 36.76 -4.27
CA LEU A 19 -31.70 37.76 -3.30
C LEU A 19 -32.30 37.50 -1.92
N ILE A 20 -33.57 37.10 -1.85
CA ILE A 20 -34.15 36.68 -0.58
C ILE A 20 -33.33 35.51 0.01
N ALA A 21 -33.03 34.51 -0.83
CA ALA A 21 -32.37 33.31 -0.33
C ALA A 21 -30.95 33.61 0.14
N ILE A 22 -30.23 34.50 -0.54
CA ILE A 22 -28.91 34.89 -0.07
C ILE A 22 -28.97 35.33 1.39
N ASN A 23 -29.82 36.32 1.68
CA ASN A 23 -29.88 36.85 3.03
C ASN A 23 -30.44 35.85 4.04
N GLN A 24 -31.48 35.13 3.66
CA GLN A 24 -32.09 34.16 4.56
C GLN A 24 -31.09 33.07 4.93
N TYR A 25 -30.41 32.50 3.94
CA TYR A 25 -29.42 31.47 4.26
C TYR A 25 -28.22 32.06 4.99
N PHE A 26 -27.79 33.28 4.63
CA PHE A 26 -26.67 33.83 5.37
C PHE A 26 -27.02 34.04 6.83
N LEU A 27 -28.22 34.54 7.11
CA LEU A 27 -28.57 34.75 8.51
C LEU A 27 -28.71 33.41 9.24
N HIS A 28 -29.36 32.43 8.61
CA HIS A 28 -29.49 31.13 9.22
C HIS A 28 -28.11 30.54 9.51
N SER A 29 -27.17 30.69 8.57
CA SER A 29 -25.83 30.20 8.79
C SER A 29 -25.23 30.80 10.05
N ARG A 30 -25.34 32.12 10.20
CA ARG A 30 -24.67 32.78 11.30
C ARG A 30 -25.38 32.54 12.61
N MET A 31 -26.70 32.30 12.57
CA MET A 31 -27.43 31.87 13.76
C MET A 31 -26.91 30.53 14.25
N TRP A 32 -26.84 29.54 13.34
CA TRP A 32 -26.32 28.22 13.72
C TRP A 32 -24.91 28.32 14.27
N ASN A 33 -24.04 29.16 13.65
CA ASN A 33 -22.68 29.30 14.17
C ASN A 33 -22.69 29.88 15.57
N ASP A 34 -23.50 30.91 15.77
CA ASP A 34 -23.62 31.52 17.10
C ASP A 34 -24.07 30.48 18.13
N TRP A 35 -24.95 29.57 17.73
CA TRP A 35 -25.42 28.53 18.64
C TRP A 35 -24.44 27.37 18.82
N GLY A 36 -23.31 27.35 18.11
CA GLY A 36 -22.34 26.28 18.26
C GLY A 36 -22.54 25.10 17.35
N LEU A 37 -23.47 25.21 16.41
CA LEU A 37 -23.76 24.16 15.42
C LEU A 37 -23.05 24.50 14.10
N LYS A 38 -21.72 24.37 14.15
CA LYS A 38 -20.87 24.92 13.09
C LYS A 38 -20.97 24.14 11.79
N ARG A 39 -21.29 22.84 11.85
CA ARG A 39 -21.45 22.10 10.61
C ARG A 39 -22.69 22.57 9.85
N LEU A 40 -23.80 22.80 10.55
CA LEU A 40 -24.97 23.41 9.93
C LEU A 40 -24.63 24.80 9.41
N GLY A 41 -23.93 25.58 10.22
CA GLY A 41 -23.59 26.93 9.81
C GLY A 41 -22.74 26.92 8.55
N ALA A 42 -21.77 26.01 8.48
CA ALA A 42 -20.92 25.93 7.30
C ALA A 42 -21.71 25.50 6.06
N HIS A 43 -22.57 24.50 6.20
CA HIS A 43 -23.34 24.05 5.05
C HIS A 43 -24.31 25.13 4.57
N GLU A 44 -24.95 25.83 5.49
CA GLU A 44 -25.88 26.88 5.10
C GLU A 44 -25.12 28.05 4.49
N TYR A 45 -23.92 28.32 4.98
CA TYR A 45 -23.05 29.31 4.37
C TYR A 45 -22.80 28.98 2.89
N HIS A 46 -22.46 27.71 2.61
CA HIS A 46 -22.24 27.33 1.22
C HIS A 46 -23.52 27.41 0.39
N GLU A 47 -24.68 27.17 1.00
CA GLU A 47 -25.94 27.41 0.30
C GLU A 47 -26.11 28.89 -0.06
N SER A 48 -25.79 29.80 0.87
CA SER A 48 -25.88 31.22 0.57
CA SER A 48 -25.89 31.22 0.56
C SER A 48 -24.95 31.58 -0.58
N ILE A 49 -23.72 31.08 -0.55
CA ILE A 49 -22.77 31.37 -1.62
C ILE A 49 -23.31 30.86 -2.96
N ASP A 50 -23.89 29.66 -2.98
CA ASP A 50 -24.49 29.13 -4.21
C ASP A 50 -25.46 30.15 -4.81
N GLU A 51 -26.34 30.70 -3.95
CA GLU A 51 -27.35 31.63 -4.43
C GLU A 51 -26.70 32.92 -4.91
N MET A 52 -25.61 33.34 -4.25
CA MET A 52 -24.88 34.51 -4.73
C MET A 52 -24.36 34.29 -6.16
N LYS A 53 -23.83 33.09 -6.44
CA LYS A 53 -23.31 32.83 -7.79
C LYS A 53 -24.44 32.77 -8.81
N HIS A 54 -25.59 32.18 -8.46
CA HIS A 54 -26.76 32.22 -9.34
C HIS A 54 -27.21 33.67 -9.62
N ALA A 55 -27.31 34.49 -8.56
CA ALA A 55 -27.68 35.90 -8.76
C ALA A 55 -26.72 36.59 -9.71
N ASP A 56 -25.42 36.36 -9.54
CA ASP A 56 -24.42 36.93 -10.43
C ASP A 56 -24.70 36.57 -11.89
N LYS A 57 -24.94 35.29 -12.15
CA LYS A 57 -25.20 34.84 -13.53
C LYS A 57 -26.47 35.46 -14.08
N LEU A 58 -27.49 35.63 -13.23
CA LEU A 58 -28.71 36.29 -13.67
C LEU A 58 -28.50 37.76 -13.97
N ILE A 59 -27.75 38.46 -13.11
CA ILE A 59 -27.42 39.86 -13.34
C ILE A 59 -26.71 40.04 -14.67
N GLU A 60 -25.70 39.19 -14.94
CA GLU A 60 -24.95 39.25 -16.19
C GLU A 60 -25.83 38.99 -17.41
N ARG A 61 -26.72 38.01 -17.34
CA ARG A 61 -27.62 37.73 -18.46
C ARG A 61 -28.58 38.91 -18.72
N ILE A 62 -29.16 39.46 -17.65
CA ILE A 62 -30.07 40.60 -17.78
C ILE A 62 -29.38 41.79 -18.44
N LEU A 63 -28.17 42.10 -17.97
CA LEU A 63 -27.40 43.17 -18.60
C LEU A 63 -27.09 42.87 -20.06
N PHE A 64 -26.72 41.62 -20.38
CA PHE A 64 -26.45 41.31 -21.78
C PHE A 64 -27.69 41.51 -22.63
N LEU A 65 -28.86 41.17 -22.11
CA LEU A 65 -30.12 41.37 -22.80
C LEU A 65 -30.62 42.82 -22.76
N GLU A 66 -29.83 43.74 -22.19
CA GLU A 66 -30.11 45.17 -22.18
C GLU A 66 -31.29 45.51 -21.28
N GLY A 67 -31.52 44.69 -20.25
CA GLY A 67 -32.42 45.04 -19.18
C GLY A 67 -31.68 45.58 -17.97
N LEU A 68 -32.50 45.98 -16.98
CA LEU A 68 -31.98 46.52 -15.72
C LEU A 68 -32.18 45.49 -14.63
N PRO A 69 -31.10 44.94 -14.04
CA PRO A 69 -31.27 43.98 -12.94
C PRO A 69 -31.79 44.69 -11.70
N ASN A 70 -32.83 44.11 -11.09
CA ASN A 70 -33.48 44.68 -9.91
C ASN A 70 -32.79 44.12 -8.66
N LEU A 71 -31.86 44.89 -8.09
CA LEU A 71 -31.30 44.55 -6.78
C LEU A 71 -31.89 45.39 -5.67
N GLN A 72 -32.89 46.21 -5.98
CA GLN A 72 -33.47 47.13 -5.01
C GLN A 72 -34.59 46.51 -4.18
N ASP A 73 -35.46 45.73 -4.81
CA ASP A 73 -36.61 45.17 -4.12
C ASP A 73 -36.19 43.86 -3.48
N LEU A 74 -36.46 43.75 -2.21
CA LEU A 74 -36.19 42.53 -1.45
C LEU A 74 -37.51 42.07 -0.86
N GLY A 75 -37.96 40.88 -1.24
CA GLY A 75 -39.13 40.30 -0.66
C GLY A 75 -38.88 39.81 0.76
N LYS A 76 -39.90 39.11 1.30
CA LYS A 76 -39.91 38.77 2.70
C LYS A 76 -38.98 37.59 3.00
N LEU A 77 -38.08 37.79 3.94
CA LEU A 77 -37.23 36.72 4.47
C LEU A 77 -38.03 35.87 5.46
N LEU A 78 -37.89 34.56 5.34
CA LEU A 78 -38.52 33.59 6.23
C LEU A 78 -37.48 33.09 7.20
N ILE A 79 -37.41 33.69 8.38
CA ILE A 79 -36.40 33.36 9.37
C ILE A 79 -37.02 32.45 10.42
N GLY A 80 -36.43 31.29 10.64
CA GLY A 80 -36.95 30.43 11.69
C GLY A 80 -36.38 30.77 13.06
N GLU A 81 -37.01 30.21 14.09
CA GLU A 81 -36.59 30.42 15.48
C GLU A 81 -35.84 29.22 16.05
N ASN A 82 -35.85 28.09 15.36
CA ASN A 82 -35.10 26.92 15.77
C ASN A 82 -34.73 26.14 14.51
N THR A 83 -33.87 25.14 14.68
CA THR A 83 -33.29 24.42 13.54
C THR A 83 -34.36 23.88 12.59
N GLN A 84 -35.35 23.18 13.13
CA GLN A 84 -36.36 22.58 12.28
C GLN A 84 -37.13 23.63 11.49
N GLU A 85 -37.52 24.71 12.14
CA GLU A 85 -38.24 25.76 11.44
C GLU A 85 -37.35 26.45 10.42
N MET A 86 -36.07 26.64 10.73
CA MET A 86 -35.15 27.28 9.78
C MET A 86 -35.05 26.44 8.50
N LEU A 87 -34.87 25.14 8.65
CA LEU A 87 -34.84 24.25 7.48
C LEU A 87 -36.16 24.31 6.73
N GLN A 88 -37.28 24.34 7.45
CA GLN A 88 -38.56 24.35 6.75
C GLN A 88 -38.78 25.66 6.01
N CYS A 89 -38.34 26.79 6.62
CA CYS A 89 -38.40 28.09 5.95
C CYS A 89 -37.54 28.09 4.69
N ASP A 90 -36.36 27.50 4.75
CA ASP A 90 -35.55 27.34 3.55
C ASP A 90 -36.29 26.51 2.50
N LEU A 91 -36.90 25.40 2.91
CA LEU A 91 -37.61 24.55 1.94
C LEU A 91 -38.79 25.29 1.32
N ASN A 92 -39.58 26.00 2.12
CA ASN A 92 -40.71 26.73 1.56
C ASN A 92 -40.25 27.74 0.51
N LEU A 93 -39.14 28.43 0.79
CA LEU A 93 -38.58 29.36 -0.17
C LEU A 93 -38.13 28.66 -1.45
N GLU A 94 -37.41 27.55 -1.32
CA GLU A 94 -36.96 26.80 -2.51
C GLU A 94 -38.14 26.35 -3.37
N LEU A 95 -39.24 25.94 -2.73
CA LEU A 95 -40.37 25.44 -3.50
C LEU A 95 -41.06 26.56 -4.30
N LYS A 96 -41.14 27.76 -3.74
CA LYS A 96 -41.58 28.91 -4.52
C LYS A 96 -40.60 29.20 -5.65
N ALA A 97 -39.31 29.17 -5.35
CA ALA A 97 -38.29 29.42 -6.37
C ALA A 97 -38.41 28.45 -7.55
N THR A 98 -38.56 27.16 -7.30
CA THR A 98 -38.63 26.23 -8.44
C THR A 98 -39.91 26.41 -9.24
N LYS A 99 -41.03 26.66 -8.57
CA LYS A 99 -42.26 27.01 -9.30
C LYS A 99 -41.99 28.21 -10.22
N ASP A 100 -41.33 29.24 -9.72
CA ASP A 100 -41.06 30.41 -10.55
C ASP A 100 -40.08 30.08 -11.69
N LEU A 101 -39.10 29.22 -11.43
CA LEU A 101 -38.16 28.82 -12.47
C LEU A 101 -38.87 28.09 -13.61
N ARG A 102 -39.81 27.22 -13.29
CA ARG A 102 -40.55 26.47 -14.32
C ARG A 102 -41.34 27.40 -15.23
N GLU A 103 -42.05 28.37 -14.65
CA GLU A 103 -42.83 29.31 -15.47
C GLU A 103 -41.92 30.14 -16.36
N ALA A 104 -40.76 30.54 -15.84
CA ALA A 104 -39.82 31.30 -16.64
C ALA A 104 -39.28 30.48 -17.81
N ILE A 105 -39.01 29.20 -17.57
CA ILE A 105 -38.52 28.33 -18.64
C ILE A 105 -39.57 28.17 -19.73
N VAL A 106 -40.84 27.97 -19.33
CA VAL A 106 -41.91 27.90 -20.34
C VAL A 106 -41.87 29.13 -21.25
N HIS A 107 -41.73 30.31 -20.66
CA HIS A 107 -41.77 31.50 -21.49
C HIS A 107 -40.52 31.61 -22.36
N CYS A 108 -39.33 31.33 -21.80
CA CYS A 108 -38.11 31.32 -22.63
C CYS A 108 -38.26 30.43 -23.84
N GLU A 109 -38.85 29.24 -23.64
CA GLU A 109 -39.04 28.30 -24.74
C GLU A 109 -39.98 28.88 -25.79
N GLN A 110 -41.07 29.54 -25.35
CA GLN A 110 -42.03 30.10 -26.28
C GLN A 110 -41.41 31.16 -27.17
N VAL A 111 -40.53 32.01 -26.62
CA VAL A 111 -39.94 33.09 -27.41
C VAL A 111 -38.57 32.71 -27.99
N HIS A 112 -38.14 31.45 -27.82
CA HIS A 112 -36.93 30.90 -28.44
C HIS A 112 -35.65 31.46 -27.85
N ASP A 113 -35.68 31.85 -26.57
CA ASP A 113 -34.48 32.30 -25.87
C ASP A 113 -33.92 31.07 -25.18
N TYR A 114 -33.28 30.23 -26.00
CA TYR A 114 -32.81 28.94 -25.51
C TYR A 114 -31.62 29.10 -24.56
N VAL A 115 -30.85 30.16 -24.70
CA VAL A 115 -29.73 30.35 -23.79
C VAL A 115 -30.22 30.72 -22.40
N SER A 116 -31.19 31.63 -22.31
CA SER A 116 -31.76 31.92 -21.00
C SER A 116 -32.41 30.67 -20.40
N ARG A 117 -33.09 29.86 -21.23
CA ARG A 117 -33.66 28.61 -20.71
C ARG A 117 -32.57 27.72 -20.12
N ASP A 118 -31.43 27.60 -20.80
CA ASP A 118 -30.38 26.71 -20.32
C ASP A 118 -29.80 27.19 -19.00
N LEU A 119 -29.61 28.51 -18.86
CA LEU A 119 -29.19 29.06 -17.57
C LEU A 119 -30.19 28.76 -16.46
N LEU A 120 -31.50 28.98 -16.72
CA LEU A 120 -32.50 28.68 -15.71
C LEU A 120 -32.59 27.19 -15.39
N LYS A 121 -32.40 26.34 -16.39
CA LYS A 121 -32.38 24.90 -16.11
C LYS A 121 -31.24 24.54 -15.16
N ASP A 122 -30.04 25.11 -15.39
CA ASP A 122 -28.91 24.89 -14.49
C ASP A 122 -29.22 25.36 -13.08
N ILE A 123 -29.82 26.54 -12.94
CA ILE A 123 -30.20 27.02 -11.62
C ILE A 123 -31.24 26.10 -11.01
N LEU A 124 -32.22 25.67 -11.83
CA LEU A 124 -33.24 24.74 -11.34
C LEU A 124 -32.61 23.46 -10.82
N GLU A 125 -31.55 22.97 -11.49
CA GLU A 125 -30.87 21.77 -11.01
C GLU A 125 -30.23 22.00 -9.65
N SER A 126 -29.60 23.15 -9.45
CA SER A 126 -29.06 23.46 -8.13
CA SER A 126 -29.06 23.46 -8.13
C SER A 126 -30.17 23.59 -7.10
N GLU A 127 -31.28 24.26 -7.45
CA GLU A 127 -32.34 24.41 -6.45
C GLU A 127 -32.95 23.05 -6.10
N GLU A 128 -33.10 22.14 -7.08
CA GLU A 128 -33.63 20.81 -6.73
C GLU A 128 -32.65 20.04 -5.85
N GLU A 129 -31.34 20.25 -6.04
CA GLU A 129 -30.36 19.64 -5.13
C GLU A 129 -30.49 20.22 -3.72
N HIS A 130 -30.74 21.53 -3.60
CA HIS A 130 -30.96 22.10 -2.27
C HIS A 130 -32.21 21.53 -1.61
N ILE A 131 -33.29 21.35 -2.40
CA ILE A 131 -34.50 20.76 -1.88
C ILE A 131 -34.21 19.38 -1.34
N ASP A 132 -33.43 18.60 -2.09
CA ASP A 132 -33.04 17.26 -1.63
C ASP A 132 -32.32 17.35 -0.29
N TYR A 133 -31.34 18.24 -0.18
CA TYR A 133 -30.62 18.41 1.07
C TYR A 133 -31.58 18.70 2.21
N LEU A 134 -32.51 19.66 1.99
CA LEU A 134 -33.40 20.12 3.06
C LEU A 134 -34.39 19.04 3.47
N GLU A 135 -35.04 18.41 2.49
CA GLU A 135 -35.92 17.28 2.79
C GLU A 135 -35.19 16.22 3.58
N THR A 136 -33.96 15.92 3.17
CA THR A 136 -33.19 14.88 3.85
C THR A 136 -32.85 15.27 5.28
N GLN A 137 -32.46 16.53 5.52
CA GLN A 137 -32.20 16.94 6.90
C GLN A 137 -33.46 16.83 7.75
N LEU A 138 -34.62 17.20 7.19
CA LEU A 138 -35.85 17.13 7.95
C LEU A 138 -36.20 15.68 8.26
N GLY A 139 -35.90 14.79 7.31
CA GLY A 139 -36.09 13.37 7.53
C GLY A 139 -35.13 12.78 8.57
N LEU A 140 -33.88 13.25 8.58
CA LEU A 140 -32.92 12.73 9.56
C LEU A 140 -33.33 13.12 10.97
N ILE A 141 -33.85 14.35 11.12
CA ILE A 141 -34.29 14.79 12.46
C ILE A 141 -35.34 13.83 12.98
N GLN A 142 -36.23 13.37 12.10
CA GLN A 142 -37.25 12.41 12.53
C GLN A 142 -36.63 11.07 12.89
N LYS A 143 -35.64 10.64 12.11
CA LYS A 143 -35.05 9.32 12.25
C LYS A 143 -34.08 9.22 13.42
N VAL A 144 -33.18 10.19 13.61
CA VAL A 144 -32.18 10.08 14.66
C VAL A 144 -32.55 10.90 15.90
N GLY A 145 -33.58 11.73 15.82
CA GLY A 145 -33.95 12.64 16.90
C GLY A 145 -33.20 13.96 16.81
N LEU A 146 -33.87 15.01 17.26
CA LEU A 146 -33.31 16.36 17.14
C LEU A 146 -32.00 16.49 17.91
N GLU A 147 -31.93 15.92 19.11
CA GLU A 147 -30.72 16.09 19.92
C GLU A 147 -29.53 15.41 19.25
N ASN A 148 -29.72 14.19 18.72
CA ASN A 148 -28.61 13.55 17.99
C ASN A 148 -28.29 14.31 16.70
N TYR A 149 -29.32 14.77 15.99
CA TYR A 149 -29.07 15.53 14.77
C TYR A 149 -28.20 16.76 15.06
N LEU A 150 -28.56 17.53 16.07
CA LEU A 150 -27.79 18.73 16.39
C LEU A 150 -26.40 18.35 16.89
N GLN A 151 -26.31 17.29 17.70
CA GLN A 151 -25.02 16.80 18.15
C GLN A 151 -24.10 16.53 16.97
N SER A 152 -24.64 15.91 15.92
CA SER A 152 -23.83 15.56 14.76
C SER A 152 -23.44 16.77 13.93
N HIS A 153 -23.95 17.97 14.26
CA HIS A 153 -23.67 19.16 13.49
C HIS A 153 -22.93 20.22 14.31
N MET A 154 -22.38 19.83 15.47
CA MET A 154 -21.65 20.77 16.32
C MET A 154 -20.29 21.11 15.72
N HIS A 155 -19.52 20.09 15.33
CA HIS A 155 -18.11 20.24 15.02
C HIS A 155 -17.90 20.47 13.52
N MET B 1 -39.18 15.19 -2.98
CA MET B 1 -40.03 16.12 -3.78
C MET B 1 -41.01 15.31 -4.59
N LYS B 2 -42.31 15.53 -4.43
CA LYS B 2 -43.30 14.69 -5.11
C LYS B 2 -43.25 14.90 -6.62
N GLY B 3 -42.84 13.85 -7.37
CA GLY B 3 -42.81 13.94 -8.82
C GLY B 3 -44.13 13.57 -9.50
N ASP B 4 -44.20 13.90 -10.79
CA ASP B 4 -45.32 13.50 -11.64
C ASP B 4 -45.36 11.98 -11.76
N LYS B 5 -46.52 11.39 -11.47
CA LYS B 5 -46.63 9.92 -11.50
C LYS B 5 -46.24 9.35 -12.86
N LYS B 6 -46.68 9.99 -13.94
CA LYS B 6 -46.35 9.45 -15.25
C LYS B 6 -44.87 9.62 -15.58
N VAL B 7 -44.26 10.72 -15.13
CA VAL B 7 -42.81 10.85 -15.27
C VAL B 7 -42.10 9.66 -14.62
N ILE B 8 -42.47 9.35 -13.38
CA ILE B 8 -41.84 8.24 -12.66
C ILE B 8 -42.04 6.93 -13.42
N GLN B 9 -43.23 6.75 -14.01
CA GLN B 9 -43.48 5.57 -14.83
C GLN B 9 -42.56 5.54 -16.05
N HIS B 10 -42.39 6.68 -16.73
CA HIS B 10 -41.42 6.73 -17.83
C HIS B 10 -40.02 6.38 -17.33
N LEU B 11 -39.61 6.98 -16.21
CA LEU B 11 -38.26 6.76 -15.70
C LEU B 11 -38.04 5.29 -15.37
N ASN B 12 -39.06 4.64 -14.80
CA ASN B 12 -38.95 3.21 -14.54
C ASN B 12 -38.89 2.39 -15.84
N LYS B 13 -39.51 2.86 -16.91
CA LYS B 13 -39.42 2.15 -18.18
C LYS B 13 -38.02 2.28 -18.77
N ILE B 14 -37.47 3.48 -18.72
CA ILE B 14 -36.08 3.68 -19.15
C ILE B 14 -35.15 2.82 -18.30
N LEU B 15 -35.36 2.83 -16.98
CA LEU B 15 -34.57 1.98 -16.09
C LEU B 15 -34.65 0.51 -16.51
N GLY B 16 -35.88 0.03 -16.77
CA GLY B 16 -36.04 -1.33 -17.28
C GLY B 16 -35.18 -1.61 -18.51
N ASN B 17 -35.14 -0.65 -19.45
CA ASN B 17 -34.31 -0.82 -20.64
C ASN B 17 -32.83 -0.90 -20.30
N GLU B 18 -32.39 -0.06 -19.35
CA GLU B 18 -30.99 -0.08 -18.95
C GLU B 18 -30.64 -1.41 -18.27
N LEU B 19 -31.54 -1.93 -17.45
CA LEU B 19 -31.27 -3.20 -16.76
C LEU B 19 -31.10 -4.36 -17.75
N ILE B 20 -31.93 -4.43 -18.78
CA ILE B 20 -31.70 -5.41 -19.85
C ILE B 20 -30.31 -5.20 -20.45
N ALA B 21 -30.00 -3.96 -20.80
CA ALA B 21 -28.76 -3.66 -21.50
C ALA B 21 -27.54 -4.01 -20.64
N ILE B 22 -27.60 -3.73 -19.33
CA ILE B 22 -26.49 -4.12 -18.46
C ILE B 22 -26.17 -5.60 -18.66
N ASN B 23 -27.20 -6.45 -18.60
CA ASN B 23 -26.97 -7.89 -18.62
C ASN B 23 -26.60 -8.39 -19.98
N GLN B 24 -27.30 -7.90 -21.01
CA GLN B 24 -26.98 -8.26 -22.39
C GLN B 24 -25.55 -7.89 -22.75
N TYR B 25 -25.13 -6.66 -22.43
CA TYR B 25 -23.77 -6.26 -22.78
C TYR B 25 -22.75 -7.01 -21.94
N PHE B 26 -23.07 -7.28 -20.67
CA PHE B 26 -22.09 -7.95 -19.86
C PHE B 26 -21.88 -9.38 -20.35
N LEU B 27 -22.97 -10.06 -20.72
CA LEU B 27 -22.85 -11.42 -21.23
C LEU B 27 -22.10 -11.44 -22.57
N HIS B 28 -22.45 -10.52 -23.47
CA HIS B 28 -21.73 -10.43 -24.73
C HIS B 28 -20.24 -10.18 -24.50
N SER B 29 -19.91 -9.29 -23.56
CA SER B 29 -18.52 -9.03 -23.23
C SER B 29 -17.80 -10.31 -22.83
N ARG B 30 -18.40 -11.10 -21.93
CA ARG B 30 -17.71 -12.28 -21.42
C ARG B 30 -17.68 -13.41 -22.46
N MET B 31 -18.68 -13.48 -23.33
CA MET B 31 -18.61 -14.40 -24.45
C MET B 31 -17.44 -14.05 -25.36
N TRP B 32 -17.30 -12.77 -25.72
CA TRP B 32 -16.20 -12.36 -26.57
C TRP B 32 -14.85 -12.64 -25.93
N ASN B 33 -14.72 -12.39 -24.62
CA ASN B 33 -13.46 -12.71 -23.95
C ASN B 33 -13.17 -14.21 -23.99
N ASP B 34 -14.19 -15.03 -23.72
CA ASP B 34 -14.02 -16.49 -23.75
C ASP B 34 -13.57 -16.95 -25.14
N TRP B 35 -14.03 -16.29 -26.20
CA TRP B 35 -13.62 -16.63 -27.56
C TRP B 35 -12.27 -16.07 -27.97
N GLY B 36 -11.56 -15.37 -27.08
CA GLY B 36 -10.31 -14.75 -27.45
C GLY B 36 -10.42 -13.42 -28.16
N LEU B 37 -11.61 -12.82 -28.22
CA LEU B 37 -11.83 -11.56 -28.91
C LEU B 37 -11.88 -10.42 -27.89
N LYS B 38 -10.73 -10.18 -27.28
CA LYS B 38 -10.68 -9.43 -26.03
C LYS B 38 -10.89 -7.94 -26.23
N ARG B 39 -10.59 -7.40 -27.42
CA ARG B 39 -10.86 -6.00 -27.68
C ARG B 39 -12.35 -5.75 -27.75
N LEU B 40 -13.07 -6.63 -28.46
CA LEU B 40 -14.53 -6.62 -28.39
C LEU B 40 -15.02 -6.79 -26.96
N GLY B 41 -14.45 -7.76 -26.23
CA GLY B 41 -14.87 -7.98 -24.86
C GLY B 41 -14.68 -6.73 -24.00
N ALA B 42 -13.55 -6.06 -24.15
CA ALA B 42 -13.28 -4.89 -23.31
C ALA B 42 -14.22 -3.75 -23.64
N HIS B 43 -14.42 -3.50 -24.92
CA HIS B 43 -15.31 -2.42 -25.30
C HIS B 43 -16.73 -2.70 -24.85
N GLU B 44 -17.20 -3.93 -25.01
CA GLU B 44 -18.56 -4.26 -24.59
C GLU B 44 -18.71 -4.18 -23.07
N TYR B 45 -17.67 -4.55 -22.34
CA TYR B 45 -17.67 -4.38 -20.89
C TYR B 45 -17.89 -2.91 -20.52
N HIS B 46 -17.17 -2.00 -21.19
CA HIS B 46 -17.33 -0.58 -20.88
C HIS B 46 -18.73 -0.09 -21.25
N GLU B 47 -19.34 -0.65 -22.29
CA GLU B 47 -20.73 -0.32 -22.57
C GLU B 47 -21.64 -0.77 -21.41
N SER B 48 -21.43 -1.98 -20.88
CA SER B 48 -22.23 -2.43 -19.75
CA SER B 48 -22.25 -2.41 -19.75
C SER B 48 -22.05 -1.51 -18.56
N ILE B 49 -20.80 -1.09 -18.29
CA ILE B 49 -20.52 -0.18 -17.19
C ILE B 49 -21.26 1.15 -17.37
N ASP B 50 -21.24 1.69 -18.59
CA ASP B 50 -22.01 2.90 -18.90
C ASP B 50 -23.49 2.74 -18.57
N GLU B 51 -24.10 1.63 -18.97
CA GLU B 51 -25.51 1.45 -18.65
C GLU B 51 -25.72 1.35 -17.15
N MET B 52 -24.77 0.73 -16.44
CA MET B 52 -24.88 0.65 -14.98
C MET B 52 -24.93 2.04 -14.39
N LYS B 53 -24.09 2.94 -14.90
CA LYS B 53 -24.08 4.31 -14.38
C LYS B 53 -25.39 5.04 -14.70
N HIS B 54 -25.93 4.84 -15.91
CA HIS B 54 -27.24 5.42 -16.23
C HIS B 54 -28.33 4.90 -15.28
N ALA B 55 -28.34 3.59 -15.05
CA ALA B 55 -29.33 3.01 -14.15
C ALA B 55 -29.23 3.64 -12.77
N ASP B 56 -28.00 3.81 -12.28
CA ASP B 56 -27.78 4.46 -11.00
C ASP B 56 -28.43 5.86 -10.95
N LYS B 57 -28.17 6.68 -11.96
CA LYS B 57 -28.76 8.03 -11.97
C LYS B 57 -30.29 7.96 -12.02
N LEU B 58 -30.85 6.99 -12.73
CA LEU B 58 -32.30 6.88 -12.80
C LEU B 58 -32.88 6.46 -11.45
N ILE B 59 -32.26 5.48 -10.79
CA ILE B 59 -32.72 5.06 -9.46
C ILE B 59 -32.71 6.25 -8.52
N GLU B 60 -31.60 7.01 -8.52
CA GLU B 60 -31.46 8.15 -7.63
C GLU B 60 -32.51 9.21 -7.93
N ARG B 61 -32.79 9.45 -9.21
CA ARG B 61 -33.81 10.43 -9.55
C ARG B 61 -35.19 9.97 -9.11
N ILE B 62 -35.51 8.70 -9.37
CA ILE B 62 -36.83 8.18 -8.99
C ILE B 62 -37.05 8.30 -7.48
N LEU B 63 -36.02 7.96 -6.69
CA LEU B 63 -36.14 8.05 -5.23
C LEU B 63 -36.31 9.50 -4.79
N PHE B 64 -35.51 10.42 -5.33
CA PHE B 64 -35.72 11.83 -5.03
C PHE B 64 -37.18 12.25 -5.28
N LEU B 65 -37.76 11.77 -6.37
CA LEU B 65 -39.13 12.10 -6.74
C LEU B 65 -40.17 11.27 -5.99
N GLU B 66 -39.74 10.54 -4.96
CA GLU B 66 -40.61 9.78 -4.07
C GLU B 66 -41.35 8.67 -4.81
N GLY B 67 -40.73 8.14 -5.88
CA GLY B 67 -41.18 6.94 -6.52
C GLY B 67 -40.43 5.69 -6.06
N LEU B 68 -40.88 4.53 -6.54
CA LEU B 68 -40.25 3.25 -6.24
C LEU B 68 -39.49 2.76 -7.49
N PRO B 69 -38.17 2.71 -7.45
CA PRO B 69 -37.44 2.20 -8.62
C PRO B 69 -37.69 0.70 -8.79
N ASN B 70 -37.97 0.29 -10.01
CA ASN B 70 -38.30 -1.11 -10.30
C ASN B 70 -37.04 -1.82 -10.77
N LEU B 71 -36.38 -2.55 -9.87
CA LEU B 71 -35.27 -3.43 -10.24
C LEU B 71 -35.67 -4.89 -10.29
N GLN B 72 -36.96 -5.19 -10.13
CA GLN B 72 -37.45 -6.57 -10.08
C GLN B 72 -37.78 -7.12 -11.47
N ASP B 73 -38.38 -6.31 -12.32
CA ASP B 73 -38.83 -6.78 -13.61
C ASP B 73 -37.68 -6.64 -14.61
N LEU B 74 -37.30 -7.75 -15.21
CA LEU B 74 -36.24 -7.78 -16.21
C LEU B 74 -36.82 -8.29 -17.51
N GLY B 75 -36.81 -7.45 -18.54
CA GLY B 75 -37.31 -7.85 -19.85
C GLY B 75 -36.35 -8.81 -20.57
N LYS B 76 -36.67 -9.04 -21.84
CA LYS B 76 -36.03 -10.09 -22.63
C LYS B 76 -34.63 -9.63 -23.06
N LEU B 77 -33.62 -10.42 -22.70
CA LEU B 77 -32.28 -10.23 -23.24
C LEU B 77 -32.22 -10.69 -24.69
N LEU B 78 -31.52 -9.94 -25.53
CA LEU B 78 -31.29 -10.32 -26.93
C LEU B 78 -29.84 -10.75 -27.05
N ILE B 79 -29.60 -12.06 -27.03
CA ILE B 79 -28.25 -12.62 -27.03
C ILE B 79 -27.96 -13.20 -28.41
N GLY B 80 -26.87 -12.75 -29.03
CA GLY B 80 -26.47 -13.34 -30.30
C GLY B 80 -25.70 -14.64 -30.14
N GLU B 81 -25.58 -15.41 -31.24
CA GLU B 81 -24.75 -16.60 -31.22
C GLU B 81 -23.43 -16.45 -31.98
N ASN B 82 -23.26 -15.35 -32.72
CA ASN B 82 -21.99 -15.00 -33.33
C ASN B 82 -21.81 -13.48 -33.29
N THR B 83 -20.60 -13.02 -33.58
CA THR B 83 -20.25 -11.60 -33.41
C THR B 83 -21.23 -10.70 -34.13
N GLN B 84 -21.56 -11.04 -35.38
CA GLN B 84 -22.47 -10.22 -36.16
C GLN B 84 -23.83 -10.11 -35.51
N GLU B 85 -24.38 -11.24 -35.05
CA GLU B 85 -25.70 -11.22 -34.44
C GLU B 85 -25.69 -10.48 -33.12
N MET B 86 -24.61 -10.61 -32.35
CA MET B 86 -24.53 -9.97 -31.05
C MET B 86 -24.56 -8.45 -31.20
N LEU B 87 -23.80 -7.94 -32.17
CA LEU B 87 -23.81 -6.50 -32.45
C LEU B 87 -25.17 -6.04 -32.94
N GLN B 88 -25.81 -6.81 -33.82
CA GLN B 88 -27.15 -6.44 -34.28
C GLN B 88 -28.15 -6.49 -33.12
N CYS B 89 -28.00 -7.45 -32.20
CA CYS B 89 -28.90 -7.51 -31.07
C CYS B 89 -28.69 -6.31 -30.14
N ASP B 90 -27.44 -5.88 -29.95
CA ASP B 90 -27.20 -4.64 -29.21
C ASP B 90 -27.87 -3.45 -29.90
N LEU B 91 -27.73 -3.37 -31.23
CA LEU B 91 -28.29 -2.25 -31.97
C LEU B 91 -29.81 -2.23 -31.89
N ASN B 92 -30.45 -3.41 -32.01
CA ASN B 92 -31.91 -3.45 -31.92
C ASN B 92 -32.39 -3.00 -30.57
N LEU B 93 -31.69 -3.39 -29.50
CA LEU B 93 -32.05 -2.94 -28.16
C LEU B 93 -31.89 -1.42 -28.02
N GLU B 94 -30.79 -0.87 -28.56
CA GLU B 94 -30.54 0.55 -28.45
C GLU B 94 -31.59 1.37 -29.19
N LEU B 95 -32.04 0.88 -30.35
CA LEU B 95 -33.05 1.60 -31.10
C LEU B 95 -34.38 1.64 -30.37
N LYS B 96 -34.74 0.55 -29.68
CA LYS B 96 -35.89 0.61 -28.78
C LYS B 96 -35.62 1.57 -27.63
N ALA B 97 -34.42 1.55 -27.07
CA ALA B 97 -34.11 2.41 -25.94
C ALA B 97 -34.21 3.89 -26.31
N THR B 98 -33.76 4.28 -27.50
CA THR B 98 -33.83 5.69 -27.86
C THR B 98 -35.27 6.11 -28.18
N LYS B 99 -36.09 5.19 -28.70
CA LYS B 99 -37.50 5.51 -28.89
C LYS B 99 -38.19 5.79 -27.56
N ASP B 100 -37.94 4.96 -26.56
CA ASP B 100 -38.57 5.20 -25.27
C ASP B 100 -38.04 6.45 -24.59
N LEU B 101 -36.77 6.78 -24.80
CA LEU B 101 -36.22 8.01 -24.23
C LEU B 101 -36.92 9.24 -24.81
N ARG B 102 -37.10 9.25 -26.13
CA ARG B 102 -37.75 10.38 -26.77
C ARG B 102 -39.16 10.57 -26.24
N GLU B 103 -39.92 9.47 -26.09
CA GLU B 103 -41.27 9.62 -25.58
C GLU B 103 -41.28 10.08 -24.13
N ALA B 104 -40.31 9.64 -23.32
CA ALA B 104 -40.22 10.12 -21.95
C ALA B 104 -39.89 11.61 -21.89
N ILE B 105 -38.98 12.08 -22.76
CA ILE B 105 -38.63 13.49 -22.80
C ILE B 105 -39.83 14.36 -23.18
N VAL B 106 -40.59 13.93 -24.20
CA VAL B 106 -41.82 14.64 -24.54
C VAL B 106 -42.65 14.87 -23.30
N HIS B 107 -42.83 13.81 -22.49
CA HIS B 107 -43.72 13.96 -21.35
C HIS B 107 -43.10 14.83 -20.24
N CYS B 108 -41.82 14.65 -19.93
CA CYS B 108 -41.15 15.56 -18.99
C CYS B 108 -41.36 17.02 -19.38
N GLU B 109 -41.24 17.33 -20.68
CA GLU B 109 -41.42 18.69 -21.15
C GLU B 109 -42.84 19.15 -20.88
N GLN B 110 -43.82 18.30 -21.16
CA GLN B 110 -45.21 18.73 -21.05
C GLN B 110 -45.58 19.07 -19.61
N VAL B 111 -45.01 18.35 -18.63
CA VAL B 111 -45.30 18.63 -17.22
C VAL B 111 -44.20 19.47 -16.54
N HIS B 112 -43.27 20.05 -17.31
CA HIS B 112 -42.28 21.00 -16.82
C HIS B 112 -41.26 20.37 -15.86
N ASP B 113 -41.00 19.06 -16.00
CA ASP B 113 -39.95 18.42 -15.22
C ASP B 113 -38.67 18.52 -16.02
N TYR B 114 -38.08 19.72 -15.98
CA TYR B 114 -36.97 20.03 -16.87
C TYR B 114 -35.67 19.34 -16.43
N VAL B 115 -35.54 19.02 -15.13
CA VAL B 115 -34.37 18.32 -14.67
C VAL B 115 -34.41 16.85 -15.11
N SER B 116 -35.57 16.20 -15.01
CA SER B 116 -35.65 14.83 -15.51
C SER B 116 -35.41 14.79 -17.01
N ARG B 117 -35.91 15.79 -17.74
CA ARG B 117 -35.63 15.86 -19.17
C ARG B 117 -34.13 15.93 -19.42
N ASP B 118 -33.42 16.78 -18.64
CA ASP B 118 -32.00 16.96 -18.85
C ASP B 118 -31.23 15.67 -18.59
N LEU B 119 -31.61 14.93 -17.55
CA LEU B 119 -31.01 13.63 -17.30
C LEU B 119 -31.23 12.69 -18.47
N LEU B 120 -32.47 12.62 -18.97
CA LEU B 120 -32.78 11.74 -20.08
C LEU B 120 -32.09 12.17 -21.36
N LYS B 121 -31.91 13.47 -21.56
CA LYS B 121 -31.18 13.92 -22.74
C LYS B 121 -29.74 13.42 -22.67
N ASP B 122 -29.11 13.53 -21.50
CA ASP B 122 -27.74 13.04 -21.35
C ASP B 122 -27.66 11.54 -21.64
N ILE B 123 -28.61 10.77 -21.10
CA ILE B 123 -28.62 9.34 -21.41
C ILE B 123 -28.81 9.10 -22.90
N LEU B 124 -29.71 9.86 -23.53
CA LEU B 124 -29.93 9.70 -24.97
C LEU B 124 -28.66 9.96 -25.77
N GLU B 125 -27.89 10.98 -25.37
CA GLU B 125 -26.62 11.27 -26.04
C GLU B 125 -25.67 10.08 -25.94
N SER B 126 -25.60 9.45 -24.77
CA SER B 126 -24.80 8.24 -24.62
CA SER B 126 -24.79 8.23 -24.62
C SER B 126 -25.32 7.12 -25.50
N GLU B 127 -26.64 6.92 -25.53
CA GLU B 127 -27.16 5.81 -26.33
C GLU B 127 -26.95 6.05 -27.83
N GLU B 128 -27.01 7.31 -28.28
CA GLU B 128 -26.72 7.59 -29.69
C GLU B 128 -25.24 7.33 -29.99
N GLU B 129 -24.36 7.64 -29.03
CA GLU B 129 -22.96 7.29 -29.23
C GLU B 129 -22.79 5.79 -29.34
N HIS B 130 -23.54 5.01 -28.55
CA HIS B 130 -23.46 3.56 -28.68
C HIS B 130 -24.00 3.09 -30.04
N ILE B 131 -25.08 3.71 -30.51
CA ILE B 131 -25.61 3.34 -31.82
C ILE B 131 -24.57 3.61 -32.91
N ASP B 132 -23.92 4.78 -32.85
CA ASP B 132 -22.82 5.07 -33.77
C ASP B 132 -21.75 3.97 -33.76
N TYR B 133 -21.25 3.63 -32.58
CA TYR B 133 -20.28 2.53 -32.47
C TYR B 133 -20.80 1.27 -33.16
N LEU B 134 -22.03 0.85 -32.85
CA LEU B 134 -22.51 -0.43 -33.35
C LEU B 134 -22.70 -0.43 -34.87
N GLU B 135 -23.32 0.62 -35.41
CA GLU B 135 -23.49 0.74 -36.85
C GLU B 135 -22.12 0.73 -37.53
N THR B 136 -21.14 1.39 -36.91
CA THR B 136 -19.80 1.44 -37.47
C THR B 136 -19.13 0.08 -37.46
N GLN B 137 -19.30 -0.71 -36.39
CA GLN B 137 -18.72 -2.04 -36.39
C GLN B 137 -19.34 -2.90 -37.48
N LEU B 138 -20.67 -2.84 -37.61
CA LEU B 138 -21.34 -3.64 -38.63
C LEU B 138 -20.90 -3.23 -40.02
N GLY B 139 -20.66 -1.94 -40.24
CA GLY B 139 -20.13 -1.52 -41.53
C GLY B 139 -18.71 -1.98 -41.77
N LEU B 140 -17.87 -1.96 -40.72
CA LEU B 140 -16.50 -2.43 -40.86
C LEU B 140 -16.45 -3.90 -41.27
N ILE B 141 -17.33 -4.73 -40.68
CA ILE B 141 -17.38 -6.14 -41.08
C ILE B 141 -17.58 -6.25 -42.59
N GLN B 142 -18.46 -5.43 -43.16
CA GLN B 142 -18.66 -5.45 -44.61
C GLN B 142 -17.43 -4.96 -45.36
N LYS B 143 -16.74 -3.92 -44.87
CA LYS B 143 -15.63 -3.34 -45.63
C LYS B 143 -14.35 -4.18 -45.55
N VAL B 144 -14.04 -4.76 -44.38
CA VAL B 144 -12.78 -5.49 -44.22
C VAL B 144 -12.97 -7.01 -44.22
N GLY B 145 -14.19 -7.49 -44.18
CA GLY B 145 -14.46 -8.92 -44.10
C GLY B 145 -14.44 -9.41 -42.66
N LEU B 146 -15.29 -10.40 -42.39
CA LEU B 146 -15.44 -10.86 -41.01
C LEU B 146 -14.12 -11.39 -40.42
N GLU B 147 -13.34 -12.12 -41.22
CA GLU B 147 -12.12 -12.71 -40.66
C GLU B 147 -11.13 -11.62 -40.22
N ASN B 148 -10.92 -10.59 -41.04
CA ASN B 148 -10.07 -9.48 -40.63
C ASN B 148 -10.68 -8.74 -39.43
N TYR B 149 -11.99 -8.47 -39.48
CA TYR B 149 -12.61 -7.73 -38.38
C TYR B 149 -12.35 -8.43 -37.06
N LEU B 150 -12.59 -9.74 -37.01
CA LEU B 150 -12.37 -10.50 -35.79
C LEU B 150 -10.89 -10.51 -35.44
N GLN B 151 -10.02 -10.70 -36.43
CA GLN B 151 -8.59 -10.63 -36.16
C GLN B 151 -8.23 -9.32 -35.46
N SER B 152 -8.79 -8.21 -35.92
CA SER B 152 -8.46 -6.90 -35.36
C SER B 152 -8.95 -6.75 -33.93
N HIS B 153 -9.74 -7.69 -33.44
CA HIS B 153 -10.32 -7.56 -32.11
C HIS B 153 -9.86 -8.68 -31.17
N MET B 154 -8.81 -9.40 -31.55
CA MET B 154 -8.25 -10.43 -30.69
C MET B 154 -7.51 -9.84 -29.50
N HIS B 155 -6.61 -8.90 -29.77
CA HIS B 155 -5.70 -8.36 -28.74
C HIS B 155 -6.20 -7.08 -28.09
N MET C 1 9.29 -35.29 7.32
CA MET C 1 8.02 -35.81 7.92
C MET C 1 7.55 -36.99 7.04
N LYS C 2 7.30 -38.14 7.62
CA LYS C 2 7.05 -39.34 6.81
C LYS C 2 5.71 -39.21 6.10
N GLY C 3 5.75 -39.08 4.78
CA GLY C 3 4.53 -38.99 4.01
C GLY C 3 3.96 -40.36 3.63
N ASP C 4 2.72 -40.34 3.17
CA ASP C 4 2.05 -41.54 2.66
C ASP C 4 2.70 -42.01 1.36
N LYS C 5 3.00 -43.31 1.28
CA LYS C 5 3.72 -43.84 0.12
C LYS C 5 2.95 -43.62 -1.18
N LYS C 6 1.63 -43.82 -1.18
CA LYS C 6 0.87 -43.63 -2.41
C LYS C 6 0.75 -42.15 -2.78
N VAL C 7 0.68 -41.24 -1.79
CA VAL C 7 0.74 -39.80 -2.11
C VAL C 7 2.03 -39.49 -2.85
N ILE C 8 3.16 -39.96 -2.32
CA ILE C 8 4.44 -39.76 -2.99
C ILE C 8 4.42 -40.31 -4.41
N GLN C 9 3.81 -41.48 -4.61
CA GLN C 9 3.70 -42.02 -5.97
C GLN C 9 2.86 -41.12 -6.87
N HIS C 10 1.73 -40.62 -6.36
CA HIS C 10 0.93 -39.66 -7.13
C HIS C 10 1.75 -38.40 -7.43
N LEU C 11 2.47 -37.87 -6.44
CA LEU C 11 3.24 -36.65 -6.69
C LEU C 11 4.30 -36.90 -7.76
N ASN C 12 4.93 -38.09 -7.75
CA ASN C 12 5.91 -38.39 -8.78
C ASN C 12 5.27 -38.55 -10.15
N LYS C 13 4.02 -39.01 -10.20
CA LYS C 13 3.33 -39.09 -11.48
C LYS C 13 3.02 -37.69 -12.02
N ILE C 14 2.51 -36.81 -11.17
CA ILE C 14 2.30 -35.41 -11.56
C ILE C 14 3.63 -34.78 -12.01
N LEU C 15 4.68 -34.97 -11.22
CA LEU C 15 5.99 -34.46 -11.61
C LEU C 15 6.39 -34.99 -12.98
N GLY C 16 6.20 -36.28 -13.19
CA GLY C 16 6.48 -36.85 -14.51
C GLY C 16 5.72 -36.16 -15.63
N ASN C 17 4.47 -35.82 -15.39
CA ASN C 17 3.71 -35.06 -16.38
C ASN C 17 4.31 -33.69 -16.62
N GLU C 18 4.71 -33.01 -15.55
CA GLU C 18 5.28 -31.67 -15.70
C GLU C 18 6.61 -31.74 -16.46
N LEU C 19 7.40 -32.79 -16.23
CA LEU C 19 8.68 -32.91 -16.90
C LEU C 19 8.50 -33.09 -18.41
N ILE C 20 7.48 -33.87 -18.82
CA ILE C 20 7.13 -33.93 -20.23
C ILE C 20 6.76 -32.54 -20.73
N ALA C 21 5.87 -31.87 -19.99
CA ALA C 21 5.34 -30.59 -20.46
C ALA C 21 6.44 -29.56 -20.60
N ILE C 22 7.39 -29.53 -19.65
CA ILE C 22 8.51 -28.59 -19.74
C ILE C 22 9.19 -28.71 -21.10
N ASN C 23 9.57 -29.95 -21.45
CA ASN C 23 10.36 -30.15 -22.65
C ASN C 23 9.52 -29.94 -23.91
N GLN C 24 8.26 -30.37 -23.89
CA GLN C 24 7.41 -30.20 -25.06
C GLN C 24 7.11 -28.72 -25.31
N TYR C 25 6.77 -27.98 -24.25
CA TYR C 25 6.51 -26.54 -24.41
C TYR C 25 7.77 -25.80 -24.80
N PHE C 26 8.92 -26.18 -24.22
CA PHE C 26 10.15 -25.48 -24.58
C PHE C 26 10.50 -25.70 -26.04
N LEU C 27 10.38 -26.94 -26.54
CA LEU C 27 10.68 -27.19 -27.94
C LEU C 27 9.68 -26.48 -28.85
N HIS C 28 8.37 -26.60 -28.55
CA HIS C 28 7.39 -25.85 -29.33
C HIS C 28 7.70 -24.36 -29.35
N SER C 29 8.12 -23.82 -28.20
CA SER C 29 8.45 -22.40 -28.16
C SER C 29 9.58 -22.07 -29.12
N ARG C 30 10.65 -22.86 -29.12
CA ARG C 30 11.82 -22.53 -29.93
C ARG C 30 11.55 -22.81 -31.41
N MET C 31 10.65 -23.74 -31.69
CA MET C 31 10.21 -23.95 -33.08
C MET C 31 9.46 -22.73 -33.59
N TRP C 32 8.48 -22.24 -32.81
CA TRP C 32 7.73 -21.05 -33.21
C TRP C 32 8.66 -19.84 -33.37
N ASN C 33 9.59 -19.66 -32.44
CA ASN C 33 10.57 -18.58 -32.61
C ASN C 33 11.35 -18.76 -33.90
N ASP C 34 11.82 -19.99 -34.17
CA ASP C 34 12.60 -20.23 -35.38
C ASP C 34 11.82 -19.88 -36.62
N TRP C 35 10.50 -20.10 -36.60
CA TRP C 35 9.63 -19.81 -37.72
C TRP C 35 9.19 -18.36 -37.80
N GLY C 36 9.62 -17.50 -36.88
CA GLY C 36 9.24 -16.11 -36.88
C GLY C 36 7.90 -15.82 -36.24
N LEU C 37 7.28 -16.83 -35.61
CA LEU C 37 6.02 -16.65 -34.90
C LEU C 37 6.31 -16.35 -33.43
N LYS C 38 6.88 -15.17 -33.19
CA LYS C 38 7.52 -14.90 -31.91
C LYS C 38 6.53 -14.70 -30.76
N ARG C 39 5.30 -14.27 -31.05
CA ARG C 39 4.32 -14.13 -29.97
C ARG C 39 3.87 -15.50 -29.46
N LEU C 40 3.71 -16.46 -30.36
CA LEU C 40 3.49 -17.84 -29.93
C LEU C 40 4.72 -18.37 -29.20
N GLY C 41 5.91 -18.08 -29.72
CA GLY C 41 7.11 -18.56 -29.06
C GLY C 41 7.22 -18.04 -27.63
N ALA C 42 6.95 -16.74 -27.46
CA ALA C 42 7.05 -16.14 -26.14
C ALA C 42 6.00 -16.72 -25.20
N HIS C 43 4.76 -16.86 -25.66
CA HIS C 43 3.73 -17.39 -24.77
C HIS C 43 4.05 -18.82 -24.36
N GLU C 44 4.54 -19.64 -25.32
CA GLU C 44 4.83 -21.04 -25.01
C GLU C 44 6.04 -21.14 -24.09
N TYR C 45 7.01 -20.23 -24.26
CA TYR C 45 8.11 -20.15 -23.30
C TYR C 45 7.59 -19.94 -21.89
N HIS C 46 6.66 -19.00 -21.70
CA HIS C 46 6.15 -18.78 -20.34
C HIS C 46 5.37 -19.98 -19.83
N GLU C 47 4.69 -20.71 -20.71
CA GLU C 47 4.06 -21.97 -20.29
C GLU C 47 5.10 -22.97 -19.78
N SER C 48 6.23 -23.09 -20.47
CA SER C 48 7.27 -24.01 -20.03
CA SER C 48 7.27 -24.01 -20.03
C SER C 48 7.82 -23.59 -18.67
N ILE C 49 8.05 -22.28 -18.48
CA ILE C 49 8.53 -21.79 -17.19
C ILE C 49 7.54 -22.11 -16.08
N ASP C 50 6.24 -21.94 -16.34
CA ASP C 50 5.23 -22.26 -15.34
C ASP C 50 5.32 -23.73 -14.92
N GLU C 51 5.59 -24.63 -15.88
CA GLU C 51 5.70 -26.05 -15.54
C GLU C 51 6.97 -26.32 -14.76
N MET C 52 8.05 -25.61 -15.10
CA MET C 52 9.27 -25.69 -14.31
C MET C 52 9.00 -25.32 -12.86
N LYS C 53 8.23 -24.24 -12.64
CA LYS C 53 7.94 -23.83 -11.27
C LYS C 53 7.10 -24.86 -10.53
N HIS C 54 6.08 -25.41 -11.19
CA HIS C 54 5.31 -26.52 -10.62
C HIS C 54 6.18 -27.73 -10.28
N ALA C 55 7.09 -28.12 -11.19
CA ALA C 55 7.97 -29.25 -10.92
C ALA C 55 8.81 -28.98 -9.69
N ASP C 56 9.33 -27.75 -9.55
CA ASP C 56 10.10 -27.37 -8.37
C ASP C 56 9.31 -27.62 -7.09
N LYS C 57 8.08 -27.14 -7.05
CA LYS C 57 7.27 -27.32 -5.85
C LYS C 57 6.98 -28.80 -5.58
N LEU C 58 6.67 -29.56 -6.61
CA LEU C 58 6.45 -30.98 -6.43
C LEU C 58 7.69 -31.66 -5.85
N ILE C 59 8.86 -31.36 -6.41
CA ILE C 59 10.11 -31.93 -5.93
C ILE C 59 10.34 -31.59 -4.46
N GLU C 60 10.12 -30.33 -4.10
CA GLU C 60 10.33 -29.89 -2.71
C GLU C 60 9.38 -30.60 -1.77
N ARG C 61 8.12 -30.77 -2.18
CA ARG C 61 7.14 -31.45 -1.35
C ARG C 61 7.50 -32.92 -1.19
N ILE C 62 7.91 -33.59 -2.27
CA ILE C 62 8.27 -35.00 -2.20
C ILE C 62 9.40 -35.22 -1.21
N LEU C 63 10.43 -34.39 -1.29
CA LEU C 63 11.55 -34.53 -0.37
C LEU C 63 11.14 -34.27 1.07
N PHE C 64 10.31 -33.25 1.30
CA PHE C 64 9.84 -33.00 2.65
C PHE C 64 9.12 -34.22 3.21
N LEU C 65 8.35 -34.90 2.38
CA LEU C 65 7.63 -36.11 2.79
C LEU C 65 8.53 -37.37 2.80
N GLU C 66 9.86 -37.19 2.66
CA GLU C 66 10.83 -38.26 2.77
C GLU C 66 10.72 -39.27 1.62
N GLY C 67 10.34 -38.80 0.44
CA GLY C 67 10.34 -39.61 -0.76
C GLY C 67 11.46 -39.20 -1.70
N LEU C 68 11.59 -39.96 -2.77
CA LEU C 68 12.61 -39.72 -3.78
C LEU C 68 11.96 -39.16 -5.03
N PRO C 69 12.20 -37.91 -5.39
CA PRO C 69 11.57 -37.36 -6.60
C PRO C 69 12.17 -38.02 -7.82
N ASN C 70 11.32 -38.40 -8.76
CA ASN C 70 11.77 -39.13 -9.95
C ASN C 70 11.96 -38.12 -11.09
N LEU C 71 13.20 -37.71 -11.33
CA LEU C 71 13.55 -36.91 -12.50
C LEU C 71 14.21 -37.75 -13.60
N GLN C 72 14.22 -39.09 -13.46
CA GLN C 72 14.87 -39.98 -14.40
C GLN C 72 13.95 -40.41 -15.52
N ASP C 73 12.69 -40.65 -15.21
CA ASP C 73 11.77 -41.19 -16.19
C ASP C 73 11.08 -40.04 -16.90
N LEU C 74 11.22 -40.02 -18.21
CA LEU C 74 10.63 -39.01 -19.07
C LEU C 74 9.72 -39.72 -20.05
N GLY C 75 8.42 -39.42 -19.99
CA GLY C 75 7.47 -39.96 -20.92
C GLY C 75 7.57 -39.34 -22.31
N LYS C 76 6.59 -39.70 -23.14
CA LYS C 76 6.59 -39.37 -24.56
C LYS C 76 6.19 -37.90 -24.78
N LEU C 77 7.07 -37.16 -25.42
CA LEU C 77 6.77 -35.80 -25.84
C LEU C 77 5.84 -35.83 -27.07
N LEU C 78 4.82 -34.99 -27.05
CA LEU C 78 3.90 -34.88 -28.19
C LEU C 78 4.26 -33.64 -28.99
N ILE C 79 5.08 -33.80 -30.02
CA ILE C 79 5.59 -32.69 -30.82
C ILE C 79 4.80 -32.60 -32.12
N GLY C 80 4.16 -31.47 -32.37
CA GLY C 80 3.48 -31.30 -33.65
C GLY C 80 4.43 -30.87 -34.78
N GLU C 81 3.90 -30.91 -36.00
CA GLU C 81 4.64 -30.48 -37.18
C GLU C 81 4.17 -29.16 -37.75
N ASN C 82 3.08 -28.61 -37.25
CA ASN C 82 2.63 -27.29 -37.64
C ASN C 82 1.85 -26.71 -36.48
N THR C 83 1.47 -25.43 -36.62
CA THR C 83 0.97 -24.69 -35.46
C THR C 83 -0.28 -25.35 -34.90
N GLN C 84 -1.21 -25.73 -35.77
CA GLN C 84 -2.43 -26.37 -35.30
C GLN C 84 -2.13 -27.65 -34.55
N GLU C 85 -1.25 -28.49 -35.11
CA GLU C 85 -0.92 -29.75 -34.46
C GLU C 85 -0.22 -29.51 -33.14
N MET C 86 0.68 -28.53 -33.09
CA MET C 86 1.40 -28.21 -31.86
C MET C 86 0.44 -27.83 -30.73
N LEU C 87 -0.52 -26.97 -31.03
CA LEU C 87 -1.48 -26.57 -30.01
C LEU C 87 -2.33 -27.76 -29.57
N GLN C 88 -2.73 -28.61 -30.51
CA GLN C 88 -3.55 -29.75 -30.12
C GLN C 88 -2.72 -30.73 -29.28
N CYS C 89 -1.44 -30.89 -29.61
CA CYS C 89 -0.58 -31.76 -28.82
C CYS C 89 -0.44 -31.25 -27.38
N ASP C 90 -0.23 -29.93 -27.23
CA ASP C 90 -0.23 -29.34 -25.89
C ASP C 90 -1.56 -29.62 -25.20
N LEU C 91 -2.66 -29.47 -25.92
CA LEU C 91 -3.97 -29.64 -25.30
C LEU C 91 -4.17 -31.09 -24.88
N ASN C 92 -3.76 -32.04 -25.72
CA ASN C 92 -3.86 -33.45 -25.33
C ASN C 92 -3.04 -33.75 -24.07
N LEU C 93 -1.84 -33.21 -23.97
CA LEU C 93 -1.04 -33.39 -22.77
C LEU C 93 -1.75 -32.81 -21.53
N GLU C 94 -2.30 -31.61 -21.66
CA GLU C 94 -2.93 -30.96 -20.52
C GLU C 94 -4.15 -31.74 -20.04
N LEU C 95 -4.92 -32.33 -20.95
CA LEU C 95 -6.07 -33.13 -20.54
C LEU C 95 -5.64 -34.40 -19.79
N LYS C 96 -4.57 -35.04 -20.25
CA LYS C 96 -3.98 -36.11 -19.45
C LYS C 96 -3.51 -35.59 -18.09
N ALA C 97 -2.87 -34.43 -18.08
CA ALA C 97 -2.34 -33.88 -16.83
C ALA C 97 -3.45 -33.61 -15.81
N THR C 98 -4.56 -33.03 -16.25
CA THR C 98 -5.60 -32.67 -15.29
C THR C 98 -6.34 -33.90 -14.77
N LYS C 99 -6.53 -34.92 -15.61
CA LYS C 99 -7.05 -36.19 -15.12
C LYS C 99 -6.18 -36.73 -14.00
N ASP C 100 -4.86 -36.75 -14.20
CA ASP C 100 -3.97 -37.26 -13.17
C ASP C 100 -4.00 -36.39 -11.91
N LEU C 101 -4.07 -35.05 -12.07
CA LEU C 101 -4.18 -34.19 -10.90
C LEU C 101 -5.43 -34.50 -10.06
N ARG C 102 -6.57 -34.68 -10.74
CA ARG C 102 -7.82 -34.99 -10.04
C ARG C 102 -7.72 -36.29 -9.24
N GLU C 103 -7.07 -37.32 -9.82
CA GLU C 103 -6.91 -38.60 -9.09
C GLU C 103 -5.96 -38.46 -7.92
N ALA C 104 -4.90 -37.65 -8.08
CA ALA C 104 -3.98 -37.43 -6.97
C ALA C 104 -4.64 -36.65 -5.84
N ILE C 105 -5.48 -35.66 -6.20
CA ILE C 105 -6.18 -34.88 -5.17
C ILE C 105 -7.11 -35.78 -4.36
N VAL C 106 -7.90 -36.62 -5.05
CA VAL C 106 -8.71 -37.63 -4.36
C VAL C 106 -7.88 -38.36 -3.33
N HIS C 107 -6.72 -38.88 -3.73
CA HIS C 107 -5.95 -39.68 -2.79
C HIS C 107 -5.37 -38.84 -1.65
N CYS C 108 -4.92 -37.60 -1.92
CA CYS C 108 -4.45 -36.77 -0.81
C CYS C 108 -5.57 -36.52 0.19
N GLU C 109 -6.78 -36.26 -0.32
CA GLU C 109 -7.92 -36.05 0.56
C GLU C 109 -8.17 -37.27 1.44
N GLN C 110 -8.09 -38.46 0.87
CA GLN C 110 -8.41 -39.67 1.65
C GLN C 110 -7.38 -39.97 2.73
N VAL C 111 -6.11 -39.61 2.56
CA VAL C 111 -5.15 -39.81 3.64
C VAL C 111 -4.93 -38.54 4.46
N HIS C 112 -5.73 -37.51 4.23
CA HIS C 112 -5.73 -36.27 5.02
C HIS C 112 -4.45 -35.46 4.82
N ASP C 113 -3.82 -35.62 3.65
CA ASP C 113 -2.65 -34.81 3.30
C ASP C 113 -3.16 -33.54 2.62
N TYR C 114 -3.77 -32.67 3.44
CA TYR C 114 -4.45 -31.51 2.92
C TYR C 114 -3.49 -30.47 2.36
N VAL C 115 -2.22 -30.46 2.80
CA VAL C 115 -1.26 -29.52 2.21
C VAL C 115 -0.88 -29.97 0.81
N SER C 116 -0.59 -31.27 0.62
CA SER C 116 -0.35 -31.76 -0.73
C SER C 116 -1.55 -31.52 -1.62
N ARG C 117 -2.77 -31.66 -1.07
CA ARG C 117 -3.94 -31.38 -1.89
C ARG C 117 -3.97 -29.93 -2.34
N ASP C 118 -3.67 -29.01 -1.42
CA ASP C 118 -3.72 -27.58 -1.76
C ASP C 118 -2.70 -27.24 -2.85
N LEU C 119 -1.51 -27.82 -2.76
CA LEU C 119 -0.52 -27.60 -3.80
C LEU C 119 -1.03 -28.08 -5.16
N LEU C 120 -1.61 -29.30 -5.18
CA LEU C 120 -2.10 -29.86 -6.43
C LEU C 120 -3.26 -29.05 -6.97
N LYS C 121 -4.09 -28.52 -6.07
CA LYS C 121 -5.20 -27.69 -6.55
C LYS C 121 -4.68 -26.43 -7.23
N ASP C 122 -3.63 -25.81 -6.67
CA ASP C 122 -3.03 -24.64 -7.31
C ASP C 122 -2.46 -25.00 -8.69
N ILE C 123 -1.79 -26.14 -8.79
CA ILE C 123 -1.27 -26.59 -10.08
C ILE C 123 -2.42 -26.86 -11.05
N LEU C 124 -3.51 -27.47 -10.57
CA LEU C 124 -4.67 -27.70 -11.42
C LEU C 124 -5.27 -26.40 -11.93
N GLU C 125 -5.33 -25.38 -11.08
CA GLU C 125 -5.81 -24.08 -11.55
C GLU C 125 -4.95 -23.55 -12.70
N SER C 126 -3.63 -23.68 -12.59
CA SER C 126 -2.75 -23.26 -13.67
CA SER C 126 -2.76 -23.25 -13.68
C SER C 126 -2.98 -24.09 -14.93
N GLU C 127 -3.13 -25.42 -14.77
CA GLU C 127 -3.35 -26.23 -15.96
C GLU C 127 -4.68 -25.89 -16.64
N GLU C 128 -5.76 -25.61 -15.87
CA GLU C 128 -7.00 -25.24 -16.55
C GLU C 128 -6.88 -23.90 -17.25
N GLU C 129 -6.07 -22.99 -16.72
CA GLU C 129 -5.84 -21.73 -17.42
C GLU C 129 -5.13 -22.00 -18.76
N HIS C 130 -4.18 -22.93 -18.77
CA HIS C 130 -3.51 -23.29 -20.03
C HIS C 130 -4.49 -23.93 -21.01
N ILE C 131 -5.35 -24.82 -20.52
CA ILE C 131 -6.38 -25.41 -21.37
C ILE C 131 -7.25 -24.33 -21.98
N ASP C 132 -7.65 -23.35 -21.17
CA ASP C 132 -8.47 -22.27 -21.70
C ASP C 132 -7.73 -21.56 -22.83
N TYR C 133 -6.46 -21.25 -22.62
CA TYR C 133 -5.67 -20.59 -23.64
C TYR C 133 -5.63 -21.43 -24.91
N LEU C 134 -5.33 -22.73 -24.76
CA LEU C 134 -5.15 -23.60 -25.91
C LEU C 134 -6.45 -23.79 -26.69
N GLU C 135 -7.56 -24.04 -25.98
CA GLU C 135 -8.85 -24.14 -26.65
C GLU C 135 -9.18 -22.85 -27.39
N THR C 136 -8.85 -21.72 -26.78
CA THR C 136 -9.19 -20.44 -27.39
C THR C 136 -8.38 -20.20 -28.66
N GLN C 137 -7.10 -20.55 -28.66
CA GLN C 137 -6.29 -20.40 -29.88
C GLN C 137 -6.83 -21.27 -31.02
N LEU C 138 -7.15 -22.53 -30.70
CA LEU C 138 -7.70 -23.42 -31.73
C LEU C 138 -9.01 -22.87 -32.28
N GLY C 139 -9.85 -22.33 -31.41
CA GLY C 139 -11.07 -21.66 -31.89
C GLY C 139 -10.77 -20.42 -32.71
N LEU C 140 -9.75 -19.65 -32.33
CA LEU C 140 -9.44 -18.45 -33.10
C LEU C 140 -9.00 -18.81 -34.52
N ILE C 141 -8.27 -19.91 -34.67
CA ILE C 141 -7.85 -20.32 -36.00
C ILE C 141 -9.07 -20.51 -36.89
N GLN C 142 -10.16 -21.04 -36.32
CA GLN C 142 -11.38 -21.29 -37.09
C GLN C 142 -12.11 -20.00 -37.39
N LYS C 143 -12.15 -19.09 -36.44
CA LYS C 143 -12.87 -17.85 -36.65
C LYS C 143 -12.13 -16.89 -37.59
N VAL C 144 -10.80 -16.76 -37.45
CA VAL C 144 -10.12 -15.72 -38.24
C VAL C 144 -9.37 -16.29 -39.44
N GLY C 145 -9.25 -17.60 -39.55
CA GLY C 145 -8.43 -18.20 -40.59
C GLY C 145 -7.00 -18.41 -40.13
N LEU C 146 -6.38 -19.46 -40.67
CA LEU C 146 -5.03 -19.81 -40.26
C LEU C 146 -4.04 -18.72 -40.62
N GLU C 147 -4.16 -18.17 -41.82
CA GLU C 147 -3.19 -17.15 -42.25
C GLU C 147 -3.25 -15.91 -41.36
N ASN C 148 -4.46 -15.45 -41.01
CA ASN C 148 -4.61 -14.34 -40.08
C ASN C 148 -4.12 -14.69 -38.69
N TYR C 149 -4.49 -15.88 -38.20
CA TYR C 149 -4.06 -16.29 -36.86
C TYR C 149 -2.54 -16.25 -36.76
N LEU C 150 -1.85 -16.78 -37.76
CA LEU C 150 -0.39 -16.80 -37.72
C LEU C 150 0.17 -15.39 -37.85
N GLN C 151 -0.44 -14.58 -38.71
CA GLN C 151 -0.02 -13.19 -38.85
C GLN C 151 -0.06 -12.47 -37.51
N SER C 152 -1.16 -12.63 -36.77
CA SER C 152 -1.29 -11.96 -35.49
C SER C 152 -0.33 -12.47 -34.43
N HIS C 153 0.45 -13.52 -34.72
CA HIS C 153 1.41 -14.05 -33.76
C HIS C 153 2.85 -13.93 -34.25
N MET C 154 3.09 -13.07 -35.25
CA MET C 154 4.45 -12.82 -35.72
C MET C 154 5.25 -11.98 -34.73
N HIS C 155 4.64 -10.92 -34.19
CA HIS C 155 5.42 -9.89 -33.51
C HIS C 155 5.26 -9.86 -31.98
N MET D 1 25.97 22.05 46.62
CA MET D 1 25.03 21.60 47.69
C MET D 1 25.73 20.58 48.55
N LYS D 2 25.98 20.88 49.83
CA LYS D 2 26.81 20.00 50.66
C LYS D 2 26.16 18.63 50.80
N GLY D 3 26.85 17.58 50.32
CA GLY D 3 26.37 16.22 50.49
C GLY D 3 26.71 15.59 51.85
N ASP D 4 26.04 14.49 52.14
CA ASP D 4 26.41 13.63 53.27
C ASP D 4 27.83 13.08 53.10
N LYS D 5 28.65 13.19 54.16
CA LYS D 5 30.05 12.80 54.03
C LYS D 5 30.18 11.32 53.67
N LYS D 6 29.38 10.46 54.29
CA LYS D 6 29.49 9.04 54.01
C LYS D 6 28.93 8.68 52.63
N VAL D 7 27.92 9.42 52.15
CA VAL D 7 27.50 9.23 50.75
C VAL D 7 28.68 9.51 49.81
N ILE D 8 29.38 10.61 50.04
CA ILE D 8 30.49 10.96 49.16
C ILE D 8 31.57 9.89 49.23
N GLN D 9 31.85 9.36 50.43
CA GLN D 9 32.80 8.26 50.53
C GLN D 9 32.36 7.06 49.71
N HIS D 10 31.06 6.70 49.77
CA HIS D 10 30.54 5.60 48.97
C HIS D 10 30.70 5.88 47.48
N LEU D 11 30.32 7.08 47.05
CA LEU D 11 30.48 7.48 45.66
C LEU D 11 31.93 7.34 45.21
N ASN D 12 32.86 7.78 46.04
CA ASN D 12 34.27 7.62 45.71
C ASN D 12 34.68 6.15 45.66
N LYS D 13 34.10 5.32 46.52
CA LYS D 13 34.44 3.91 46.42
C LYS D 13 33.90 3.32 45.14
N ILE D 14 32.68 3.70 44.74
CA ILE D 14 32.13 3.25 43.47
C ILE D 14 33.01 3.76 42.32
N LEU D 15 33.42 5.03 42.37
CA LEU D 15 34.28 5.59 41.33
C LEU D 15 35.58 4.82 41.24
N GLY D 16 36.15 4.46 42.40
CA GLY D 16 37.35 3.66 42.39
C GLY D 16 37.16 2.34 41.64
N ASN D 17 36.01 1.69 41.81
CA ASN D 17 35.78 0.44 41.07
C ASN D 17 35.66 0.70 39.57
N GLU D 18 34.96 1.77 39.18
CA GLU D 18 34.86 2.09 37.76
C GLU D 18 36.24 2.39 37.16
N LEU D 19 37.12 3.07 37.92
CA LEU D 19 38.45 3.38 37.40
C LEU D 19 39.28 2.12 37.19
N ILE D 20 39.16 1.14 38.08
CA ILE D 20 39.78 -0.17 37.83
C ILE D 20 39.22 -0.78 36.55
N ALA D 21 37.89 -0.80 36.43
CA ALA D 21 37.25 -1.46 35.29
C ALA D 21 37.62 -0.77 33.97
N ILE D 22 37.73 0.56 33.99
CA ILE D 22 38.13 1.27 32.76
C ILE D 22 39.43 0.68 32.22
N ASN D 23 40.45 0.61 33.09
CA ASN D 23 41.78 0.17 32.64
C ASN D 23 41.81 -1.32 32.36
N GLN D 24 41.13 -2.11 33.19
CA GLN D 24 41.10 -3.57 33.00
C GLN D 24 40.43 -3.94 31.68
N TYR D 25 39.28 -3.33 31.40
CA TYR D 25 38.59 -3.59 30.15
C TYR D 25 39.37 -3.02 28.95
N PHE D 26 39.96 -1.84 29.10
CA PHE D 26 40.68 -1.29 27.96
C PHE D 26 41.87 -2.16 27.58
N LEU D 27 42.60 -2.67 28.58
CA LEU D 27 43.73 -3.54 28.29
C LEU D 27 43.27 -4.87 27.72
N HIS D 28 42.23 -5.46 28.28
CA HIS D 28 41.70 -6.70 27.71
C HIS D 28 41.29 -6.51 26.26
N SER D 29 40.65 -5.39 25.97
CA SER D 29 40.24 -5.08 24.60
C SER D 29 41.43 -5.07 23.68
N ARG D 30 42.49 -4.36 24.07
CA ARG D 30 43.65 -4.21 23.21
C ARG D 30 44.44 -5.51 23.11
N MET D 31 44.41 -6.34 24.15
CA MET D 31 45.02 -7.67 24.04
C MET D 31 44.28 -8.53 23.01
N TRP D 32 42.95 -8.59 23.11
CA TRP D 32 42.15 -9.36 22.16
C TRP D 32 42.35 -8.88 20.72
N ASN D 33 42.37 -7.56 20.52
CA ASN D 33 42.64 -7.04 19.19
C ASN D 33 44.01 -7.49 18.69
N ASP D 34 45.03 -7.38 19.53
CA ASP D 34 46.37 -7.83 19.16
C ASP D 34 46.38 -9.31 18.78
N TRP D 35 45.52 -10.11 19.41
CA TRP D 35 45.43 -11.54 19.10
C TRP D 35 44.56 -11.84 17.90
N GLY D 36 43.97 -10.82 17.29
CA GLY D 36 43.11 -11.09 16.15
C GLY D 36 41.70 -11.47 16.51
N LEU D 37 41.30 -11.29 17.76
CA LEU D 37 39.95 -11.59 18.22
C LEU D 37 39.16 -10.29 18.32
N LYS D 38 38.91 -9.72 17.14
CA LYS D 38 38.47 -8.34 17.03
C LYS D 38 37.04 -8.14 17.50
N ARG D 39 36.20 -9.18 17.47
CA ARG D 39 34.84 -9.00 17.98
C ARG D 39 34.83 -8.90 19.50
N LEU D 40 35.67 -9.68 20.17
CA LEU D 40 35.86 -9.52 21.60
C LEU D 40 36.50 -8.19 21.91
N GLY D 41 37.49 -7.79 21.11
CA GLY D 41 38.13 -6.51 21.33
C GLY D 41 37.16 -5.37 21.23
N ALA D 42 36.31 -5.39 20.20
CA ALA D 42 35.35 -4.30 20.02
C ALA D 42 34.34 -4.26 21.17
N HIS D 43 33.83 -5.43 21.57
CA HIS D 43 32.85 -5.43 22.65
C HIS D 43 33.48 -4.95 23.95
N GLU D 44 34.71 -5.39 24.22
CA GLU D 44 35.37 -5.03 25.47
C GLU D 44 35.73 -3.54 25.49
N TYR D 45 36.08 -2.99 24.34
CA TYR D 45 36.23 -1.54 24.19
C TYR D 45 34.96 -0.80 24.59
N HIS D 46 33.82 -1.26 24.09
CA HIS D 46 32.57 -0.58 24.45
C HIS D 46 32.27 -0.74 25.94
N GLU D 47 32.63 -1.87 26.55
CA GLU D 47 32.48 -2.00 28.00
C GLU D 47 33.34 -0.98 28.74
N SER D 48 34.56 -0.75 28.24
CA SER D 48 35.43 0.23 28.88
CA SER D 48 35.42 0.23 28.90
C SER D 48 34.86 1.64 28.74
N ILE D 49 34.33 1.96 27.55
CA ILE D 49 33.71 3.26 27.33
C ILE D 49 32.53 3.45 28.27
N ASP D 50 31.71 2.41 28.40
CA ASP D 50 30.60 2.46 29.34
C ASP D 50 31.05 2.83 30.74
N GLU D 51 32.11 2.19 31.21
CA GLU D 51 32.62 2.52 32.54
C GLU D 51 33.14 3.94 32.60
N MET D 52 33.74 4.44 31.50
CA MET D 52 34.21 5.81 31.48
C MET D 52 33.05 6.79 31.66
N LYS D 53 31.91 6.48 31.05
CA LYS D 53 30.75 7.35 31.19
C LYS D 53 30.19 7.29 32.61
N HIS D 54 30.22 6.11 33.24
CA HIS D 54 29.77 6.03 34.63
C HIS D 54 30.67 6.81 35.54
N ALA D 55 31.99 6.68 35.33
CA ALA D 55 32.94 7.46 36.13
C ALA D 55 32.68 8.96 35.97
N ASP D 56 32.47 9.42 34.74
CA ASP D 56 32.11 10.82 34.51
C ASP D 56 30.90 11.25 35.36
N LYS D 57 29.83 10.47 35.35
CA LYS D 57 28.64 10.86 36.12
C LYS D 57 28.94 10.90 37.61
N LEU D 58 29.69 9.91 38.12
CA LEU D 58 30.06 9.89 39.52
C LEU D 58 30.91 11.12 39.90
N ILE D 59 31.90 11.43 39.07
CA ILE D 59 32.72 12.63 39.29
C ILE D 59 31.86 13.88 39.35
N GLU D 60 30.93 14.01 38.39
CA GLU D 60 30.06 15.18 38.37
C GLU D 60 29.19 15.26 39.64
N ARG D 61 28.62 14.14 40.05
CA ARG D 61 27.80 14.13 41.26
C ARG D 61 28.61 14.50 42.50
N ILE D 62 29.84 13.96 42.61
CA ILE D 62 30.66 14.20 43.78
C ILE D 62 30.99 15.68 43.87
N LEU D 63 31.29 16.29 42.73
CA LEU D 63 31.62 17.72 42.73
C LEU D 63 30.42 18.56 43.12
N PHE D 64 29.25 18.22 42.57
CA PHE D 64 28.01 18.90 42.93
C PHE D 64 27.77 18.85 44.43
N LEU D 65 28.00 17.69 45.06
CA LEU D 65 27.87 17.50 46.49
C LEU D 65 29.06 18.10 47.27
N GLU D 66 29.98 18.76 46.57
CA GLU D 66 31.10 19.51 47.16
C GLU D 66 32.10 18.57 47.82
N GLY D 67 32.24 17.39 47.25
CA GLY D 67 33.29 16.48 47.64
C GLY D 67 34.42 16.49 46.61
N LEU D 68 35.48 15.78 46.95
CA LEU D 68 36.64 15.63 46.09
C LEU D 68 36.63 14.26 45.44
N PRO D 69 36.41 14.16 44.12
CA PRO D 69 36.48 12.87 43.44
C PRO D 69 37.89 12.35 43.51
N ASN D 70 38.04 11.10 43.89
CA ASN D 70 39.36 10.48 43.98
C ASN D 70 39.71 9.82 42.65
N LEU D 71 40.54 10.48 41.84
CA LEU D 71 41.11 9.84 40.66
C LEU D 71 42.54 9.40 40.87
N GLN D 72 43.07 9.52 42.09
CA GLN D 72 44.47 9.24 42.37
C GLN D 72 44.70 7.77 42.73
N ASP D 73 43.76 7.18 43.45
CA ASP D 73 43.92 5.82 43.95
C ASP D 73 43.37 4.85 42.92
N LEU D 74 44.22 3.98 42.45
CA LEU D 74 43.88 2.93 41.51
C LEU D 74 44.11 1.61 42.19
N GLY D 75 43.04 0.84 42.40
CA GLY D 75 43.16 -0.48 42.96
C GLY D 75 43.68 -1.50 41.97
N LYS D 76 43.62 -2.76 42.38
CA LYS D 76 44.32 -3.82 41.67
C LYS D 76 43.53 -4.23 40.42
N LEU D 77 44.18 -4.15 39.26
CA LEU D 77 43.56 -4.62 38.03
C LEU D 77 43.65 -6.14 37.98
N LEU D 78 42.59 -6.79 37.52
CA LEU D 78 42.54 -8.25 37.41
C LEU D 78 42.69 -8.56 35.92
N ILE D 79 43.93 -8.76 35.49
CA ILE D 79 44.26 -8.97 34.09
C ILE D 79 44.45 -10.45 33.87
N GLY D 80 43.72 -10.98 32.92
CA GLY D 80 43.88 -12.37 32.59
C GLY D 80 44.88 -12.54 31.47
N GLU D 81 45.22 -13.78 31.18
CA GLU D 81 46.20 -14.07 30.15
C GLU D 81 45.67 -15.00 29.06
N ASN D 82 44.41 -15.39 29.15
CA ASN D 82 43.73 -16.10 28.07
C ASN D 82 42.27 -15.68 28.14
N THR D 83 41.55 -15.99 27.05
CA THR D 83 40.21 -15.44 26.88
C THR D 83 39.29 -15.83 28.03
N GLN D 84 39.22 -17.12 28.36
CA GLN D 84 38.31 -17.51 29.44
C GLN D 84 38.72 -16.83 30.75
N GLU D 85 40.01 -16.74 31.02
CA GLU D 85 40.45 -16.08 32.24
C GLU D 85 40.12 -14.58 32.25
N MET D 86 40.32 -13.89 31.13
CA MET D 86 40.01 -12.46 31.07
C MET D 86 38.53 -12.21 31.35
N LEU D 87 37.65 -13.05 30.78
CA LEU D 87 36.22 -12.89 31.03
C LEU D 87 35.89 -13.12 32.48
N GLN D 88 36.51 -14.12 33.09
CA GLN D 88 36.27 -14.41 34.50
C GLN D 88 36.80 -13.30 35.39
N CYS D 89 37.95 -12.71 35.04
CA CYS D 89 38.46 -11.57 35.79
C CYS D 89 37.50 -10.39 35.73
N ASP D 90 36.91 -10.16 34.55
CA ASP D 90 35.91 -9.11 34.42
C ASP D 90 34.69 -9.42 35.27
N LEU D 91 34.29 -10.69 35.30
CA LEU D 91 33.13 -11.08 36.10
C LEU D 91 33.41 -10.90 37.60
N ASN D 92 34.57 -11.35 38.05
CA ASN D 92 34.92 -11.16 39.45
C ASN D 92 34.89 -9.68 39.83
N LEU D 93 35.42 -8.82 38.97
CA LEU D 93 35.42 -7.40 39.27
C LEU D 93 33.99 -6.88 39.37
N GLU D 94 33.13 -7.31 38.45
CA GLU D 94 31.74 -6.83 38.44
C GLU D 94 30.98 -7.27 39.69
N LEU D 95 31.22 -8.51 40.14
CA LEU D 95 30.54 -8.98 41.35
C LEU D 95 30.98 -8.18 42.57
N LYS D 96 32.25 -7.80 42.63
CA LYS D 96 32.68 -6.86 43.67
C LYS D 96 31.97 -5.52 43.50
N ALA D 97 31.94 -5.04 42.25
CA ALA D 97 31.34 -3.74 41.99
C ALA D 97 29.87 -3.71 42.41
N THR D 98 29.10 -4.77 42.12
CA THR D 98 27.68 -4.68 42.42
C THR D 98 27.42 -4.83 43.92
N LYS D 99 28.23 -5.61 44.63
CA LYS D 99 28.11 -5.62 46.10
C LYS D 99 28.32 -4.21 46.68
N ASP D 100 29.33 -3.49 46.20
CA ASP D 100 29.57 -2.13 46.69
C ASP D 100 28.44 -1.18 46.33
N LEU D 101 27.85 -1.32 45.12
CA LEU D 101 26.72 -0.49 44.72
C LEU D 101 25.53 -0.66 45.64
N ARG D 102 25.21 -1.91 45.97
CA ARG D 102 24.10 -2.16 46.89
C ARG D 102 24.33 -1.53 48.24
N GLU D 103 25.54 -1.68 48.81
CA GLU D 103 25.83 -1.03 50.10
C GLU D 103 25.73 0.49 50.00
N ALA D 104 26.20 1.07 48.88
CA ALA D 104 26.07 2.51 48.73
C ALA D 104 24.60 2.94 48.67
N ILE D 105 23.77 2.18 47.95
CA ILE D 105 22.36 2.51 47.81
C ILE D 105 21.65 2.44 49.16
N VAL D 106 21.96 1.44 49.98
CA VAL D 106 21.42 1.36 51.34
C VAL D 106 21.66 2.67 52.07
N HIS D 107 22.89 3.16 52.03
CA HIS D 107 23.20 4.34 52.80
C HIS D 107 22.53 5.59 52.20
N CYS D 108 22.54 5.74 50.87
CA CYS D 108 21.80 6.85 50.26
C CYS D 108 20.34 6.86 50.71
N GLU D 109 19.71 5.68 50.76
CA GLU D 109 18.30 5.61 51.17
C GLU D 109 18.14 6.08 52.61
N GLN D 110 19.04 5.65 53.50
CA GLN D 110 18.95 6.01 54.91
C GLN D 110 19.11 7.51 55.15
N VAL D 111 19.96 8.20 54.40
CA VAL D 111 20.15 9.64 54.61
C VAL D 111 19.33 10.47 53.63
N HIS D 112 18.49 9.85 52.83
CA HIS D 112 17.47 10.50 52.00
C HIS D 112 18.09 11.16 50.77
N ASP D 113 19.23 10.66 50.29
CA ASP D 113 19.84 11.18 49.07
C ASP D 113 19.33 10.35 47.90
N TYR D 114 18.10 10.64 47.52
CA TYR D 114 17.39 9.83 46.55
C TYR D 114 17.95 10.05 45.15
N VAL D 115 18.54 11.21 44.88
CA VAL D 115 19.11 11.42 43.54
C VAL D 115 20.40 10.60 43.38
N SER D 116 21.26 10.59 44.40
CA SER D 116 22.42 9.71 44.33
C SER D 116 21.99 8.25 44.23
N ARG D 117 20.95 7.86 44.95
CA ARG D 117 20.48 6.49 44.86
C ARG D 117 20.09 6.15 43.42
N ASP D 118 19.38 7.08 42.76
CA ASP D 118 18.91 6.83 41.42
C ASP D 118 20.07 6.67 40.44
N LEU D 119 21.07 7.55 40.56
CA LEU D 119 22.29 7.40 39.77
C LEU D 119 22.93 6.02 40.00
N LEU D 120 23.03 5.58 41.26
CA LEU D 120 23.65 4.30 41.55
C LEU D 120 22.81 3.13 41.03
N LYS D 121 21.50 3.23 41.13
CA LYS D 121 20.65 2.20 40.57
C LYS D 121 20.86 2.07 39.06
N ASP D 122 21.04 3.21 38.37
CA ASP D 122 21.24 3.14 36.92
C ASP D 122 22.56 2.46 36.59
N ILE D 123 23.61 2.75 37.37
CA ILE D 123 24.90 2.10 37.17
C ILE D 123 24.78 0.60 37.47
N LEU D 124 24.09 0.25 38.55
CA LEU D 124 23.86 -1.16 38.88
C LEU D 124 23.16 -1.91 37.74
N GLU D 125 22.14 -1.29 37.13
CA GLU D 125 21.50 -1.93 35.99
C GLU D 125 22.52 -2.20 34.89
N SER D 126 23.39 -1.23 34.62
CA SER D 126 24.40 -1.43 33.60
CA SER D 126 24.41 -1.42 33.60
C SER D 126 25.36 -2.55 33.98
N GLU D 127 25.79 -2.58 35.25
CA GLU D 127 26.74 -3.61 35.66
C GLU D 127 26.11 -5.01 35.66
N GLU D 128 24.82 -5.12 36.04
CA GLU D 128 24.14 -6.41 35.93
C GLU D 128 23.98 -6.86 34.47
N GLU D 129 23.78 -5.94 33.51
CA GLU D 129 23.81 -6.31 32.09
C GLU D 129 25.19 -6.80 31.68
N HIS D 130 26.25 -6.16 32.16
CA HIS D 130 27.59 -6.67 31.93
C HIS D 130 27.78 -8.07 32.54
N ILE D 131 27.32 -8.27 33.78
CA ILE D 131 27.37 -9.61 34.35
C ILE D 131 26.62 -10.60 33.46
N ASP D 132 25.44 -10.23 32.99
CA ASP D 132 24.70 -11.13 32.10
C ASP D 132 25.56 -11.50 30.88
N TYR D 133 26.16 -10.50 30.24
CA TYR D 133 27.01 -10.74 29.08
C TYR D 133 28.15 -11.70 29.43
N LEU D 134 28.86 -11.43 30.53
CA LEU D 134 30.02 -12.23 30.91
C LEU D 134 29.63 -13.68 31.22
N GLU D 135 28.65 -13.88 32.08
CA GLU D 135 28.19 -15.23 32.40
C GLU D 135 27.78 -15.96 31.13
N THR D 136 27.17 -15.25 30.18
CA THR D 136 26.74 -15.86 28.94
C THR D 136 27.93 -16.27 28.06
N GLN D 137 28.96 -15.42 27.97
CA GLN D 137 30.14 -15.82 27.21
C GLN D 137 30.82 -17.05 27.82
N LEU D 138 30.94 -17.08 29.15
CA LEU D 138 31.55 -18.24 29.78
C LEU D 138 30.73 -19.49 29.54
N GLY D 139 29.39 -19.41 29.64
CA GLY D 139 28.56 -20.53 29.28
C GLY D 139 28.73 -20.97 27.84
N LEU D 140 28.86 -20.00 26.92
CA LEU D 140 29.01 -20.37 25.51
C LEU D 140 30.31 -21.11 25.26
N ILE D 141 31.38 -20.70 25.94
CA ILE D 141 32.65 -21.43 25.82
C ILE D 141 32.45 -22.90 26.13
N GLN D 142 31.65 -23.20 27.17
CA GLN D 142 31.38 -24.60 27.51
C GLN D 142 30.50 -25.29 26.46
N LYS D 143 29.54 -24.57 25.88
CA LYS D 143 28.61 -25.22 24.97
C LYS D 143 29.18 -25.44 23.57
N VAL D 144 29.87 -24.43 23.00
CA VAL D 144 30.40 -24.54 21.64
C VAL D 144 31.86 -24.97 21.59
N GLY D 145 32.54 -24.99 22.72
CA GLY D 145 33.96 -25.30 22.69
C GLY D 145 34.79 -24.05 22.49
N LEU D 146 35.98 -24.07 23.09
CA LEU D 146 36.78 -22.85 23.12
C LEU D 146 37.26 -22.45 21.74
N GLU D 147 37.67 -23.43 20.92
CA GLU D 147 38.14 -23.10 19.58
C GLU D 147 37.03 -22.47 18.72
N ASN D 148 35.82 -23.07 18.72
CA ASN D 148 34.67 -22.45 18.05
C ASN D 148 34.35 -21.07 18.63
N TYR D 149 34.37 -20.93 19.96
CA TYR D 149 34.06 -19.64 20.56
C TYR D 149 35.04 -18.58 20.09
N LEU D 150 36.33 -18.89 20.10
CA LEU D 150 37.33 -17.93 19.62
C LEU D 150 37.14 -17.66 18.14
N GLN D 151 36.93 -18.71 17.34
CA GLN D 151 36.69 -18.53 15.92
C GLN D 151 35.55 -17.54 15.64
N SER D 152 34.43 -17.68 16.37
CA SER D 152 33.30 -16.79 16.20
C SER D 152 33.58 -15.37 16.66
N HIS D 153 34.73 -15.09 17.27
CA HIS D 153 35.05 -13.72 17.69
C HIS D 153 36.28 -13.17 16.98
N MET D 154 36.68 -13.79 15.87
CA MET D 154 37.79 -13.26 15.07
C MET D 154 37.38 -11.99 14.33
N HIS D 155 36.23 -12.02 13.66
CA HIS D 155 35.85 -10.92 12.77
C HIS D 155 34.70 -10.10 13.35
N MET E 1 -13.63 -26.08 -22.14
CA MET E 1 -13.46 -27.41 -21.50
C MET E 1 -14.85 -27.93 -21.13
N LYS E 2 -15.18 -29.16 -21.50
CA LYS E 2 -16.52 -29.69 -21.27
C LYS E 2 -16.73 -29.89 -19.77
N GLY E 3 -17.54 -29.00 -19.16
CA GLY E 3 -17.83 -29.13 -17.75
C GLY E 3 -18.94 -30.13 -17.48
N ASP E 4 -19.05 -30.51 -16.22
CA ASP E 4 -20.17 -31.31 -15.74
C ASP E 4 -21.47 -30.49 -15.81
N LYS E 5 -22.50 -31.07 -16.41
CA LYS E 5 -23.76 -30.35 -16.62
C LYS E 5 -24.34 -29.88 -15.29
N LYS E 6 -24.25 -30.72 -14.26
CA LYS E 6 -24.83 -30.35 -12.97
C LYS E 6 -23.99 -29.30 -12.24
N VAL E 7 -22.67 -29.33 -12.36
CA VAL E 7 -21.86 -28.20 -11.86
C VAL E 7 -22.37 -26.89 -12.46
N ILE E 8 -22.58 -26.88 -13.78
CA ILE E 8 -23.03 -25.65 -14.46
C ILE E 8 -24.38 -25.21 -13.93
N GLN E 9 -25.30 -26.15 -13.72
CA GLN E 9 -26.56 -25.77 -13.08
C GLN E 9 -26.32 -25.11 -11.72
N HIS E 10 -25.45 -25.72 -10.90
CA HIS E 10 -25.19 -25.13 -9.60
C HIS E 10 -24.60 -23.72 -9.73
N LEU E 11 -23.62 -23.56 -10.66
CA LEU E 11 -23.03 -22.24 -10.88
C LEU E 11 -24.08 -21.23 -11.35
N ASN E 12 -25.04 -21.68 -12.19
CA ASN E 12 -26.12 -20.78 -12.58
C ASN E 12 -27.04 -20.46 -11.41
N LYS E 13 -27.24 -21.40 -10.48
CA LYS E 13 -28.05 -21.09 -9.31
C LYS E 13 -27.35 -20.07 -8.40
N ILE E 14 -26.05 -20.27 -8.14
CA ILE E 14 -25.29 -19.30 -7.35
C ILE E 14 -25.33 -17.93 -8.04
N LEU E 15 -25.19 -17.93 -9.37
CA LEU E 15 -25.22 -16.67 -10.11
C LEU E 15 -26.58 -15.99 -9.99
N GLY E 16 -27.64 -16.79 -10.04
CA GLY E 16 -28.96 -16.23 -9.81
C GLY E 16 -29.07 -15.56 -8.45
N ASN E 17 -28.48 -16.18 -7.42
CA ASN E 17 -28.49 -15.55 -6.10
C ASN E 17 -27.71 -14.24 -6.12
N GLU E 18 -26.57 -14.22 -6.81
CA GLU E 18 -25.79 -12.99 -6.86
C GLU E 18 -26.54 -11.88 -7.59
N LEU E 19 -27.26 -12.24 -8.66
CA LEU E 19 -28.01 -11.24 -9.41
C LEU E 19 -29.08 -10.59 -8.55
N ILE E 20 -29.75 -11.39 -7.70
CA ILE E 20 -30.74 -10.83 -6.77
C ILE E 20 -30.04 -9.88 -5.82
N ALA E 21 -28.92 -10.34 -5.25
CA ALA E 21 -28.19 -9.53 -4.28
C ALA E 21 -27.65 -8.22 -4.88
N ILE E 22 -27.12 -8.27 -6.11
CA ILE E 22 -26.69 -7.03 -6.78
C ILE E 22 -27.81 -5.99 -6.70
N ASN E 23 -29.02 -6.36 -7.13
CA ASN E 23 -30.11 -5.41 -7.26
C ASN E 23 -30.65 -5.00 -5.89
N GLN E 24 -30.78 -5.97 -5.00
CA GLN E 24 -31.31 -5.67 -3.67
C GLN E 24 -30.36 -4.73 -2.94
N TYR E 25 -29.06 -5.03 -2.97
CA TYR E 25 -28.08 -4.20 -2.25
C TYR E 25 -27.94 -2.85 -2.93
N PHE E 26 -28.00 -2.79 -4.26
CA PHE E 26 -27.91 -1.49 -4.91
C PHE E 26 -29.11 -0.61 -4.54
N LEU E 27 -30.31 -1.17 -4.54
CA LEU E 27 -31.49 -0.37 -4.16
C LEU E 27 -31.43 0.05 -2.70
N HIS E 28 -31.05 -0.87 -1.80
CA HIS E 28 -30.95 -0.49 -0.39
C HIS E 28 -29.95 0.65 -0.19
N SER E 29 -28.81 0.57 -0.89
CA SER E 29 -27.79 1.61 -0.82
C SER E 29 -28.35 2.99 -1.22
N ARG E 30 -29.08 3.05 -2.33
CA ARG E 30 -29.61 4.31 -2.82
C ARG E 30 -30.79 4.81 -2.01
N MET E 31 -31.56 3.90 -1.41
CA MET E 31 -32.53 4.30 -0.37
C MET E 31 -31.82 4.95 0.81
N TRP E 32 -30.78 4.30 1.35
CA TRP E 32 -30.06 4.88 2.49
C TRP E 32 -29.42 6.22 2.11
N ASN E 33 -28.93 6.34 0.88
CA ASN E 33 -28.34 7.61 0.48
C ASN E 33 -29.40 8.70 0.41
N ASP E 34 -30.54 8.39 -0.20
CA ASP E 34 -31.65 9.33 -0.28
C ASP E 34 -32.10 9.78 1.12
N TRP E 35 -32.05 8.90 2.11
CA TRP E 35 -32.47 9.22 3.47
C TRP E 35 -31.40 9.92 4.27
N GLY E 36 -30.21 10.10 3.70
CA GLY E 36 -29.13 10.79 4.37
C GLY E 36 -28.29 9.90 5.24
N LEU E 37 -28.46 8.59 5.16
CA LEU E 37 -27.65 7.64 5.92
C LEU E 37 -26.49 7.15 5.04
N LYS E 38 -25.57 8.08 4.75
CA LYS E 38 -24.56 7.86 3.71
C LYS E 38 -23.51 6.80 4.08
N ARG E 39 -23.25 6.57 5.36
CA ARG E 39 -22.30 5.51 5.70
C ARG E 39 -22.88 4.13 5.39
N LEU E 40 -24.17 3.95 5.68
CA LEU E 40 -24.86 2.73 5.29
C LEU E 40 -24.95 2.62 3.78
N GLY E 41 -25.31 3.72 3.12
CA GLY E 41 -25.39 3.72 1.68
C GLY E 41 -24.08 3.31 1.02
N ALA E 42 -22.97 3.87 1.51
CA ALA E 42 -21.65 3.55 0.95
C ALA E 42 -21.29 2.11 1.25
N HIS E 43 -21.53 1.64 2.48
CA HIS E 43 -21.18 0.26 2.78
C HIS E 43 -22.00 -0.69 1.92
N GLU E 44 -23.30 -0.43 1.78
CA GLU E 44 -24.17 -1.31 1.00
C GLU E 44 -23.83 -1.25 -0.49
N TYR E 45 -23.40 -0.09 -0.98
CA TYR E 45 -22.93 -0.01 -2.36
C TYR E 45 -21.74 -0.94 -2.60
N HIS E 46 -20.78 -0.94 -1.67
CA HIS E 46 -19.63 -1.83 -1.81
C HIS E 46 -20.04 -3.30 -1.72
N GLU E 47 -21.02 -3.62 -0.91
CA GLU E 47 -21.56 -4.98 -0.91
C GLU E 47 -22.09 -5.36 -2.28
N SER E 48 -22.87 -4.45 -2.90
CA SER E 48 -23.40 -4.70 -4.23
CA SER E 48 -23.40 -4.71 -4.22
C SER E 48 -22.27 -4.90 -5.23
N ILE E 49 -21.22 -4.09 -5.14
CA ILE E 49 -20.08 -4.23 -6.05
C ILE E 49 -19.41 -5.58 -5.86
N ASP E 50 -19.25 -6.02 -4.60
CA ASP E 50 -18.69 -7.35 -4.35
C ASP E 50 -19.49 -8.44 -5.05
N GLU E 51 -20.83 -8.34 -5.01
CA GLU E 51 -21.64 -9.37 -5.67
C GLU E 51 -21.49 -9.28 -7.17
N MET E 52 -21.33 -8.07 -7.71
CA MET E 52 -21.07 -7.92 -9.14
C MET E 52 -19.78 -8.62 -9.53
N LYS E 53 -18.76 -8.54 -8.68
CA LYS E 53 -17.49 -9.20 -9.00
C LYS E 53 -17.63 -10.73 -8.93
N HIS E 54 -18.37 -11.23 -7.93
CA HIS E 54 -18.67 -12.66 -7.87
C HIS E 54 -19.45 -13.12 -9.11
N ALA E 55 -20.46 -12.36 -9.51
CA ALA E 55 -21.26 -12.74 -10.68
C ALA E 55 -20.37 -12.85 -11.92
N ASP E 56 -19.47 -11.88 -12.08
CA ASP E 56 -18.49 -11.90 -13.18
C ASP E 56 -17.66 -13.19 -13.18
N LYS E 57 -17.09 -13.57 -12.03
CA LYS E 57 -16.29 -14.78 -12.00
C LYS E 57 -17.13 -16.02 -12.30
N LEU E 58 -18.38 -16.06 -11.82
CA LEU E 58 -19.27 -17.17 -12.13
C LEU E 58 -19.58 -17.26 -13.62
N ILE E 59 -19.89 -16.13 -14.24
CA ILE E 59 -20.18 -16.10 -15.66
C ILE E 59 -18.98 -16.61 -16.46
N GLU E 60 -17.78 -16.15 -16.09
CA GLU E 60 -16.56 -16.55 -16.81
C GLU E 60 -16.30 -18.05 -16.66
N ARG E 61 -16.42 -18.58 -15.45
CA ARG E 61 -16.29 -20.03 -15.22
C ARG E 61 -17.31 -20.84 -16.02
N ILE E 62 -18.59 -20.45 -15.96
CA ILE E 62 -19.61 -21.16 -16.72
C ILE E 62 -19.26 -21.19 -18.21
N LEU E 63 -18.86 -20.03 -18.76
CA LEU E 63 -18.49 -19.99 -20.18
C LEU E 63 -17.28 -20.88 -20.48
N PHE E 64 -16.25 -20.85 -19.63
CA PHE E 64 -15.10 -21.72 -19.82
C PHE E 64 -15.53 -23.20 -19.86
N LEU E 65 -16.45 -23.58 -18.98
CA LEU E 65 -17.00 -24.93 -18.89
C LEU E 65 -18.00 -25.24 -20.01
N GLU E 66 -18.19 -24.32 -20.96
CA GLU E 66 -19.05 -24.51 -22.14
C GLU E 66 -20.53 -24.59 -21.78
N GLY E 67 -20.93 -23.90 -20.71
CA GLY E 67 -22.32 -23.69 -20.37
C GLY E 67 -22.80 -22.29 -20.76
N LEU E 68 -24.12 -22.09 -20.60
CA LEU E 68 -24.76 -20.82 -20.89
C LEU E 68 -25.06 -20.11 -19.58
N PRO E 69 -24.45 -18.95 -19.31
CA PRO E 69 -24.79 -18.23 -18.07
C PRO E 69 -26.20 -17.65 -18.16
N ASN E 70 -26.97 -17.85 -17.10
CA ASN E 70 -28.37 -17.41 -17.08
C ASN E 70 -28.41 -16.04 -16.43
N LEU E 71 -28.53 -14.99 -17.25
CA LEU E 71 -28.72 -13.63 -16.74
C LEU E 71 -30.15 -13.13 -16.96
N GLN E 72 -31.03 -14.01 -17.43
CA GLN E 72 -32.39 -13.64 -17.80
C GLN E 72 -33.36 -13.76 -16.64
N ASP E 73 -33.20 -14.79 -15.84
CA ASP E 73 -34.12 -15.04 -14.73
C ASP E 73 -33.62 -14.28 -13.51
N LEU E 74 -34.52 -13.57 -12.87
CA LEU E 74 -34.21 -12.77 -11.70
C LEU E 74 -35.23 -13.13 -10.65
N GLY E 75 -34.79 -13.72 -9.54
CA GLY E 75 -35.68 -14.06 -8.46
C GLY E 75 -36.15 -12.83 -7.69
N LYS E 76 -36.81 -13.11 -6.58
CA LYS E 76 -37.52 -12.08 -5.82
C LYS E 76 -36.55 -11.24 -5.00
N LEU E 77 -36.62 -9.93 -5.16
CA LEU E 77 -35.86 -9.03 -4.29
C LEU E 77 -36.58 -8.90 -2.95
N LEU E 78 -35.81 -8.90 -1.86
CA LEU E 78 -36.33 -8.67 -0.51
C LEU E 78 -35.93 -7.25 -0.11
N ILE E 79 -36.86 -6.30 -0.26
CA ILE E 79 -36.61 -4.87 -0.04
C ILE E 79 -37.27 -4.46 1.27
N GLY E 80 -36.50 -4.01 2.24
CA GLY E 80 -37.14 -3.55 3.47
C GLY E 80 -37.71 -2.14 3.36
N GLU E 81 -38.49 -1.76 4.37
CA GLU E 81 -39.11 -0.44 4.42
C GLU E 81 -38.52 0.46 5.51
N ASN E 82 -37.60 -0.06 6.32
CA ASN E 82 -36.77 0.74 7.20
C ASN E 82 -35.43 0.03 7.39
N THR E 83 -34.51 0.68 8.11
CA THR E 83 -33.13 0.21 8.20
C THR E 83 -33.08 -1.20 8.77
N GLN E 84 -33.79 -1.43 9.87
CA GLN E 84 -33.75 -2.75 10.50
C GLN E 84 -34.25 -3.84 9.55
N GLU E 85 -35.36 -3.58 8.87
CA GLU E 85 -35.90 -4.54 7.92
C GLU E 85 -34.95 -4.76 6.75
N MET E 86 -34.31 -3.69 6.26
CA MET E 86 -33.41 -3.82 5.12
C MET E 86 -32.21 -4.70 5.48
N LEU E 87 -31.65 -4.52 6.68
CA LEU E 87 -30.55 -5.38 7.11
C LEU E 87 -31.02 -6.83 7.26
N GLN E 88 -32.21 -7.03 7.81
CA GLN E 88 -32.72 -8.39 7.98
C GLN E 88 -33.05 -9.04 6.65
N CYS E 89 -33.54 -8.25 5.68
CA CYS E 89 -33.76 -8.79 4.34
C CYS E 89 -32.44 -9.20 3.68
N ASP E 90 -31.40 -8.39 3.87
CA ASP E 90 -30.08 -8.75 3.37
C ASP E 90 -29.59 -10.03 4.03
N LEU E 91 -29.79 -10.13 5.35
CA LEU E 91 -29.31 -11.31 6.08
C LEU E 91 -30.06 -12.56 5.65
N ASN E 92 -31.39 -12.46 5.46
CA ASN E 92 -32.15 -13.62 4.99
C ASN E 92 -31.67 -14.06 3.60
N LEU E 93 -31.39 -13.11 2.71
CA LEU E 93 -30.85 -13.46 1.40
C LEU E 93 -29.50 -14.17 1.52
N GLU E 94 -28.59 -13.63 2.34
CA GLU E 94 -27.27 -14.23 2.51
C GLU E 94 -27.33 -15.66 3.10
N LEU E 95 -28.29 -15.91 3.98
CA LEU E 95 -28.40 -17.25 4.55
C LEU E 95 -28.86 -18.27 3.50
N LYS E 96 -29.76 -17.86 2.61
CA LYS E 96 -30.12 -18.73 1.48
C LYS E 96 -28.93 -18.93 0.54
N ALA E 97 -28.20 -17.85 0.26
CA ALA E 97 -27.04 -17.91 -0.61
C ALA E 97 -25.97 -18.86 -0.08
N THR E 98 -25.66 -18.80 1.22
CA THR E 98 -24.62 -19.69 1.72
C THR E 98 -25.09 -21.14 1.78
N LYS E 99 -26.39 -21.36 1.97
CA LYS E 99 -26.89 -22.73 1.91
C LYS E 99 -26.69 -23.30 0.51
N ASP E 100 -27.03 -22.51 -0.52
CA ASP E 100 -26.84 -22.97 -1.90
C ASP E 100 -25.37 -23.14 -2.23
N LEU E 101 -24.51 -22.27 -1.68
CA LEU E 101 -23.06 -22.39 -1.93
C LEU E 101 -22.52 -23.71 -1.38
N ARG E 102 -22.94 -24.09 -0.17
CA ARG E 102 -22.47 -25.34 0.40
C ARG E 102 -22.91 -26.52 -0.45
N GLU E 103 -24.16 -26.52 -0.90
CA GLU E 103 -24.65 -27.63 -1.72
C GLU E 103 -23.89 -27.70 -3.05
N ALA E 104 -23.57 -26.53 -3.61
CA ALA E 104 -22.80 -26.51 -4.85
C ALA E 104 -21.39 -27.05 -4.62
N ILE E 105 -20.77 -26.70 -3.49
CA ILE E 105 -19.42 -27.18 -3.18
C ILE E 105 -19.43 -28.70 -3.02
N VAL E 106 -20.46 -29.25 -2.37
CA VAL E 106 -20.56 -30.71 -2.24
C VAL E 106 -20.51 -31.36 -3.62
N HIS E 107 -21.30 -30.85 -4.57
CA HIS E 107 -21.36 -31.47 -5.88
C HIS E 107 -20.07 -31.30 -6.66
N CYS E 108 -19.43 -30.13 -6.58
CA CYS E 108 -18.13 -29.95 -7.23
C CYS E 108 -17.12 -30.95 -6.72
N GLU E 109 -17.08 -31.16 -5.41
CA GLU E 109 -16.17 -32.12 -4.81
C GLU E 109 -16.44 -33.53 -5.33
N GLN E 110 -17.72 -33.90 -5.44
CA GLN E 110 -18.10 -35.24 -5.82
C GLN E 110 -17.76 -35.56 -7.28
N VAL E 111 -17.82 -34.58 -8.20
CA VAL E 111 -17.42 -34.80 -9.59
C VAL E 111 -15.99 -34.31 -9.87
N HIS E 112 -15.21 -33.99 -8.82
CA HIS E 112 -13.79 -33.65 -8.93
C HIS E 112 -13.52 -32.32 -9.65
N ASP E 113 -14.46 -31.38 -9.59
CA ASP E 113 -14.23 -30.07 -10.21
C ASP E 113 -13.69 -29.18 -9.10
N TYR E 114 -12.42 -29.38 -8.81
CA TYR E 114 -11.82 -28.76 -7.66
C TYR E 114 -11.60 -27.26 -7.88
N VAL E 115 -11.47 -26.81 -9.14
CA VAL E 115 -11.32 -25.38 -9.39
C VAL E 115 -12.64 -24.64 -9.16
N SER E 116 -13.75 -25.21 -9.64
CA SER E 116 -15.05 -24.65 -9.31
C SER E 116 -15.28 -24.63 -7.80
N ARG E 117 -14.89 -25.71 -7.11
CA ARG E 117 -15.01 -25.68 -5.64
C ARG E 117 -14.21 -24.54 -5.05
N ASP E 118 -13.01 -24.29 -5.56
CA ASP E 118 -12.19 -23.23 -4.96
C ASP E 118 -12.84 -21.86 -5.17
N LEU E 119 -13.36 -21.63 -6.36
CA LEU E 119 -14.06 -20.37 -6.60
C LEU E 119 -15.25 -20.21 -5.66
N LEU E 120 -16.04 -21.28 -5.49
CA LEU E 120 -17.20 -21.18 -4.62
C LEU E 120 -16.81 -20.99 -3.15
N LYS E 121 -15.70 -21.58 -2.74
CA LYS E 121 -15.24 -21.40 -1.36
C LYS E 121 -14.86 -19.94 -1.10
N ASP E 122 -14.18 -19.31 -2.06
CA ASP E 122 -13.85 -17.89 -1.94
C ASP E 122 -15.11 -17.02 -1.83
N ILE E 123 -16.12 -17.29 -2.67
CA ILE E 123 -17.38 -16.57 -2.57
C ILE E 123 -18.02 -16.80 -1.21
N LEU E 124 -18.02 -18.03 -0.74
CA LEU E 124 -18.63 -18.32 0.57
C LEU E 124 -17.93 -17.54 1.66
N GLU E 125 -16.60 -17.43 1.59
CA GLU E 125 -15.86 -16.65 2.57
C GLU E 125 -16.32 -15.19 2.54
N SER E 126 -16.53 -14.64 1.34
CA SER E 126 -17.07 -13.28 1.24
CA SER E 126 -17.07 -13.29 1.24
C SER E 126 -18.49 -13.20 1.80
N GLU E 127 -19.33 -14.22 1.51
CA GLU E 127 -20.70 -14.16 2.02
C GLU E 127 -20.74 -14.30 3.54
N GLU E 128 -19.90 -15.15 4.13
CA GLU E 128 -19.88 -15.23 5.59
C GLU E 128 -19.38 -13.94 6.22
N GLU E 129 -18.46 -13.23 5.56
CA GLU E 129 -18.07 -11.92 6.06
C GLU E 129 -19.24 -10.96 6.02
N HIS E 130 -20.05 -11.02 4.95
CA HIS E 130 -21.24 -10.17 4.88
C HIS E 130 -22.25 -10.53 5.97
N ILE E 131 -22.38 -11.83 6.28
CA ILE E 131 -23.26 -12.26 7.35
C ILE E 131 -22.76 -11.72 8.71
N ASP E 132 -21.45 -11.77 8.93
CA ASP E 132 -20.89 -11.19 10.15
C ASP E 132 -21.23 -9.70 10.27
N TYR E 133 -21.00 -8.95 9.19
CA TYR E 133 -21.33 -7.53 9.16
C TYR E 133 -22.81 -7.31 9.52
N LEU E 134 -23.71 -8.05 8.86
CA LEU E 134 -25.14 -7.83 9.07
C LEU E 134 -25.57 -8.21 10.48
N GLU E 135 -25.15 -9.39 10.96
CA GLU E 135 -25.50 -9.76 12.32
C GLU E 135 -24.98 -8.73 13.32
N THR E 136 -23.76 -8.23 13.09
CA THR E 136 -23.17 -7.24 13.99
C THR E 136 -23.99 -5.94 13.98
N GLN E 137 -24.45 -5.49 12.80
CA GLN E 137 -25.24 -4.26 12.74
C GLN E 137 -26.55 -4.42 13.50
N LEU E 138 -27.23 -5.56 13.33
CA LEU E 138 -28.48 -5.79 14.04
C LEU E 138 -28.23 -5.89 15.54
N GLY E 139 -27.12 -6.49 15.95
CA GLY E 139 -26.76 -6.47 17.37
C GLY E 139 -26.48 -5.06 17.89
N LEU E 140 -25.76 -4.26 17.11
CA LEU E 140 -25.48 -2.89 17.52
C LEU E 140 -26.77 -2.06 17.69
N ILE E 141 -27.74 -2.26 16.82
CA ILE E 141 -29.01 -1.53 16.98
C ILE E 141 -29.60 -1.81 18.36
N GLN E 142 -29.44 -3.04 18.86
CA GLN E 142 -29.98 -3.38 20.17
C GLN E 142 -29.15 -2.76 21.29
N LYS E 143 -27.83 -2.73 21.11
CA LYS E 143 -26.93 -2.28 22.16
C LYS E 143 -26.91 -0.76 22.30
N VAL E 144 -26.88 -0.02 21.19
CA VAL E 144 -26.77 1.44 21.26
C VAL E 144 -28.09 2.15 20.97
N GLY E 145 -29.13 1.44 20.57
CA GLY E 145 -30.39 2.09 20.25
C GLY E 145 -30.46 2.52 18.79
N LEU E 146 -31.68 2.44 18.24
CA LEU E 146 -31.84 2.72 16.81
C LEU E 146 -31.39 4.14 16.48
N GLU E 147 -31.76 5.10 17.34
CA GLU E 147 -31.49 6.50 17.05
CA GLU E 147 -31.48 6.50 17.03
C GLU E 147 -29.98 6.77 16.98
N ASN E 148 -29.23 6.24 17.96
CA ASN E 148 -27.77 6.36 17.92
C ASN E 148 -27.18 5.58 16.75
N TYR E 149 -27.72 4.39 16.48
CA TYR E 149 -27.16 3.59 15.38
C TYR E 149 -27.30 4.35 14.07
N LEU E 150 -28.47 4.92 13.79
CA LEU E 150 -28.63 5.68 12.55
C LEU E 150 -27.79 6.95 12.57
N GLN E 151 -27.68 7.61 13.73
CA GLN E 151 -26.82 8.80 13.81
C GLN E 151 -25.39 8.46 13.37
N SER E 152 -24.87 7.35 13.87
CA SER E 152 -23.51 6.94 13.55
C SER E 152 -23.32 6.55 12.08
N HIS E 153 -24.41 6.46 11.30
CA HIS E 153 -24.32 6.11 9.89
C HIS E 153 -24.77 7.24 8.95
N MET E 154 -24.81 8.47 9.46
CA MET E 154 -25.20 9.62 8.63
C MET E 154 -24.04 10.09 7.76
N HIS E 155 -22.88 10.29 8.36
CA HIS E 155 -21.72 10.86 7.69
C HIS E 155 -20.65 9.79 7.47
N MET F 1 -23.25 -16.21 13.62
CA MET F 1 -23.85 -17.29 12.76
C MET F 1 -23.69 -18.58 13.55
N LYS F 2 -24.76 -19.35 13.77
CA LYS F 2 -24.67 -20.47 14.71
C LYS F 2 -23.87 -21.59 14.08
N GLY F 3 -22.71 -21.89 14.65
CA GLY F 3 -21.87 -22.96 14.13
C GLY F 3 -22.24 -24.31 14.69
N ASP F 4 -21.70 -25.34 14.04
CA ASP F 4 -21.79 -26.71 14.52
C ASP F 4 -21.06 -26.88 15.85
N LYS F 5 -21.74 -27.48 16.84
CA LYS F 5 -21.17 -27.61 18.18
C LYS F 5 -19.84 -28.37 18.18
N LYS F 6 -19.76 -29.45 17.41
CA LYS F 6 -18.53 -30.25 17.40
C LYS F 6 -17.41 -29.53 16.64
N VAL F 7 -17.73 -28.76 15.61
CA VAL F 7 -16.73 -27.89 15.00
C VAL F 7 -16.15 -26.98 16.06
N ILE F 8 -17.01 -26.35 16.86
CA ILE F 8 -16.53 -25.41 17.88
C ILE F 8 -15.64 -26.16 18.86
N GLN F 9 -16.02 -27.38 19.23
CA GLN F 9 -15.16 -28.16 20.12
C GLN F 9 -13.81 -28.45 19.47
N HIS F 10 -13.80 -28.78 18.18
CA HIS F 10 -12.53 -29.03 17.51
C HIS F 10 -11.69 -27.75 17.46
N LEU F 11 -12.32 -26.62 17.16
CA LEU F 11 -11.59 -25.34 17.11
C LEU F 11 -10.99 -25.01 18.48
N ASN F 12 -11.74 -25.28 19.55
CA ASN F 12 -11.20 -25.06 20.89
C ASN F 12 -10.07 -26.02 21.20
N LYS F 13 -10.10 -27.24 20.66
CA LYS F 13 -8.98 -28.15 20.86
C LYS F 13 -7.74 -27.65 20.12
N ILE F 14 -7.90 -27.21 18.87
CA ILE F 14 -6.79 -26.59 18.15
C ILE F 14 -6.28 -25.38 18.92
N LEU F 15 -7.20 -24.51 19.35
CA LEU F 15 -6.80 -23.35 20.13
C LEU F 15 -5.97 -23.75 21.34
N GLY F 16 -6.43 -24.77 22.07
CA GLY F 16 -5.68 -25.25 23.22
C GLY F 16 -4.27 -25.68 22.88
N ASN F 17 -4.08 -26.34 21.73
CA ASN F 17 -2.73 -26.71 21.31
C ASN F 17 -1.89 -25.47 21.04
N GLU F 18 -2.48 -24.46 20.40
CA GLU F 18 -1.72 -23.25 20.11
C GLU F 18 -1.31 -22.54 21.39
N LEU F 19 -2.18 -22.57 22.43
CA LEU F 19 -1.85 -21.86 23.66
C LEU F 19 -0.67 -22.52 24.38
N ILE F 20 -0.62 -23.85 24.34
CA ILE F 20 0.57 -24.56 24.84
C ILE F 20 1.79 -24.12 24.06
N ALA F 21 1.69 -24.15 22.72
CA ALA F 21 2.82 -23.82 21.87
C ALA F 21 3.30 -22.40 22.07
N ILE F 22 2.37 -21.45 22.24
CA ILE F 22 2.78 -20.07 22.48
C ILE F 22 3.75 -20.01 23.66
N ASN F 23 3.36 -20.62 24.78
CA ASN F 23 4.16 -20.53 26.00
C ASN F 23 5.45 -21.37 25.89
N GLN F 24 5.35 -22.55 25.32
CA GLN F 24 6.53 -23.41 25.21
C GLN F 24 7.58 -22.75 24.31
N TYR F 25 7.14 -22.22 23.19
CA TYR F 25 8.07 -21.59 22.28
C TYR F 25 8.60 -20.29 22.86
N PHE F 26 7.77 -19.54 23.57
CA PHE F 26 8.28 -18.31 24.15
C PHE F 26 9.32 -18.61 25.21
N LEU F 27 9.07 -19.62 26.04
CA LEU F 27 10.03 -19.94 27.10
C LEU F 27 11.33 -20.48 26.50
N HIS F 28 11.21 -21.39 25.51
CA HIS F 28 12.40 -21.88 24.83
C HIS F 28 13.19 -20.73 24.21
N SER F 29 12.49 -19.78 23.57
CA SER F 29 13.16 -18.62 23.01
C SER F 29 13.97 -17.88 24.06
N ARG F 30 13.37 -17.62 25.21
CA ARG F 30 14.06 -16.79 26.20
C ARG F 30 15.17 -17.58 26.87
N MET F 31 15.04 -18.91 26.96
CA MET F 31 16.14 -19.75 27.43
C MET F 31 17.34 -19.66 26.48
N TRP F 32 17.09 -19.85 25.18
CA TRP F 32 18.17 -19.76 24.20
C TRP F 32 18.81 -18.37 24.22
N ASN F 33 18.00 -17.31 24.38
CA ASN F 33 18.57 -15.97 24.50
C ASN F 33 19.45 -15.85 25.74
N ASP F 34 18.98 -16.35 26.88
CA ASP F 34 19.78 -16.27 28.10
C ASP F 34 21.11 -17.03 27.94
N TRP F 35 21.10 -18.14 27.19
CA TRP F 35 22.33 -18.91 26.95
C TRP F 35 23.21 -18.30 25.86
N GLY F 36 22.77 -17.23 25.20
CA GLY F 36 23.56 -16.62 24.14
C GLY F 36 23.38 -17.24 22.77
N LEU F 37 22.39 -18.09 22.60
CA LEU F 37 22.09 -18.68 21.31
C LEU F 37 20.97 -17.87 20.65
N LYS F 38 21.34 -16.64 20.24
CA LYS F 38 20.34 -15.65 19.87
C LYS F 38 19.70 -15.91 18.51
N ARG F 39 20.36 -16.65 17.63
CA ARG F 39 19.72 -17.02 16.37
C ARG F 39 18.59 -18.02 16.64
N LEU F 40 18.83 -18.99 17.52
CA LEU F 40 17.75 -19.88 17.96
C LEU F 40 16.69 -19.10 18.71
N GLY F 41 17.12 -18.22 19.63
CA GLY F 41 16.17 -17.42 20.38
C GLY F 41 15.22 -16.64 19.49
N ALA F 42 15.76 -15.99 18.45
CA ALA F 42 14.96 -15.14 17.58
C ALA F 42 14.03 -15.99 16.73
N HIS F 43 14.53 -17.10 16.19
CA HIS F 43 13.68 -17.94 15.36
C HIS F 43 12.53 -18.50 16.18
N GLU F 44 12.83 -18.96 17.40
CA GLU F 44 11.80 -19.52 18.27
C GLU F 44 10.79 -18.46 18.71
N TYR F 45 11.28 -17.24 18.95
CA TYR F 45 10.39 -16.11 19.17
C TYR F 45 9.38 -15.96 18.03
N HIS F 46 9.86 -15.98 16.79
CA HIS F 46 8.95 -15.85 15.65
C HIS F 46 8.00 -17.03 15.55
N GLU F 47 8.42 -18.21 16.00
CA GLU F 47 7.50 -19.34 16.03
C GLU F 47 6.38 -19.09 17.05
N SER F 48 6.71 -18.49 18.20
CA SER F 48 5.70 -18.22 19.22
CA SER F 48 5.69 -18.24 19.21
C SER F 48 4.71 -17.17 18.73
N ILE F 49 5.21 -16.14 18.02
CA ILE F 49 4.35 -15.10 17.44
C ILE F 49 3.40 -15.70 16.41
N ASP F 50 3.90 -16.62 15.58
CA ASP F 50 3.03 -17.27 14.62
C ASP F 50 1.90 -18.01 15.30
N GLU F 51 2.19 -18.71 16.40
CA GLU F 51 1.12 -19.41 17.10
C GLU F 51 0.13 -18.42 17.72
N MET F 52 0.64 -17.29 18.23
CA MET F 52 -0.26 -16.24 18.71
C MET F 52 -1.24 -15.80 17.61
N LYS F 53 -0.74 -15.58 16.40
CA LYS F 53 -1.61 -15.18 15.30
C LYS F 53 -2.63 -16.26 14.96
N HIS F 54 -2.22 -17.54 14.99
CA HIS F 54 -3.17 -18.61 14.77
C HIS F 54 -4.24 -18.61 15.85
N ALA F 55 -3.83 -18.47 17.11
CA ALA F 55 -4.81 -18.46 18.21
C ALA F 55 -5.80 -17.32 18.02
N ASP F 56 -5.31 -16.16 17.57
CA ASP F 56 -6.18 -15.02 17.32
C ASP F 56 -7.26 -15.36 16.29
N LYS F 57 -6.85 -15.92 15.14
CA LYS F 57 -7.83 -16.31 14.12
C LYS F 57 -8.81 -17.35 14.65
N LEU F 58 -8.33 -18.28 15.47
CA LEU F 58 -9.23 -19.30 16.01
C LEU F 58 -10.24 -18.67 16.95
N ILE F 59 -9.78 -17.78 17.83
CA ILE F 59 -10.69 -17.11 18.75
C ILE F 59 -11.76 -16.35 17.97
N GLU F 60 -11.34 -15.62 16.95
CA GLU F 60 -12.27 -14.84 16.13
C GLU F 60 -13.32 -15.72 15.46
N ARG F 61 -12.87 -16.85 14.90
CA ARG F 61 -13.80 -17.79 14.24
C ARG F 61 -14.77 -18.39 15.25
N ILE F 62 -14.28 -18.80 16.42
CA ILE F 62 -15.18 -19.37 17.44
C ILE F 62 -16.26 -18.37 17.83
N LEU F 63 -15.88 -17.12 18.06
CA LEU F 63 -16.85 -16.11 18.44
C LEU F 63 -17.86 -15.85 17.33
N PHE F 64 -17.41 -15.78 16.08
CA PHE F 64 -18.33 -15.61 14.98
C PHE F 64 -19.36 -16.75 14.92
N LEU F 65 -18.93 -17.99 15.16
CA LEU F 65 -19.77 -19.19 15.21
C LEU F 65 -20.58 -19.29 16.49
N GLU F 66 -20.48 -18.28 17.36
CA GLU F 66 -21.29 -18.16 18.57
C GLU F 66 -20.93 -19.23 19.60
N GLY F 67 -19.64 -19.57 19.66
CA GLY F 67 -19.11 -20.39 20.74
C GLY F 67 -18.29 -19.55 21.71
N LEU F 68 -17.79 -20.23 22.73
CA LEU F 68 -16.97 -19.61 23.75
C LEU F 68 -15.53 -20.08 23.61
N PRO F 69 -14.59 -19.21 23.27
CA PRO F 69 -13.19 -19.66 23.15
C PRO F 69 -12.63 -19.96 24.53
N ASN F 70 -12.00 -21.12 24.67
CA ASN F 70 -11.42 -21.57 25.93
C ASN F 70 -9.98 -21.09 26.01
N LEU F 71 -9.74 -20.00 26.75
CA LEU F 71 -8.38 -19.57 27.06
C LEU F 71 -7.99 -19.90 28.49
N GLN F 72 -8.80 -20.71 29.17
CA GLN F 72 -8.61 -21.00 30.59
C GLN F 72 -7.79 -22.25 30.81
N ASP F 73 -8.02 -23.28 30.01
CA ASP F 73 -7.37 -24.57 30.21
C ASP F 73 -6.08 -24.58 29.39
N LEU F 74 -4.97 -24.69 30.09
CA LEU F 74 -3.65 -24.80 29.46
C LEU F 74 -3.11 -26.19 29.73
N GLY F 75 -2.87 -26.95 28.66
CA GLY F 75 -2.26 -28.26 28.74
C GLY F 75 -0.78 -28.22 29.12
N LYS F 76 -0.15 -29.38 29.01
CA LYS F 76 1.18 -29.57 29.56
C LYS F 76 2.26 -29.01 28.64
N LEU F 77 3.06 -28.10 29.17
CA LEU F 77 4.24 -27.61 28.46
C LEU F 77 5.33 -28.67 28.43
N LEU F 78 5.95 -28.83 27.25
CA LEU F 78 7.07 -29.77 27.03
C LEU F 78 8.35 -28.96 26.90
N ILE F 79 9.09 -28.83 28.00
CA ILE F 79 10.23 -27.94 28.10
C ILE F 79 11.49 -28.80 28.15
N GLY F 80 12.41 -28.58 27.22
CA GLY F 80 13.64 -29.33 27.24
C GLY F 80 14.68 -28.72 28.17
N GLU F 81 15.75 -29.48 28.42
CA GLU F 81 16.82 -29.02 29.30
C GLU F 81 18.11 -28.73 28.54
N ASN F 82 18.13 -29.01 27.25
CA ASN F 82 19.23 -28.64 26.38
C ASN F 82 18.66 -28.44 24.99
N THR F 83 19.50 -27.94 24.07
CA THR F 83 19.00 -27.55 22.75
C THR F 83 18.36 -28.73 22.01
N GLN F 84 19.03 -29.88 21.96
CA GLN F 84 18.44 -31.01 21.26
C GLN F 84 17.08 -31.40 21.83
N GLU F 85 16.95 -31.44 23.17
CA GLU F 85 15.68 -31.83 23.80
C GLU F 85 14.59 -30.81 23.52
N MET F 86 14.95 -29.52 23.55
CA MET F 86 13.97 -28.47 23.29
C MET F 86 13.43 -28.59 21.88
N LEU F 87 14.32 -28.78 20.90
CA LEU F 87 13.86 -28.99 19.53
C LEU F 87 12.95 -30.20 19.44
N GLN F 88 13.33 -31.30 20.10
CA GLN F 88 12.50 -32.51 20.05
C GLN F 88 11.17 -32.31 20.76
N CYS F 89 11.14 -31.55 21.85
CA CYS F 89 9.88 -31.25 22.50
C CYS F 89 8.97 -30.40 21.60
N ASP F 90 9.53 -29.38 20.93
CA ASP F 90 8.73 -28.64 19.97
C ASP F 90 8.19 -29.57 18.88
N LEU F 91 9.04 -30.46 18.38
CA LEU F 91 8.60 -31.37 17.32
C LEU F 91 7.48 -32.30 17.82
N ASN F 92 7.62 -32.85 19.02
CA ASN F 92 6.55 -33.71 19.52
C ASN F 92 5.23 -32.95 19.64
N LEU F 93 5.28 -31.71 20.13
CA LEU F 93 4.06 -30.90 20.22
C LEU F 93 3.45 -30.67 18.85
N GLU F 94 4.28 -30.32 17.84
CA GLU F 94 3.77 -30.04 16.50
C GLU F 94 3.12 -31.27 15.86
N LEU F 95 3.70 -32.45 16.10
CA LEU F 95 3.12 -33.68 15.56
C LEU F 95 1.74 -33.95 16.16
N LYS F 96 1.59 -33.71 17.47
CA LYS F 96 0.26 -33.77 18.07
C LYS F 96 -0.65 -32.72 17.44
N ALA F 97 -0.13 -31.50 17.22
CA ALA F 97 -0.95 -30.42 16.68
C ALA F 97 -1.48 -30.74 15.28
N THR F 98 -0.64 -31.30 14.41
CA THR F 98 -1.09 -31.57 13.05
C THR F 98 -2.06 -32.74 13.01
N LYS F 99 -1.91 -33.70 13.91
CA LYS F 99 -2.90 -34.78 14.01
C LYS F 99 -4.27 -34.21 14.37
N ASP F 100 -4.33 -33.35 15.39
CA ASP F 100 -5.60 -32.75 15.76
C ASP F 100 -6.16 -31.87 14.64
N LEU F 101 -5.28 -31.14 13.93
CA LEU F 101 -5.75 -30.31 12.83
C LEU F 101 -6.40 -31.14 11.74
N ARG F 102 -5.80 -32.30 11.40
CA ARG F 102 -6.37 -33.13 10.36
C ARG F 102 -7.75 -33.66 10.75
N GLU F 103 -7.88 -34.13 12.00
CA GLU F 103 -9.17 -34.63 12.48
C GLU F 103 -10.22 -33.52 12.48
N ALA F 104 -9.82 -32.30 12.83
CA ALA F 104 -10.72 -31.16 12.79
C ALA F 104 -11.16 -30.84 11.36
N ILE F 105 -10.24 -30.93 10.39
CA ILE F 105 -10.65 -30.68 9.00
C ILE F 105 -11.66 -31.72 8.53
N VAL F 106 -11.44 -32.99 8.90
CA VAL F 106 -12.38 -34.04 8.47
C VAL F 106 -13.77 -33.68 8.93
N HIS F 107 -13.89 -33.23 10.17
CA HIS F 107 -15.21 -32.93 10.68
C HIS F 107 -15.81 -31.66 10.06
N CYS F 108 -14.99 -30.63 9.82
CA CYS F 108 -15.50 -29.44 9.13
C CYS F 108 -16.06 -29.81 7.76
N GLU F 109 -15.32 -30.64 7.03
CA GLU F 109 -15.77 -31.09 5.72
C GLU F 109 -17.12 -31.80 5.83
N GLN F 110 -17.25 -32.71 6.81
CA GLN F 110 -18.45 -33.51 6.96
C GLN F 110 -19.72 -32.66 7.19
N VAL F 111 -19.61 -31.58 7.97
CA VAL F 111 -20.77 -30.72 8.20
C VAL F 111 -20.77 -29.49 7.29
N HIS F 112 -19.93 -29.47 6.28
CA HIS F 112 -19.92 -28.43 5.26
C HIS F 112 -19.49 -27.07 5.81
N ASP F 113 -18.66 -27.02 6.85
CA ASP F 113 -18.10 -25.74 7.31
C ASP F 113 -16.79 -25.50 6.54
N TYR F 114 -16.95 -25.11 5.29
CA TYR F 114 -15.81 -25.00 4.38
C TYR F 114 -14.88 -23.84 4.76
N VAL F 115 -15.43 -22.77 5.36
CA VAL F 115 -14.60 -21.64 5.75
C VAL F 115 -13.73 -22.00 6.94
N SER F 116 -14.29 -22.71 7.93
CA SER F 116 -13.45 -23.20 9.02
C SER F 116 -12.38 -24.16 8.52
N ARG F 117 -12.73 -25.02 7.58
CA ARG F 117 -11.71 -25.91 7.00
C ARG F 117 -10.57 -25.11 6.37
N ASP F 118 -10.89 -24.06 5.60
CA ASP F 118 -9.86 -23.29 4.92
C ASP F 118 -8.90 -22.65 5.94
N LEU F 119 -9.47 -22.13 7.02
CA LEU F 119 -8.67 -21.56 8.10
C LEU F 119 -7.73 -22.60 8.70
N LEU F 120 -8.26 -23.80 9.00
CA LEU F 120 -7.42 -24.84 9.58
C LEU F 120 -6.38 -25.34 8.59
N LYS F 121 -6.72 -25.41 7.31
CA LYS F 121 -5.73 -25.79 6.32
C LYS F 121 -4.56 -24.79 6.33
N ASP F 122 -4.86 -23.49 6.39
CA ASP F 122 -3.79 -22.49 6.42
C ASP F 122 -2.91 -22.67 7.65
N ILE F 123 -3.52 -22.94 8.81
CA ILE F 123 -2.74 -23.20 10.02
C ILE F 123 -1.90 -24.43 9.85
N LEU F 124 -2.48 -25.48 9.25
CA LEU F 124 -1.73 -26.72 9.04
C LEU F 124 -0.51 -26.49 8.15
N GLU F 125 -0.65 -25.66 7.12
CA GLU F 125 0.50 -25.30 6.28
C GLU F 125 1.61 -24.66 7.11
N SER F 126 1.26 -23.77 8.03
CA SER F 126 2.26 -23.16 8.90
CA SER F 126 2.26 -23.16 8.89
C SER F 126 2.88 -24.18 9.84
N GLU F 127 2.08 -25.11 10.37
CA GLU F 127 2.65 -26.09 11.30
C GLU F 127 3.58 -27.06 10.58
N GLU F 128 3.21 -27.47 9.36
CA GLU F 128 4.10 -28.32 8.57
C GLU F 128 5.40 -27.61 8.23
N GLU F 129 5.35 -26.30 8.01
CA GLU F 129 6.60 -25.55 7.83
C GLU F 129 7.44 -25.57 9.10
N HIS F 130 6.81 -25.47 10.27
CA HIS F 130 7.55 -25.56 11.52
C HIS F 130 8.16 -26.94 11.70
N ILE F 131 7.42 -27.99 11.33
CA ILE F 131 7.97 -29.35 11.41
C ILE F 131 9.19 -29.49 10.53
N ASP F 132 9.10 -28.97 9.30
CA ASP F 132 10.25 -28.99 8.41
C ASP F 132 11.47 -28.31 9.05
N TYR F 133 11.27 -27.11 9.60
CA TYR F 133 12.33 -26.41 10.30
C TYR F 133 12.92 -27.28 11.41
N LEU F 134 12.05 -27.85 12.26
CA LEU F 134 12.52 -28.63 13.41
C LEU F 134 13.27 -29.89 12.98
N GLU F 135 12.71 -30.63 12.02
CA GLU F 135 13.39 -31.85 11.59
C GLU F 135 14.74 -31.50 10.98
N THR F 136 14.79 -30.39 10.25
CA THR F 136 16.03 -29.97 9.62
C THR F 136 17.07 -29.61 10.67
N GLN F 137 16.70 -28.85 11.71
CA GLN F 137 17.66 -28.53 12.77
C GLN F 137 18.20 -29.79 13.42
N LEU F 138 17.33 -30.74 13.74
CA LEU F 138 17.78 -31.97 14.37
C LEU F 138 18.72 -32.75 13.45
N GLY F 139 18.45 -32.71 12.15
CA GLY F 139 19.36 -33.36 11.22
C GLY F 139 20.68 -32.64 11.09
N LEU F 140 20.66 -31.30 11.12
CA LEU F 140 21.91 -30.55 11.03
C LEU F 140 22.81 -30.87 12.20
N ILE F 141 22.23 -31.05 13.38
CA ILE F 141 23.05 -31.37 14.55
C ILE F 141 23.84 -32.65 14.28
N GLN F 142 23.19 -33.65 13.67
CA GLN F 142 23.91 -34.88 13.35
C GLN F 142 24.98 -34.66 12.28
N LYS F 143 24.72 -33.76 11.33
CA LYS F 143 25.64 -33.59 10.21
C LYS F 143 26.86 -32.73 10.57
N VAL F 144 26.66 -31.62 11.30
CA VAL F 144 27.77 -30.71 11.61
C VAL F 144 28.31 -30.90 13.03
N GLY F 145 27.65 -31.68 13.86
CA GLY F 145 28.06 -31.79 15.24
C GLY F 145 27.37 -30.73 16.08
N LEU F 146 27.16 -31.08 17.35
CA LEU F 146 26.41 -30.18 18.22
C LEU F 146 27.14 -28.87 18.42
N GLU F 147 28.46 -28.93 18.65
CA GLU F 147 29.22 -27.71 18.93
C GLU F 147 29.17 -26.73 17.77
N ASN F 148 29.40 -27.21 16.54
CA ASN F 148 29.24 -26.34 15.37
C ASN F 148 27.80 -25.85 15.24
N TYR F 149 26.82 -26.75 15.44
CA TYR F 149 25.42 -26.34 15.35
C TYR F 149 25.13 -25.17 16.28
N LEU F 150 25.54 -25.29 17.55
CA LEU F 150 25.33 -24.23 18.51
C LEU F 150 26.12 -22.98 18.15
N GLN F 151 27.36 -23.14 17.69
CA GLN F 151 28.18 -22.00 17.27
C GLN F 151 27.46 -21.19 16.20
N SER F 152 26.85 -21.88 15.23
CA SER F 152 26.13 -21.28 14.13
C SER F 152 24.85 -20.56 14.56
N HIS F 153 24.40 -20.74 15.80
CA HIS F 153 23.19 -20.07 16.29
C HIS F 153 23.45 -19.10 17.43
N MET F 154 24.72 -18.71 17.63
CA MET F 154 25.06 -17.68 18.62
C MET F 154 24.62 -16.29 18.18
N HIS F 155 24.97 -15.91 16.96
CA HIS F 155 24.80 -14.51 16.54
C HIS F 155 23.56 -14.36 15.67
N MET G 1 52.06 -3.69 -38.77
CA MET G 1 52.59 -5.07 -38.60
C MET G 1 52.42 -5.80 -39.93
N LYS G 2 53.48 -6.41 -40.43
CA LYS G 2 53.42 -7.02 -41.75
C LYS G 2 52.50 -8.24 -41.74
N GLY G 3 51.41 -8.19 -42.51
CA GLY G 3 50.52 -9.33 -42.60
C GLY G 3 50.86 -10.29 -43.75
N ASP G 4 50.26 -11.47 -43.69
CA ASP G 4 50.34 -12.46 -44.76
C ASP G 4 49.60 -11.96 -46.00
N LYS G 5 50.29 -11.98 -47.15
CA LYS G 5 49.72 -11.43 -48.37
C LYS G 5 48.39 -12.07 -48.72
N LYS G 6 48.28 -13.39 -48.54
CA LYS G 6 47.05 -14.05 -48.90
C LYS G 6 45.93 -13.75 -47.90
N VAL G 7 46.28 -13.59 -46.62
CA VAL G 7 45.26 -13.12 -45.66
C VAL G 7 44.69 -11.79 -46.12
N ILE G 8 45.58 -10.86 -46.53
CA ILE G 8 45.11 -9.55 -46.93
C ILE G 8 44.23 -9.66 -48.17
N GLN G 9 44.58 -10.56 -49.10
CA GLN G 9 43.72 -10.80 -50.25
C GLN G 9 42.35 -11.35 -49.83
N HIS G 10 42.32 -12.28 -48.87
CA HIS G 10 41.04 -12.76 -48.37
C HIS G 10 40.25 -11.62 -47.71
N LEU G 11 40.92 -10.80 -46.90
CA LEU G 11 40.22 -9.71 -46.22
C LEU G 11 39.62 -8.74 -47.22
N ASN G 12 40.36 -8.44 -48.29
CA ASN G 12 39.84 -7.57 -49.35
C ASN G 12 38.66 -8.21 -50.08
N LYS G 13 38.71 -9.54 -50.28
CA LYS G 13 37.57 -10.24 -50.84
C LYS G 13 36.33 -10.14 -49.93
N ILE G 14 36.52 -10.31 -48.62
CA ILE G 14 35.39 -10.18 -47.71
C ILE G 14 34.89 -8.73 -47.73
N LEU G 15 35.82 -7.79 -47.70
CA LEU G 15 35.44 -6.39 -47.80
C LEU G 15 34.62 -6.13 -49.06
N GLY G 16 35.03 -6.69 -50.19
CA GLY G 16 34.27 -6.52 -51.42
C GLY G 16 32.84 -7.00 -51.28
N ASN G 17 32.64 -8.13 -50.60
CA ASN G 17 31.27 -8.60 -50.38
C ASN G 17 30.49 -7.64 -49.48
N GLU G 18 31.11 -7.13 -48.42
CA GLU G 18 30.42 -6.17 -47.56
C GLU G 18 30.03 -4.90 -48.34
N LEU G 19 30.91 -4.42 -49.21
CA LEU G 19 30.59 -3.23 -49.99
C LEU G 19 29.41 -3.47 -50.93
N ILE G 20 29.32 -4.66 -51.54
CA ILE G 20 28.13 -5.01 -52.31
C ILE G 20 26.90 -4.97 -51.41
N ALA G 21 26.99 -5.63 -50.25
CA ALA G 21 25.85 -5.72 -49.34
C ALA G 21 25.40 -4.35 -48.84
N ILE G 22 26.34 -3.44 -48.56
CA ILE G 22 25.95 -2.10 -48.11
C ILE G 22 24.98 -1.49 -49.11
N ASN G 23 25.34 -1.50 -50.38
CA ASN G 23 24.57 -0.78 -51.40
C ASN G 23 23.28 -1.50 -51.71
N GLN G 24 23.33 -2.83 -51.79
CA GLN G 24 22.13 -3.62 -52.07
C GLN G 24 21.11 -3.48 -50.95
N TYR G 25 21.56 -3.56 -49.70
CA TYR G 25 20.61 -3.41 -48.59
C TYR G 25 20.11 -1.97 -48.51
N PHE G 26 20.99 -1.00 -48.76
CA PHE G 26 20.53 0.38 -48.68
C PHE G 26 19.47 0.68 -49.74
N LEU G 27 19.68 0.19 -50.96
CA LEU G 27 18.69 0.42 -52.01
C LEU G 27 17.39 -0.33 -51.70
N HIS G 28 17.49 -1.58 -51.24
CA HIS G 28 16.29 -2.32 -50.87
C HIS G 28 15.52 -1.60 -49.77
N SER G 29 16.23 -1.06 -48.78
CA SER G 29 15.59 -0.32 -47.71
C SER G 29 14.78 0.85 -48.26
N ARG G 30 15.40 1.65 -49.12
CA ARG G 30 14.74 2.85 -49.62
C ARG G 30 13.63 2.50 -50.63
N MET G 31 13.78 1.40 -51.37
CA MET G 31 12.66 0.91 -52.18
C MET G 31 11.45 0.56 -51.28
N TRP G 32 11.69 -0.22 -50.22
CA TRP G 32 10.62 -0.58 -49.29
C TRP G 32 9.98 0.65 -48.64
N ASN G 33 10.81 1.63 -48.23
CA ASN G 33 10.23 2.86 -47.70
C ASN G 33 9.38 3.57 -48.75
N ASP G 34 9.88 3.64 -49.98
CA ASP G 34 9.12 4.29 -51.05
C ASP G 34 7.76 3.60 -51.27
N TRP G 35 7.71 2.29 -51.09
CA TRP G 35 6.47 1.55 -51.25
C TRP G 35 5.59 1.56 -50.01
N GLY G 36 5.97 2.26 -48.96
CA GLY G 36 5.18 2.25 -47.75
C GLY G 36 5.36 1.02 -46.87
N LEU G 37 6.37 0.20 -47.12
CA LEU G 37 6.64 -0.96 -46.27
C LEU G 37 7.76 -0.57 -45.29
N LYS G 38 7.41 0.29 -44.34
CA LYS G 38 8.44 0.98 -43.57
C LYS G 38 9.10 0.10 -42.54
N ARG G 39 8.42 -0.98 -42.09
CA ARG G 39 9.09 -1.90 -41.17
C ARG G 39 10.16 -2.71 -41.88
N LEU G 40 9.88 -3.16 -43.10
CA LEU G 40 10.93 -3.75 -43.92
C LEU G 40 12.04 -2.75 -44.21
N GLY G 41 11.67 -1.53 -44.55
CA GLY G 41 12.68 -0.53 -44.84
C GLY G 41 13.61 -0.28 -43.68
N ALA G 42 13.03 -0.12 -42.46
CA ALA G 42 13.84 0.14 -41.27
C ALA G 42 14.73 -1.05 -40.93
N HIS G 43 14.20 -2.26 -41.02
CA HIS G 43 15.07 -3.40 -40.72
C HIS G 43 16.18 -3.52 -41.76
N GLU G 44 15.86 -3.30 -43.04
CA GLU G 44 16.89 -3.42 -44.07
C GLU G 44 17.94 -2.33 -43.93
N TYR G 45 17.52 -1.15 -43.48
CA TYR G 45 18.47 -0.07 -43.22
C TYR G 45 19.47 -0.50 -42.16
N HIS G 46 19.00 -1.13 -41.08
CA HIS G 46 19.91 -1.54 -40.03
C HIS G 46 20.83 -2.66 -40.52
N GLU G 47 20.36 -3.51 -41.43
CA GLU G 47 21.27 -4.49 -42.02
C GLU G 47 22.41 -3.79 -42.79
N SER G 48 22.08 -2.72 -43.52
CA SER G 48 23.10 -1.98 -44.28
CA SER G 48 23.11 -2.00 -44.28
C SER G 48 24.14 -1.37 -43.34
N ILE G 49 23.67 -0.70 -42.28
CA ILE G 49 24.56 -0.16 -41.25
C ILE G 49 25.45 -1.24 -40.65
N ASP G 50 24.87 -2.43 -40.40
CA ASP G 50 25.69 -3.53 -39.87
C ASP G 50 26.84 -3.83 -40.82
N GLU G 51 26.57 -3.87 -42.12
CA GLU G 51 27.59 -4.18 -43.10
C GLU G 51 28.59 -3.04 -43.19
N MET G 52 28.12 -1.80 -43.04
CA MET G 52 29.04 -0.66 -43.01
C MET G 52 30.02 -0.82 -41.87
N LYS G 53 29.53 -1.23 -40.69
CA LYS G 53 30.41 -1.43 -39.54
C LYS G 53 31.41 -2.55 -39.79
N HIS G 54 30.96 -3.64 -40.42
CA HIS G 54 31.89 -4.73 -40.75
C HIS G 54 32.97 -4.25 -41.72
N ALA G 55 32.57 -3.48 -42.73
CA ALA G 55 33.53 -2.96 -43.69
C ALA G 55 34.56 -2.10 -42.98
N ASP G 56 34.11 -1.29 -42.01
CA ASP G 56 35.03 -0.45 -41.25
C ASP G 56 36.08 -1.30 -40.54
N LYS G 57 35.64 -2.36 -39.84
CA LYS G 57 36.61 -3.19 -39.12
C LYS G 57 37.56 -3.87 -40.09
N LEU G 58 37.07 -4.28 -41.26
CA LEU G 58 37.95 -4.92 -42.25
C LEU G 58 38.98 -3.94 -42.79
N ILE G 59 38.53 -2.72 -43.12
CA ILE G 59 39.45 -1.69 -43.58
C ILE G 59 40.53 -1.43 -42.54
N GLU G 60 40.14 -1.31 -41.27
CA GLU G 60 41.09 -1.02 -40.20
C GLU G 60 42.10 -2.15 -40.05
N ARG G 61 41.64 -3.40 -40.11
CA ARG G 61 42.55 -4.54 -40.01
C ARG G 61 43.53 -4.59 -41.17
N ILE G 62 43.05 -4.37 -42.40
CA ILE G 62 43.92 -4.42 -43.56
C ILE G 62 45.00 -3.37 -43.45
N LEU G 63 44.64 -2.15 -43.02
CA LEU G 63 45.65 -1.10 -42.88
C LEU G 63 46.66 -1.43 -41.80
N PHE G 64 46.20 -1.97 -40.68
CA PHE G 64 47.13 -2.42 -39.65
C PHE G 64 48.10 -3.47 -40.18
N LEU G 65 47.63 -4.41 -41.00
CA LEU G 65 48.49 -5.42 -41.59
C LEU G 65 49.30 -4.88 -42.77
N GLU G 66 49.21 -3.57 -43.02
CA GLU G 66 49.99 -2.88 -44.05
C GLU G 66 49.60 -3.31 -45.45
N GLY G 67 48.32 -3.65 -45.63
CA GLY G 67 47.74 -3.78 -46.95
C GLY G 67 46.96 -2.57 -47.38
N LEU G 68 46.45 -2.66 -48.59
CA LEU G 68 45.70 -1.59 -49.23
C LEU G 68 44.24 -2.00 -49.33
N PRO G 69 43.33 -1.41 -48.56
CA PRO G 69 41.92 -1.80 -48.67
C PRO G 69 41.40 -1.38 -50.03
N ASN G 70 40.68 -2.29 -50.67
CA ASN G 70 40.15 -2.06 -52.00
C ASN G 70 38.69 -1.60 -51.88
N LEU G 71 38.46 -0.29 -51.98
CA LEU G 71 37.10 0.24 -52.03
C LEU G 71 36.69 0.65 -53.44
N GLN G 72 37.51 0.30 -54.44
CA GLN G 72 37.29 0.70 -55.82
C GLN G 72 36.46 -0.32 -56.61
N ASP G 73 36.73 -1.60 -56.42
CA ASP G 73 36.10 -2.64 -57.22
C ASP G 73 34.82 -3.03 -56.50
N LEU G 74 33.70 -2.73 -57.13
CA LEU G 74 32.39 -3.06 -56.60
C LEU G 74 31.81 -4.14 -57.50
N GLY G 75 31.54 -5.32 -56.93
CA GLY G 75 30.90 -6.39 -57.67
C GLY G 75 29.43 -6.15 -57.93
N LYS G 76 28.77 -7.19 -58.44
CA LYS G 76 27.40 -7.08 -58.95
C LYS G 76 26.40 -7.00 -57.79
N LEU G 77 25.57 -5.95 -57.79
CA LEU G 77 24.46 -5.86 -56.84
C LEU G 77 23.33 -6.78 -57.29
N LEU G 78 22.73 -7.53 -56.35
CA LEU G 78 21.55 -8.36 -56.64
C LEU G 78 20.31 -7.61 -56.12
N ILE G 79 19.65 -6.87 -57.01
CA ILE G 79 18.52 -6.02 -56.67
C ILE G 79 17.26 -6.73 -57.14
N GLY G 80 16.34 -6.97 -56.23
CA GLY G 80 15.07 -7.51 -56.62
C GLY G 80 14.11 -6.41 -57.00
N GLU G 81 12.96 -6.81 -57.52
CA GLU G 81 11.94 -5.84 -57.89
C GLU G 81 10.63 -6.10 -57.17
N ASN G 82 10.60 -7.07 -56.26
CA ASN G 82 9.47 -7.23 -55.36
C ASN G 82 9.99 -7.80 -54.04
N THR G 83 9.13 -7.77 -53.02
CA THR G 83 9.59 -8.11 -51.68
C THR G 83 10.20 -9.51 -51.60
N GLN G 84 9.52 -10.53 -52.13
CA GLN G 84 10.09 -11.87 -52.00
C GLN G 84 11.41 -11.98 -52.74
N GLU G 85 11.51 -11.36 -53.91
CA GLU G 85 12.74 -11.43 -54.67
C GLU G 85 13.87 -10.65 -53.96
N MET G 86 13.57 -9.50 -53.38
CA MET G 86 14.60 -8.74 -52.68
C MET G 86 15.17 -9.55 -51.52
N LEU G 87 14.30 -10.16 -50.71
CA LEU G 87 14.76 -11.01 -49.64
C LEU G 87 15.60 -12.19 -50.15
N GLN G 88 15.14 -12.83 -51.22
CA GLN G 88 15.92 -13.93 -51.80
C GLN G 88 17.27 -13.44 -52.33
N CYS G 89 17.30 -12.26 -52.95
CA CYS G 89 18.57 -11.67 -53.38
C CYS G 89 19.51 -11.44 -52.20
N ASP G 90 19.00 -10.87 -51.11
CA ASP G 90 19.82 -10.72 -49.92
C ASP G 90 20.35 -12.07 -49.44
N LEU G 91 19.46 -13.07 -49.38
CA LEU G 91 19.87 -14.41 -48.96
C LEU G 91 20.96 -14.97 -49.87
N ASN G 92 20.76 -14.86 -51.19
CA ASN G 92 21.79 -15.36 -52.10
C ASN G 92 23.14 -14.69 -51.85
N LEU G 93 23.13 -13.38 -51.61
CA LEU G 93 24.36 -12.66 -51.36
C LEU G 93 25.03 -13.15 -50.08
N GLU G 94 24.22 -13.37 -49.04
CA GLU G 94 24.75 -13.81 -47.74
C GLU G 94 25.36 -15.19 -47.82
N LEU G 95 24.78 -16.10 -48.60
CA LEU G 95 25.32 -17.44 -48.71
C LEU G 95 26.67 -17.40 -49.42
N LYS G 96 26.82 -16.52 -50.42
CA LYS G 96 28.12 -16.32 -51.03
C LYS G 96 29.09 -15.72 -50.02
N ALA G 97 28.63 -14.77 -49.21
CA ALA G 97 29.50 -14.14 -48.23
C ALA G 97 30.01 -15.14 -47.20
N THR G 98 29.12 -16.01 -46.69
CA THR G 98 29.55 -16.92 -45.63
C THR G 98 30.49 -18.00 -46.16
N LYS G 99 30.29 -18.43 -47.41
CA LYS G 99 31.24 -19.33 -48.06
C LYS G 99 32.63 -18.69 -48.13
N ASP G 100 32.69 -17.42 -48.51
CA ASP G 100 33.97 -16.72 -48.60
C ASP G 100 34.57 -16.51 -47.22
N LEU G 101 33.74 -16.26 -46.22
CA LEU G 101 34.23 -16.10 -44.86
C LEU G 101 34.86 -17.38 -44.34
N ARG G 102 34.25 -18.53 -44.63
CA ARG G 102 34.80 -19.80 -44.17
C ARG G 102 36.15 -20.08 -44.83
N GLU G 103 36.27 -19.82 -46.13
CA GLU G 103 37.55 -20.04 -46.81
C GLU G 103 38.63 -19.12 -46.26
N ALA G 104 38.27 -17.86 -45.94
CA ALA G 104 39.26 -16.94 -45.38
C ALA G 104 39.69 -17.38 -43.98
N ILE G 105 38.75 -17.89 -43.18
CA ILE G 105 39.11 -18.35 -41.85
C ILE G 105 40.09 -19.52 -41.92
N VAL G 106 39.81 -20.51 -42.78
CA VAL G 106 40.75 -21.62 -43.00
C VAL G 106 42.15 -21.09 -43.23
N HIS G 107 42.29 -20.08 -44.10
CA HIS G 107 43.63 -19.61 -44.41
C HIS G 107 44.27 -18.88 -43.24
N CYS G 108 43.49 -18.07 -42.52
CA CYS G 108 44.01 -17.42 -41.32
C CYS G 108 44.53 -18.45 -40.33
N GLU G 109 43.76 -19.54 -40.15
CA GLU G 109 44.19 -20.57 -39.22
C GLU G 109 45.52 -21.18 -39.67
N GLN G 110 45.64 -21.46 -40.96
CA GLN G 110 46.83 -22.14 -41.47
C GLN G 110 48.10 -21.29 -41.31
N VAL G 111 48.00 -19.97 -41.42
CA VAL G 111 49.16 -19.11 -41.26
C VAL G 111 49.21 -18.45 -39.87
N HIS G 112 48.36 -18.87 -38.94
CA HIS G 112 48.43 -18.47 -37.52
C HIS G 112 48.01 -17.03 -37.28
N ASP G 113 47.23 -16.43 -38.18
CA ASP G 113 46.71 -15.07 -37.96
C ASP G 113 45.39 -15.20 -37.20
N TYR G 114 45.52 -15.47 -35.92
CA TYR G 114 44.36 -15.80 -35.11
C TYR G 114 43.49 -14.58 -34.81
N VAL G 115 44.07 -13.38 -34.79
CA VAL G 115 43.27 -12.17 -34.61
C VAL G 115 42.41 -11.89 -35.83
N SER G 116 42.97 -12.01 -37.04
CA SER G 116 42.14 -11.91 -38.24
C SER G 116 41.05 -12.98 -38.27
N ARG G 117 41.37 -14.21 -37.83
CA ARG G 117 40.34 -15.25 -37.77
C ARG G 117 39.19 -14.83 -36.85
N ASP G 118 39.52 -14.28 -35.67
CA ASP G 118 38.48 -13.91 -34.71
C ASP G 118 37.59 -12.80 -35.23
N LEU G 119 38.18 -11.76 -35.85
CA LEU G 119 37.37 -10.77 -36.55
C LEU G 119 36.43 -11.41 -37.57
N LEU G 120 36.95 -12.34 -38.38
CA LEU G 120 36.09 -12.93 -39.41
C LEU G 120 35.01 -13.80 -38.79
N LYS G 121 35.33 -14.50 -37.70
CA LYS G 121 34.34 -15.28 -36.99
C LYS G 121 33.20 -14.39 -36.47
N ASP G 122 33.54 -13.23 -35.90
CA ASP G 122 32.48 -12.30 -35.44
C ASP G 122 31.61 -11.84 -36.60
N ILE G 123 32.22 -11.49 -37.73
CA ILE G 123 31.45 -11.11 -38.91
C ILE G 123 30.57 -12.28 -39.36
N LEU G 124 31.12 -13.49 -39.37
CA LEU G 124 30.34 -14.67 -39.77
C LEU G 124 29.12 -14.89 -38.87
N GLU G 125 29.28 -14.67 -37.56
CA GLU G 125 28.14 -14.75 -36.65
C GLU G 125 27.04 -13.76 -37.02
N SER G 126 27.42 -12.53 -37.38
CA SER G 126 26.42 -11.56 -37.81
CA SER G 126 26.42 -11.56 -37.81
C SER G 126 25.77 -11.98 -39.13
N GLU G 127 26.55 -12.51 -40.08
CA GLU G 127 25.94 -12.88 -41.36
C GLU G 127 25.00 -14.06 -41.20
N GLU G 128 25.33 -15.02 -40.33
CA GLU G 128 24.42 -16.13 -40.07
C GLU G 128 23.17 -15.67 -39.33
N GLU G 129 23.27 -14.63 -38.53
CA GLU G 129 22.07 -14.05 -37.96
C GLU G 129 21.21 -13.40 -39.05
N HIS G 130 21.85 -12.78 -40.05
CA HIS G 130 21.08 -12.20 -41.14
C HIS G 130 20.43 -13.29 -41.98
N ILE G 131 21.15 -14.38 -42.23
CA ILE G 131 20.58 -15.52 -42.92
C ILE G 131 19.36 -16.05 -42.17
N ASP G 132 19.46 -16.17 -40.85
CA ASP G 132 18.31 -16.63 -40.08
C ASP G 132 17.10 -15.70 -40.25
N TYR G 133 17.34 -14.39 -40.17
CA TYR G 133 16.27 -13.43 -40.43
C TYR G 133 15.65 -13.63 -41.80
N LEU G 134 16.48 -13.73 -42.84
CA LEU G 134 15.99 -13.84 -44.21
C LEU G 134 15.20 -15.12 -44.43
N GLU G 135 15.74 -16.25 -44.01
CA GLU G 135 15.02 -17.50 -44.16
C GLU G 135 13.68 -17.44 -43.43
N THR G 136 13.67 -16.82 -42.25
CA THR G 136 12.43 -16.71 -41.49
C THR G 136 11.42 -15.83 -42.23
N GLN G 137 11.87 -14.71 -42.80
CA GLN G 137 10.91 -13.88 -43.53
C GLN G 137 10.31 -14.64 -44.69
N LEU G 138 11.15 -15.34 -45.44
CA LEU G 138 10.68 -16.09 -46.60
C LEU G 138 9.70 -17.19 -46.18
N GLY G 139 10.00 -17.86 -45.07
CA GLY G 139 9.06 -18.83 -44.54
C GLY G 139 7.75 -18.21 -44.10
N LEU G 140 7.83 -17.02 -43.47
CA LEU G 140 6.61 -16.34 -43.04
C LEU G 140 5.71 -16.00 -44.22
N ILE G 141 6.30 -15.56 -45.33
CA ILE G 141 5.49 -15.26 -46.53
C ILE G 141 4.67 -16.48 -46.93
N GLN G 142 5.27 -17.67 -46.82
CA GLN G 142 4.55 -18.91 -47.15
C GLN G 142 3.46 -19.23 -46.12
N LYS G 143 3.73 -18.98 -44.83
CA LYS G 143 2.77 -19.36 -43.80
C LYS G 143 1.59 -18.39 -43.71
N VAL G 144 1.87 -17.08 -43.74
CA VAL G 144 0.80 -16.11 -43.53
C VAL G 144 0.27 -15.55 -44.84
N GLY G 145 0.91 -15.85 -45.96
CA GLY G 145 0.48 -15.30 -47.24
C GLY G 145 1.10 -13.95 -47.51
N LEU G 146 1.32 -13.66 -48.78
CA LEU G 146 2.09 -12.46 -49.14
C LEU G 146 1.37 -11.18 -48.71
N GLU G 147 0.06 -11.12 -48.95
CA GLU G 147 -0.69 -9.92 -48.61
C GLU G 147 -0.64 -9.62 -47.12
N ASN G 148 -0.86 -10.63 -46.26
CA ASN G 148 -0.69 -10.42 -44.82
C ASN G 148 0.75 -10.06 -44.46
N TYR G 149 1.73 -10.75 -45.08
CA TYR G 149 3.10 -10.46 -44.72
C TYR G 149 3.41 -8.98 -44.98
N LEU G 150 3.05 -8.50 -46.16
CA LEU G 150 3.27 -7.10 -46.50
C LEU G 150 2.50 -6.18 -45.55
N GLN G 151 1.24 -6.52 -45.25
CA GLN G 151 0.44 -5.74 -44.33
C GLN G 151 1.16 -5.52 -42.99
N SER G 152 1.74 -6.59 -42.46
CA SER G 152 2.42 -6.55 -41.17
C SER G 152 3.73 -5.77 -41.24
N HIS G 153 4.16 -5.36 -42.43
CA HIS G 153 5.38 -4.58 -42.54
C HIS G 153 5.12 -3.17 -43.04
N MET G 154 3.86 -2.72 -42.99
CA MET G 154 3.60 -1.34 -43.41
C MET G 154 4.09 -0.34 -42.37
N HIS G 155 3.76 -0.56 -41.10
CA HIS G 155 3.96 0.49 -40.10
C HIS G 155 5.15 0.21 -39.18
N MET H 1 -8.46 5.92 41.82
CA MET H 1 -7.85 4.94 42.76
C MET H 1 -7.59 5.62 44.11
N LYS H 2 -8.12 5.12 45.22
CA LYS H 2 -8.09 5.88 46.46
C LYS H 2 -6.66 5.90 47.02
N GLY H 3 -6.07 7.10 47.10
CA GLY H 3 -4.75 7.23 47.64
C GLY H 3 -4.74 7.42 49.15
N ASP H 4 -3.53 7.32 49.70
CA ASP H 4 -3.32 7.57 51.12
C ASP H 4 -3.52 9.05 51.41
N LYS H 5 -4.26 9.35 52.49
CA LYS H 5 -4.64 10.73 52.77
C LYS H 5 -3.40 11.59 52.99
N LYS H 6 -2.46 11.09 53.78
CA LYS H 6 -1.24 11.85 54.05
C LYS H 6 -0.36 12.00 52.82
N VAL H 7 -0.28 10.96 51.96
CA VAL H 7 0.42 11.12 50.69
C VAL H 7 -0.15 12.30 49.93
N ILE H 8 -1.48 12.36 49.83
CA ILE H 8 -2.14 13.46 49.13
C ILE H 8 -1.80 14.80 49.79
N GLN H 9 -1.75 14.84 51.12
CA GLN H 9 -1.38 16.08 51.79
C GLN H 9 0.06 16.47 51.44
N HIS H 10 0.96 15.49 51.40
CA HIS H 10 2.34 15.76 51.00
C HIS H 10 2.38 16.31 49.58
N LEU H 11 1.65 15.68 48.66
CA LEU H 11 1.63 16.11 47.27
C LEU H 11 1.10 17.53 47.15
N ASN H 12 0.06 17.87 47.91
CA ASN H 12 -0.43 19.24 47.89
C ASN H 12 0.58 20.21 48.48
N LYS H 13 1.41 19.75 49.43
CA LYS H 13 2.44 20.63 49.95
C LYS H 13 3.53 20.88 48.91
N ILE H 14 3.94 19.84 48.17
CA ILE H 14 4.89 20.02 47.07
C ILE H 14 4.27 20.94 46.03
N LEU H 15 3.00 20.68 45.68
CA LEU H 15 2.31 21.52 44.71
C LEU H 15 2.35 22.98 45.15
N GLY H 16 2.11 23.21 46.44
CA GLY H 16 2.12 24.57 46.95
C GLY H 16 3.47 25.23 46.74
N ASN H 17 4.54 24.48 46.96
CA ASN H 17 5.89 25.00 46.73
C ASN H 17 6.10 25.32 45.25
N GLU H 18 5.61 24.47 44.36
CA GLU H 18 5.79 24.72 42.92
C GLU H 18 5.02 25.95 42.47
N LEU H 19 3.82 26.19 43.03
CA LEU H 19 3.02 27.37 42.68
C LEU H 19 3.73 28.66 43.09
N ILE H 20 4.36 28.66 44.26
CA ILE H 20 5.21 29.80 44.66
C ILE H 20 6.32 29.99 43.64
N ALA H 21 7.03 28.90 43.31
CA ALA H 21 8.16 28.97 42.40
C ALA H 21 7.75 29.48 41.02
N ILE H 22 6.60 29.06 40.50
CA ILE H 22 6.16 29.53 39.18
C ILE H 22 6.12 31.06 39.18
N ASN H 23 5.47 31.63 40.17
CA ASN H 23 5.24 33.06 40.20
C ASN H 23 6.54 33.78 40.51
N GLN H 24 7.31 33.23 41.43
CA GLN H 24 8.55 33.89 41.79
C GLN H 24 9.52 33.90 40.60
N TYR H 25 9.68 32.76 39.93
CA TYR H 25 10.57 32.71 38.78
C TYR H 25 10.00 33.53 37.62
N PHE H 26 8.68 33.54 37.43
CA PHE H 26 8.16 34.32 36.32
C PHE H 26 8.40 35.80 36.54
N LEU H 27 8.16 36.28 37.76
CA LEU H 27 8.37 37.70 38.04
C LEU H 27 9.85 38.06 37.91
N HIS H 28 10.74 37.23 38.46
CA HIS H 28 12.17 37.48 38.29
C HIS H 28 12.56 37.54 36.83
N SER H 29 12.02 36.63 36.02
CA SER H 29 12.33 36.63 34.59
C SER H 29 11.99 37.96 33.94
N ARG H 30 10.78 38.47 34.23
CA ARG H 30 10.32 39.70 33.60
C ARG H 30 11.03 40.93 34.15
N MET H 31 11.43 40.88 35.42
CA MET H 31 12.27 41.94 35.98
C MET H 31 13.61 41.99 35.25
N TRP H 32 14.27 40.84 35.12
CA TRP H 32 15.52 40.82 34.39
C TRP H 32 15.35 41.30 32.95
N ASN H 33 14.25 40.90 32.28
CA ASN H 33 14.03 41.36 30.92
C ASN H 33 13.87 42.87 30.87
N ASP H 34 13.13 43.43 31.83
CA ASP H 34 12.94 44.88 31.88
C ASP H 34 14.25 45.62 32.12
N TRP H 35 15.16 45.04 32.89
CA TRP H 35 16.47 45.63 33.12
C TRP H 35 17.46 45.41 31.98
N GLY H 36 17.08 44.73 30.91
CA GLY H 36 18.00 44.47 29.83
C GLY H 36 18.91 43.29 30.07
N LEU H 37 18.65 42.47 31.09
CA LEU H 37 19.45 41.28 31.35
C LEU H 37 18.73 40.07 30.75
N LYS H 38 18.75 40.03 29.41
CA LYS H 38 17.87 39.14 28.65
C LYS H 38 18.28 37.68 28.75
N ARG H 39 19.58 37.38 28.95
CA ARG H 39 19.96 35.97 29.12
C ARG H 39 19.47 35.42 30.46
N LEU H 40 19.60 36.20 31.54
CA LEU H 40 18.98 35.79 32.81
C LEU H 40 17.48 35.67 32.68
N GLY H 41 16.84 36.65 32.04
CA GLY H 41 15.39 36.59 31.89
C GLY H 41 14.93 35.34 31.17
N ALA H 42 15.63 34.97 30.07
CA ALA H 42 15.28 33.79 29.31
C ALA H 42 15.47 32.52 30.13
N HIS H 43 16.62 32.42 30.80
CA HIS H 43 16.86 31.24 31.61
C HIS H 43 15.83 31.14 32.74
N GLU H 44 15.49 32.26 33.38
CA GLU H 44 14.53 32.22 34.50
C GLU H 44 13.13 31.88 34.02
N TYR H 45 12.77 32.35 32.82
CA TYR H 45 11.52 31.96 32.20
C TYR H 45 11.44 30.45 32.04
N HIS H 46 12.54 29.83 31.60
CA HIS H 46 12.51 28.38 31.38
C HIS H 46 12.45 27.63 32.70
N GLU H 47 13.03 28.18 33.76
CA GLU H 47 12.84 27.62 35.10
C GLU H 47 11.37 27.71 35.53
N SER H 48 10.70 28.82 35.25
CA SER H 48 9.28 28.95 35.57
CA SER H 48 9.28 28.93 35.60
C SER H 48 8.45 27.92 34.82
N ILE H 49 8.74 27.73 33.52
CA ILE H 49 8.03 26.74 32.71
C ILE H 49 8.22 25.34 33.30
N ASP H 50 9.46 25.01 33.67
CA ASP H 50 9.74 23.72 34.30
C ASP H 50 8.84 23.48 35.52
N GLU H 51 8.73 24.49 36.41
CA GLU H 51 7.88 24.32 37.58
C GLU H 51 6.42 24.18 37.21
N MET H 52 5.99 24.88 36.15
CA MET H 52 4.62 24.72 35.66
C MET H 52 4.36 23.27 35.27
N LYS H 53 5.34 22.63 34.63
CA LYS H 53 5.20 21.24 34.22
C LYS H 53 5.15 20.29 35.42
N HIS H 54 5.99 20.54 36.44
CA HIS H 54 5.91 19.75 37.67
C HIS H 54 4.55 19.91 38.35
N ALA H 55 4.05 21.14 38.45
CA ALA H 55 2.72 21.39 39.02
C ALA H 55 1.67 20.59 38.28
N ASP H 56 1.71 20.62 36.95
CA ASP H 56 0.77 19.85 36.13
C ASP H 56 0.78 18.39 36.54
N LYS H 57 1.97 17.79 36.65
CA LYS H 57 2.06 16.38 36.98
C LYS H 57 1.53 16.09 38.39
N LEU H 58 1.82 16.97 39.35
CA LEU H 58 1.28 16.81 40.69
C LEU H 58 -0.23 16.90 40.69
N ILE H 59 -0.79 17.88 39.97
CA ILE H 59 -2.23 18.02 39.88
C ILE H 59 -2.84 16.73 39.34
N GLU H 60 -2.27 16.21 38.25
CA GLU H 60 -2.78 14.97 37.64
C GLU H 60 -2.71 13.79 38.61
N ARG H 61 -1.61 13.68 39.35
CA ARG H 61 -1.47 12.56 40.28
C ARG H 61 -2.49 12.67 41.41
N ILE H 62 -2.68 13.88 41.96
CA ILE H 62 -3.62 14.06 43.06
C ILE H 62 -5.03 13.69 42.62
N LEU H 63 -5.43 14.14 41.44
CA LEU H 63 -6.75 13.83 40.93
C LEU H 63 -6.93 12.32 40.74
N PHE H 64 -5.91 11.62 40.22
CA PHE H 64 -6.00 10.18 40.07
C PHE H 64 -6.19 9.48 41.42
N LEU H 65 -5.56 10.00 42.46
CA LEU H 65 -5.67 9.44 43.80
C LEU H 65 -6.92 9.91 44.53
N GLU H 66 -7.82 10.61 43.82
CA GLU H 66 -9.10 11.07 44.34
C GLU H 66 -8.95 12.09 45.45
N GLY H 67 -7.89 12.89 45.41
CA GLY H 67 -7.78 14.07 46.25
C GLY H 67 -8.15 15.34 45.49
N LEU H 68 -8.09 16.45 46.22
CA LEU H 68 -8.43 17.76 45.67
C LEU H 68 -7.15 18.58 45.56
N PRO H 69 -6.68 18.91 44.36
CA PRO H 69 -5.46 19.73 44.26
C PRO H 69 -5.74 21.15 44.75
N ASN H 70 -4.86 21.65 45.61
CA ASN H 70 -5.02 22.98 46.22
C ASN H 70 -4.25 23.99 45.39
N LEU H 71 -4.94 24.69 44.49
CA LEU H 71 -4.34 25.81 43.79
C LEU H 71 -4.76 27.15 44.39
N GLN H 72 -5.46 27.14 45.51
CA GLN H 72 -5.99 28.34 46.14
C GLN H 72 -5.00 28.99 47.08
N ASP H 73 -4.30 28.21 47.87
CA ASP H 73 -3.38 28.74 48.87
C ASP H 73 -2.02 28.97 48.22
N LEU H 74 -1.58 30.21 48.24
CA LEU H 74 -0.29 30.60 47.70
C LEU H 74 0.52 31.16 48.86
N GLY H 75 1.65 30.51 49.16
CA GLY H 75 2.56 31.00 50.17
C GLY H 75 3.37 32.19 49.70
N LYS H 76 4.34 32.55 50.53
CA LYS H 76 5.07 33.79 50.37
C LYS H 76 6.11 33.68 49.24
N LEU H 77 6.02 34.62 48.31
CA LEU H 77 7.02 34.78 47.25
C LEU H 77 8.27 35.46 47.80
N LEU H 78 9.44 34.94 47.44
CA LEU H 78 10.72 35.54 47.82
C LEU H 78 11.26 36.30 46.60
N ILE H 79 11.03 37.62 46.57
CA ILE H 79 11.39 38.45 45.45
C ILE H 79 12.59 39.29 45.84
N GLY H 80 13.65 39.20 45.05
CA GLY H 80 14.81 40.02 45.32
C GLY H 80 14.69 41.43 44.73
N GLU H 81 15.66 42.28 45.07
CA GLU H 81 15.67 43.64 44.55
C GLU H 81 16.88 43.92 43.67
N ASN H 82 17.78 42.94 43.52
CA ASN H 82 18.88 42.98 42.56
C ASN H 82 19.22 41.54 42.18
N THR H 83 20.10 41.40 41.20
CA THR H 83 20.33 40.09 40.61
C THR H 83 20.79 39.07 41.64
N GLN H 84 21.76 39.44 42.47
CA GLN H 84 22.29 38.49 43.45
C GLN H 84 21.21 38.06 44.42
N GLU H 85 20.42 39.02 44.90
CA GLU H 85 19.33 38.70 45.80
C GLU H 85 18.29 37.79 45.13
N MET H 86 18.00 38.03 43.86
CA MET H 86 17.00 37.21 43.18
C MET H 86 17.46 35.77 43.07
N LEU H 87 18.74 35.56 42.72
CA LEU H 87 19.28 34.21 42.63
C LEU H 87 19.24 33.53 43.98
N GLN H 88 19.61 34.28 45.03
CA GLN H 88 19.60 33.71 46.38
CA GLN H 88 19.59 33.73 46.40
C GLN H 88 18.19 33.39 46.85
N CYS H 89 17.21 34.25 46.51
CA CYS H 89 15.82 33.94 46.86
C CYS H 89 15.36 32.67 46.17
N ASP H 90 15.74 32.50 44.91
CA ASP H 90 15.43 31.27 44.19
C ASP H 90 16.07 30.09 44.91
N LEU H 91 17.33 30.24 45.35
CA LEU H 91 18.05 29.15 45.98
C LEU H 91 17.42 28.76 47.31
N ASN H 92 17.06 29.77 48.12
CA ASN H 92 16.38 29.49 49.39
C ASN H 92 15.06 28.75 49.18
N LEU H 93 14.27 29.17 48.18
CA LEU H 93 13.02 28.46 47.89
C LEU H 93 13.31 27.01 47.49
N GLU H 94 14.31 26.78 46.65
CA GLU H 94 14.62 25.41 46.21
C GLU H 94 15.10 24.56 47.38
N LEU H 95 15.83 25.14 48.33
CA LEU H 95 16.33 24.34 49.46
C LEU H 95 15.17 23.90 50.35
N LYS H 96 14.17 24.77 50.51
CA LYS H 96 12.94 24.37 51.18
C LYS H 96 12.19 23.31 50.38
N ALA H 97 12.02 23.53 49.07
CA ALA H 97 11.33 22.54 48.23
C ALA H 97 11.96 21.15 48.35
N THR H 98 13.28 21.06 48.27
CA THR H 98 13.89 19.73 48.32
C THR H 98 13.77 19.07 49.69
N LYS H 99 13.82 19.84 50.78
CA LYS H 99 13.54 19.25 52.09
C LYS H 99 12.13 18.65 52.14
N ASP H 100 11.13 19.38 51.63
CA ASP H 100 9.78 18.87 51.64
C ASP H 100 9.64 17.65 50.72
N LEU H 101 10.34 17.66 49.59
CA LEU H 101 10.30 16.51 48.70
C LEU H 101 10.83 15.24 49.38
N ARG H 102 11.96 15.37 50.11
CA ARG H 102 12.51 14.21 50.79
C ARG H 102 11.53 13.66 51.82
N GLU H 103 10.92 14.55 52.60
CA GLU H 103 9.97 14.09 53.60
C GLU H 103 8.78 13.40 52.94
N ALA H 104 8.32 13.92 51.80
CA ALA H 104 7.20 13.28 51.09
C ALA H 104 7.61 11.91 50.57
N ILE H 105 8.84 11.78 50.05
CA ILE H 105 9.28 10.48 49.56
C ILE H 105 9.35 9.46 50.70
N VAL H 106 9.85 9.88 51.88
CA VAL H 106 9.85 8.97 53.03
C VAL H 106 8.46 8.40 53.24
N HIS H 107 7.45 9.26 53.25
CA HIS H 107 6.11 8.80 53.56
C HIS H 107 5.55 7.94 52.42
N CYS H 108 5.79 8.31 51.16
CA CYS H 108 5.38 7.44 50.05
C CYS H 108 5.95 6.03 50.21
N GLU H 109 7.24 5.94 50.57
CA GLU H 109 7.88 4.63 50.75
C GLU H 109 7.21 3.84 51.86
N GLN H 110 6.93 4.49 53.00
CA GLN H 110 6.35 3.78 54.14
C GLN H 110 5.00 3.18 53.80
N VAL H 111 4.19 3.86 52.99
CA VAL H 111 2.85 3.36 52.65
C VAL H 111 2.82 2.67 51.29
N HIS H 112 3.97 2.39 50.70
CA HIS H 112 4.11 1.62 49.45
C HIS H 112 3.54 2.32 48.22
N ASP H 113 3.41 3.64 48.27
CA ASP H 113 3.01 4.39 47.06
C ASP H 113 4.26 4.65 46.22
N TYR H 114 4.71 3.61 45.53
CA TYR H 114 5.98 3.70 44.82
C TYR H 114 5.87 4.55 43.55
N VAL H 115 4.68 4.67 42.96
CA VAL H 115 4.54 5.55 41.79
C VAL H 115 4.61 7.02 42.19
N SER H 116 3.96 7.42 43.29
CA SER H 116 4.12 8.79 43.76
C SER H 116 5.58 9.07 44.12
N ARG H 117 6.26 8.09 44.73
CA ARG H 117 7.67 8.28 45.03
C ARG H 117 8.47 8.54 43.76
N ASP H 118 8.27 7.70 42.74
CA ASP H 118 8.97 7.87 41.47
C ASP H 118 8.74 9.26 40.90
N LEU H 119 7.49 9.77 40.96
CA LEU H 119 7.22 11.11 40.46
C LEU H 119 7.97 12.16 41.27
N LEU H 120 7.97 12.03 42.59
CA LEU H 120 8.66 13.03 43.42
C LEU H 120 10.17 12.96 43.23
N LYS H 121 10.72 11.76 43.03
CA LYS H 121 12.14 11.65 42.75
C LYS H 121 12.51 12.37 41.45
N ASP H 122 11.69 12.22 40.41
CA ASP H 122 11.95 12.94 39.17
C ASP H 122 11.92 14.45 39.40
N ILE H 123 10.94 14.94 40.16
CA ILE H 123 10.89 16.38 40.46
C ILE H 123 12.13 16.78 41.26
N LEU H 124 12.51 15.97 42.23
CA LEU H 124 13.68 16.27 43.05
C LEU H 124 14.93 16.37 42.20
N GLU H 125 15.06 15.51 41.18
CA GLU H 125 16.22 15.60 40.29
C GLU H 125 16.24 16.93 39.55
N SER H 126 15.08 17.38 39.10
CA SER H 126 14.99 18.68 38.45
CA SER H 126 15.00 18.68 38.45
C SER H 126 15.34 19.81 39.41
N GLU H 127 14.87 19.72 40.66
CA GLU H 127 15.15 20.80 41.60
C GLU H 127 16.63 20.83 42.00
N GLU H 128 17.28 19.67 42.12
CA GLU H 128 18.72 19.67 42.39
C GLU H 128 19.51 20.21 41.20
N GLU H 129 19.03 19.99 39.98
CA GLU H 129 19.67 20.61 38.82
C GLU H 129 19.54 22.14 38.90
N HIS H 130 18.38 22.62 39.32
CA HIS H 130 18.21 24.06 39.50
C HIS H 130 19.13 24.60 40.60
N ILE H 131 19.26 23.89 41.71
CA ILE H 131 20.18 24.29 42.77
C ILE H 131 21.59 24.39 42.22
N ASP H 132 22.00 23.41 41.42
CA ASP H 132 23.33 23.49 40.80
C ASP H 132 23.49 24.77 39.97
N TYR H 133 22.51 25.08 39.13
CA TYR H 133 22.57 26.30 38.33
C TYR H 133 22.72 27.55 39.22
N LEU H 134 21.90 27.65 40.25
CA LEU H 134 21.86 28.83 41.12
C LEU H 134 23.16 28.99 41.90
N GLU H 135 23.62 27.91 42.54
CA GLU H 135 24.89 27.97 43.27
C GLU H 135 26.03 28.37 42.33
N THR H 136 26.02 27.84 41.10
CA THR H 136 27.06 28.17 40.14
C THR H 136 27.02 29.64 39.75
N GLN H 137 25.83 30.18 39.52
CA GLN H 137 25.70 31.59 39.20
C GLN H 137 26.25 32.46 40.35
N LEU H 138 25.88 32.13 41.59
CA LEU H 138 26.35 32.91 42.73
C LEU H 138 27.86 32.82 42.86
N GLY H 139 28.43 31.64 42.61
CA GLY H 139 29.89 31.51 42.54
C GLY H 139 30.52 32.34 41.42
N LEU H 140 29.88 32.38 40.24
CA LEU H 140 30.44 33.15 39.13
C LEU H 140 30.48 34.64 39.46
N ILE H 141 29.47 35.16 40.17
CA ILE H 141 29.47 36.57 40.55
C ILE H 141 30.72 36.90 41.37
N GLN H 142 31.14 35.98 42.25
CA GLN H 142 32.35 36.18 43.05
C GLN H 142 33.59 36.07 42.19
N LYS H 143 33.61 35.13 41.24
CA LYS H 143 34.82 34.87 40.47
C LYS H 143 35.06 35.91 39.38
N VAL H 144 34.03 36.35 38.65
CA VAL H 144 34.24 37.29 37.56
C VAL H 144 33.87 38.72 37.93
N GLY H 145 33.28 38.93 39.10
CA GLY H 145 32.82 40.25 39.47
C GLY H 145 31.41 40.50 38.98
N LEU H 146 30.66 41.31 39.74
CA LEU H 146 29.25 41.52 39.44
C LEU H 146 29.06 42.22 38.10
N GLU H 147 29.85 43.26 37.82
CA GLU H 147 29.72 43.99 36.57
C GLU H 147 29.95 43.09 35.35
N ASN H 148 31.00 42.26 35.37
CA ASN H 148 31.19 41.28 34.32
C ASN H 148 30.04 40.27 34.28
N TYR H 149 29.64 39.77 35.45
CA TYR H 149 28.57 38.77 35.46
C TYR H 149 27.32 39.33 34.79
N LEU H 150 26.92 40.55 35.17
CA LEU H 150 25.74 41.15 34.55
C LEU H 150 25.98 41.40 33.07
N GLN H 151 27.20 41.83 32.71
CA GLN H 151 27.50 42.09 31.30
C GLN H 151 27.29 40.84 30.46
N SER H 152 27.76 39.69 30.95
CA SER H 152 27.61 38.43 30.23
C SER H 152 26.16 37.98 30.12
N HIS H 153 25.23 38.59 30.84
CA HIS H 153 23.83 38.17 30.76
C HIS H 153 22.94 39.22 30.12
N MET H 154 23.52 40.20 29.42
CA MET H 154 22.72 41.19 28.70
C MET H 154 22.04 40.60 27.46
N HIS H 155 22.81 39.97 26.58
CA HIS H 155 22.27 39.55 25.27
C HIS H 155 21.69 38.14 25.27
N MET I 1 19.15 -22.72 -42.21
CA MET I 1 20.39 -22.90 -43.04
C MET I 1 20.85 -24.37 -42.90
N LYS I 2 20.96 -25.13 -43.99
CA LYS I 2 21.19 -26.56 -43.83
C LYS I 2 22.53 -26.84 -43.16
N GLY I 3 22.52 -27.40 -41.96
CA GLY I 3 23.76 -27.71 -41.28
C GLY I 3 24.29 -29.09 -41.64
N ASP I 4 25.55 -29.32 -41.25
CA ASP I 4 26.16 -30.63 -41.39
C ASP I 4 25.46 -31.65 -40.46
N LYS I 5 25.03 -32.78 -41.01
CA LYS I 5 24.33 -33.78 -40.20
C LYS I 5 25.11 -34.16 -38.95
N LYS I 6 26.42 -34.35 -39.07
CA LYS I 6 27.17 -34.85 -37.91
C LYS I 6 27.40 -33.76 -36.87
N VAL I 7 27.49 -32.51 -37.31
CA VAL I 7 27.44 -31.38 -36.38
C VAL I 7 26.15 -31.42 -35.58
N ILE I 8 25.03 -31.59 -36.26
CA ILE I 8 23.75 -31.63 -35.56
C ILE I 8 23.71 -32.79 -34.56
N GLN I 9 24.26 -33.95 -34.93
CA GLN I 9 24.32 -35.08 -33.99
C GLN I 9 25.18 -34.75 -32.78
N HIS I 10 26.33 -34.07 -33.00
CA HIS I 10 27.17 -33.67 -31.88
C HIS I 10 26.42 -32.71 -30.97
N LEU I 11 25.70 -31.75 -31.57
CA LEU I 11 24.95 -30.78 -30.77
C LEU I 11 23.87 -31.48 -29.95
N ASN I 12 23.19 -32.47 -30.55
CA ASN I 12 22.19 -33.23 -29.78
C ASN I 12 22.84 -34.06 -28.67
N LYS I 13 24.07 -34.54 -28.87
CA LYS I 13 24.76 -35.23 -27.79
C LYS I 13 25.08 -34.28 -26.65
N ILE I 14 25.59 -33.09 -26.98
CA ILE I 14 25.87 -32.10 -25.96
C ILE I 14 24.58 -31.69 -25.26
N LEU I 15 23.51 -31.49 -26.04
CA LEU I 15 22.21 -31.18 -25.44
C LEU I 15 21.77 -32.27 -24.47
N GLY I 16 21.93 -33.53 -24.88
CA GLY I 16 21.63 -34.64 -23.99
C GLY I 16 22.40 -34.60 -22.68
N ASN I 17 23.68 -34.22 -22.74
CA ASN I 17 24.46 -34.08 -21.49
C ASN I 17 23.92 -32.93 -20.64
N GLU I 18 23.53 -31.82 -21.26
CA GLU I 18 22.98 -30.71 -20.51
C GLU I 18 21.66 -31.10 -19.85
N LEU I 19 20.84 -31.89 -20.55
CA LEU I 19 19.54 -32.27 -20.01
C LEU I 19 19.71 -33.14 -18.77
N ILE I 20 20.68 -34.05 -18.79
CA ILE I 20 20.99 -34.82 -17.59
C ILE I 20 21.45 -33.88 -16.48
N ALA I 21 22.35 -32.94 -16.80
CA ALA I 21 22.90 -32.04 -15.79
C ALA I 21 21.81 -31.14 -15.18
N ILE I 22 20.87 -30.68 -16.01
CA ILE I 22 19.78 -29.84 -15.48
C ILE I 22 19.09 -30.57 -14.33
N ASN I 23 18.63 -31.79 -14.60
CA ASN I 23 17.88 -32.56 -13.60
C ASN I 23 18.74 -32.98 -12.41
N GLN I 24 19.97 -33.41 -12.66
CA GLN I 24 20.84 -33.86 -11.58
C GLN I 24 21.16 -32.72 -10.64
N TYR I 25 21.51 -31.56 -11.19
CA TYR I 25 21.84 -30.43 -10.33
C TYR I 25 20.61 -29.90 -9.62
N PHE I 26 19.46 -29.89 -10.33
CA PHE I 26 18.25 -29.41 -9.68
C PHE I 26 17.88 -30.30 -8.50
N LEU I 27 17.93 -31.63 -8.69
CA LEU I 27 17.61 -32.53 -7.58
C LEU I 27 18.61 -32.39 -6.44
N HIS I 28 19.90 -32.33 -6.77
CA HIS I 28 20.90 -32.10 -5.73
C HIS I 28 20.62 -30.82 -4.96
N SER I 29 20.25 -29.74 -5.66
CA SER I 29 19.98 -28.46 -5.02
C SER I 29 18.86 -28.59 -4.00
N ARG I 30 17.78 -29.26 -4.41
CA ARG I 30 16.61 -29.36 -3.54
C ARG I 30 16.87 -30.33 -2.40
N MET I 31 17.71 -31.34 -2.62
CA MET I 31 18.12 -32.19 -1.52
C MET I 31 18.90 -31.40 -0.48
N TRP I 32 19.90 -30.64 -0.92
CA TRP I 32 20.66 -29.81 0.00
C TRP I 32 19.78 -28.81 0.75
N ASN I 33 18.83 -28.17 0.06
CA ASN I 33 17.91 -27.26 0.75
C ASN I 33 17.10 -27.99 1.81
N ASP I 34 16.55 -29.15 1.45
CA ASP I 34 15.79 -29.96 2.40
C ASP I 34 16.60 -30.31 3.63
N TRP I 35 17.92 -30.53 3.48
CA TRP I 35 18.77 -30.86 4.62
C TRP I 35 19.22 -29.62 5.38
N GLY I 36 18.83 -28.43 4.95
CA GLY I 36 19.26 -27.20 5.59
C GLY I 36 20.62 -26.69 5.17
N LEU I 37 21.19 -27.23 4.10
CA LEU I 37 22.46 -26.74 3.54
C LEU I 37 22.14 -25.78 2.40
N LYS I 38 21.60 -24.63 2.79
CA LYS I 38 21.00 -23.73 1.82
C LYS I 38 22.03 -23.00 0.96
N ARG I 39 23.27 -22.83 1.42
CA ARG I 39 24.26 -22.22 0.54
C ARG I 39 24.67 -23.20 -0.56
N LEU I 40 24.77 -24.51 -0.26
CA LEU I 40 24.98 -25.49 -1.33
C LEU I 40 23.78 -25.56 -2.25
N GLY I 41 22.57 -25.54 -1.67
CA GLY I 41 21.37 -25.61 -2.48
C GLY I 41 21.26 -24.45 -3.46
N ALA I 42 21.57 -23.24 -2.99
CA ALA I 42 21.49 -22.07 -3.86
C ALA I 42 22.54 -22.12 -4.97
N HIS I 43 23.76 -22.51 -4.62
CA HIS I 43 24.78 -22.59 -5.65
C HIS I 43 24.44 -23.65 -6.71
N GLU I 44 23.95 -24.80 -6.26
CA GLU I 44 23.63 -25.89 -7.18
C GLU I 44 22.42 -25.53 -8.05
N TYR I 45 21.50 -24.73 -7.50
CA TYR I 45 20.39 -24.18 -8.29
C TYR I 45 20.92 -23.34 -9.44
N HIS I 46 21.86 -22.44 -9.14
CA HIS I 46 22.42 -21.59 -10.18
C HIS I 46 23.21 -22.41 -11.21
N GLU I 47 23.85 -23.51 -10.79
CA GLU I 47 24.44 -24.42 -11.77
C GLU I 47 23.38 -25.01 -12.69
N SER I 48 22.23 -25.41 -12.13
CA SER I 48 21.16 -25.99 -12.94
CA SER I 48 21.19 -26.00 -12.97
C SER I 48 20.62 -24.96 -13.94
N ILE I 49 20.39 -23.73 -13.47
CA ILE I 49 19.92 -22.68 -14.37
C ILE I 49 20.92 -22.45 -15.50
N ASP I 50 22.22 -22.44 -15.18
CA ASP I 50 23.23 -22.25 -16.23
C ASP I 50 23.14 -23.35 -17.29
N GLU I 51 22.93 -24.60 -16.87
CA GLU I 51 22.80 -25.70 -17.83
C GLU I 51 21.54 -25.51 -18.67
N MET I 52 20.46 -25.00 -18.04
CA MET I 52 19.24 -24.70 -18.79
C MET I 52 19.50 -23.67 -19.88
N LYS I 53 20.27 -22.64 -19.57
CA LYS I 53 20.57 -21.62 -20.57
C LYS I 53 21.42 -22.20 -21.71
N HIS I 54 22.37 -23.07 -21.38
CA HIS I 54 23.15 -23.73 -22.44
C HIS I 54 22.25 -24.57 -23.33
N ALA I 55 21.35 -25.35 -22.70
CA ALA I 55 20.43 -26.18 -23.47
C ALA I 55 19.59 -25.32 -24.41
N ASP I 56 19.14 -24.16 -23.95
CA ASP I 56 18.34 -23.28 -24.79
C ASP I 56 19.12 -22.90 -26.06
N LYS I 57 20.35 -22.44 -25.88
CA LYS I 57 21.15 -22.04 -27.03
C LYS I 57 21.42 -23.20 -27.98
N LEU I 58 21.60 -24.41 -27.44
CA LEU I 58 21.83 -25.57 -28.31
C LEU I 58 20.59 -25.89 -29.12
N ILE I 59 19.43 -25.89 -28.48
CA ILE I 59 18.17 -26.11 -29.17
C ILE I 59 18.01 -25.10 -30.31
N GLU I 60 18.28 -23.81 -30.03
CA GLU I 60 18.09 -22.76 -31.02
C GLU I 60 19.02 -22.94 -32.21
N ARG I 61 20.27 -23.30 -31.94
CA ARG I 61 21.25 -23.54 -33.01
C ARG I 61 20.83 -24.74 -33.87
N ILE I 62 20.43 -25.84 -33.23
CA ILE I 62 20.01 -27.02 -33.97
C ILE I 62 18.85 -26.67 -34.90
N LEU I 63 17.87 -25.89 -34.43
CA LEU I 63 16.74 -25.54 -35.26
C LEU I 63 17.17 -24.65 -36.43
N PHE I 64 18.04 -23.67 -36.16
CA PHE I 64 18.57 -22.85 -37.24
C PHE I 64 19.23 -23.72 -38.31
N LEU I 65 19.98 -24.73 -37.90
CA LEU I 65 20.67 -25.64 -38.81
C LEU I 65 19.73 -26.70 -39.41
N GLU I 66 18.43 -26.59 -39.12
CA GLU I 66 17.40 -27.43 -39.71
C GLU I 66 17.53 -28.87 -39.23
N GLY I 67 17.99 -29.07 -38.00
CA GLY I 67 17.92 -30.35 -37.34
C GLY I 67 16.76 -30.40 -36.36
N LEU I 68 16.59 -31.57 -35.77
CA LEU I 68 15.56 -31.83 -34.78
C LEU I 68 16.21 -31.93 -33.42
N PRO I 69 15.94 -31.01 -32.51
CA PRO I 69 16.51 -31.12 -31.15
C PRO I 69 15.87 -32.28 -30.40
N ASN I 70 16.70 -33.07 -29.74
CA ASN I 70 16.24 -34.29 -29.09
C ASN I 70 16.09 -33.99 -27.59
N LEU I 71 14.86 -33.73 -27.16
CA LEU I 71 14.56 -33.55 -25.75
C LEU I 71 13.87 -34.77 -25.16
N GLN I 72 13.83 -35.88 -25.92
CA GLN I 72 13.12 -37.08 -25.53
C GLN I 72 13.99 -38.04 -24.73
N ASP I 73 15.24 -38.17 -25.13
CA ASP I 73 16.15 -39.14 -24.55
C ASP I 73 16.87 -38.50 -23.38
N LEU I 74 16.75 -39.13 -22.23
CA LEU I 74 17.39 -38.67 -21.01
C LEU I 74 18.31 -39.78 -20.51
N GLY I 75 19.60 -39.50 -20.45
CA GLY I 75 20.57 -40.44 -19.93
C GLY I 75 20.49 -40.59 -18.41
N LYS I 76 21.45 -41.33 -17.88
CA LYS I 76 21.44 -41.71 -16.48
C LYS I 76 21.83 -40.52 -15.60
N LEU I 77 20.96 -40.17 -14.65
CA LEU I 77 21.31 -39.22 -13.61
C LEU I 77 22.20 -39.90 -12.57
N LEU I 78 23.23 -39.19 -12.14
CA LEU I 78 24.13 -39.65 -11.08
C LEU I 78 23.80 -38.88 -9.81
N ILE I 79 23.05 -39.51 -8.91
CA ILE I 79 22.54 -38.87 -7.71
C ILE I 79 23.35 -39.41 -6.53
N GLY I 80 23.98 -38.53 -5.76
CA GLY I 80 24.67 -38.99 -4.58
C GLY I 80 23.72 -39.19 -3.41
N GLU I 81 24.25 -39.78 -2.33
CA GLU I 81 23.48 -39.98 -1.10
C GLU I 81 24.01 -39.18 0.07
N ASN I 82 25.09 -38.44 -0.12
CA ASN I 82 25.60 -37.50 0.87
C ASN I 82 26.36 -36.43 0.10
N THR I 83 26.75 -35.37 0.81
CA THR I 83 27.31 -34.19 0.14
C THR I 83 28.55 -34.57 -0.69
N GLN I 84 29.46 -35.35 -0.11
CA GLN I 84 30.69 -35.73 -0.82
C GLN I 84 30.39 -36.44 -2.13
N GLU I 85 29.48 -37.41 -2.08
CA GLU I 85 29.14 -38.19 -3.27
C GLU I 85 28.41 -37.35 -4.30
N MET I 86 27.52 -36.46 -3.84
CA MET I 86 26.80 -35.59 -4.78
C MET I 86 27.78 -34.70 -5.54
N LEU I 87 28.75 -34.14 -4.83
CA LEU I 87 29.77 -33.33 -5.50
C LEU I 87 30.57 -34.18 -6.48
N GLN I 88 30.96 -35.39 -6.08
CA GLN I 88 31.75 -36.25 -6.97
C GLN I 88 30.90 -36.68 -8.16
N CYS I 89 29.60 -36.91 -7.95
CA CYS I 89 28.70 -37.24 -9.06
C CYS I 89 28.62 -36.11 -10.08
N ASP I 90 28.43 -34.87 -9.61
CA ASP I 90 28.47 -33.72 -10.52
C ASP I 90 29.80 -33.67 -11.27
N LEU I 91 30.90 -33.87 -10.55
CA LEU I 91 32.21 -33.76 -11.19
C LEU I 91 32.36 -34.84 -12.26
N ASN I 92 31.94 -36.08 -11.97
CA ASN I 92 32.02 -37.15 -12.96
C ASN I 92 31.22 -36.81 -14.20
N LEU I 93 30.02 -36.27 -14.00
CA LEU I 93 29.21 -35.82 -15.13
C LEU I 93 29.92 -34.72 -15.93
N GLU I 94 30.50 -33.73 -15.24
CA GLU I 94 31.14 -32.62 -15.95
C GLU I 94 32.35 -33.10 -16.77
N LEU I 95 33.10 -34.07 -16.25
CA LEU I 95 34.27 -34.57 -17.00
C LEU I 95 33.83 -35.30 -18.27
N LYS I 96 32.71 -36.00 -18.22
CA LYS I 96 32.14 -36.57 -19.42
C LYS I 96 31.68 -35.48 -20.38
N ALA I 97 31.05 -34.43 -19.85
CA ALA I 97 30.51 -33.37 -20.70
C ALA I 97 31.63 -32.65 -21.44
N THR I 98 32.75 -32.40 -20.77
CA THR I 98 33.82 -31.65 -21.44
C THR I 98 34.55 -32.52 -22.46
N LYS I 99 34.70 -33.82 -22.19
CA LYS I 99 35.21 -34.73 -23.21
C LYS I 99 34.35 -34.67 -24.46
N ASP I 100 33.04 -34.77 -24.28
CA ASP I 100 32.15 -34.69 -25.43
C ASP I 100 32.21 -33.33 -26.11
N LEU I 101 32.34 -32.26 -25.33
CA LEU I 101 32.44 -30.94 -25.95
C LEU I 101 33.68 -30.83 -26.86
N ARG I 102 34.81 -31.35 -26.39
CA ARG I 102 36.04 -31.29 -27.16
C ARG I 102 35.88 -32.02 -28.48
N GLU I 103 35.25 -33.20 -28.45
CA GLU I 103 35.06 -33.96 -29.67
C GLU I 103 34.14 -33.23 -30.64
N ALA I 104 33.12 -32.54 -30.11
CA ALA I 104 32.21 -31.81 -30.97
C ALA I 104 32.91 -30.60 -31.61
N ILE I 105 33.78 -29.94 -30.87
CA ILE I 105 34.49 -28.78 -31.41
C ILE I 105 35.43 -29.20 -32.54
N VAL I 106 36.20 -30.27 -32.32
CA VAL I 106 37.00 -30.85 -33.42
C VAL I 106 36.16 -30.99 -34.68
N HIS I 107 35.01 -31.64 -34.56
CA HIS I 107 34.20 -31.86 -35.75
C HIS I 107 33.71 -30.54 -36.36
N CYS I 108 33.23 -29.61 -35.53
CA CYS I 108 32.81 -28.33 -36.09
C CYS I 108 33.94 -27.66 -36.85
N GLU I 109 35.15 -27.71 -36.30
CA GLU I 109 36.31 -27.11 -36.97
C GLU I 109 36.57 -27.78 -38.31
N GLN I 110 36.45 -29.10 -38.36
CA GLN I 110 36.72 -29.84 -39.59
C GLN I 110 35.74 -29.48 -40.71
N VAL I 111 34.47 -29.23 -40.39
CA VAL I 111 33.50 -28.90 -41.44
C VAL I 111 33.30 -27.40 -41.57
N HIS I 112 34.08 -26.59 -40.87
CA HIS I 112 34.09 -25.14 -41.00
C HIS I 112 32.83 -24.49 -40.41
N ASP I 113 32.16 -25.16 -39.46
CA ASP I 113 31.03 -24.57 -38.74
C ASP I 113 31.60 -23.80 -37.55
N TYR I 114 32.17 -22.63 -37.85
CA TYR I 114 32.91 -21.88 -36.85
C TYR I 114 32.00 -21.23 -35.82
N VAL I 115 30.76 -20.92 -36.21
CA VAL I 115 29.78 -20.37 -35.25
C VAL I 115 29.35 -21.45 -34.25
N SER I 116 29.07 -22.67 -34.72
CA SER I 116 28.79 -23.74 -33.77
C SER I 116 29.99 -24.00 -32.86
N ARG I 117 31.19 -23.94 -33.41
CA ARG I 117 32.38 -24.05 -32.59
C ARG I 117 32.39 -22.98 -31.50
N ASP I 118 32.08 -21.74 -31.86
CA ASP I 118 32.18 -20.64 -30.90
C ASP I 118 31.19 -20.85 -29.76
N LEU I 119 29.99 -21.34 -30.06
CA LEU I 119 29.01 -21.64 -29.02
C LEU I 119 29.50 -22.73 -28.09
N LEU I 120 30.10 -23.80 -28.65
CA LEU I 120 30.53 -24.91 -27.80
C LEU I 120 31.71 -24.51 -26.95
N LYS I 121 32.60 -23.66 -27.47
CA LYS I 121 33.70 -23.18 -26.67
C LYS I 121 33.19 -22.38 -25.48
N ASP I 122 32.14 -21.57 -25.68
CA ASP I 122 31.56 -20.81 -24.57
C ASP I 122 30.98 -21.77 -23.53
N ILE I 123 30.29 -22.82 -23.98
CA ILE I 123 29.76 -23.80 -23.03
C ILE I 123 30.90 -24.50 -22.32
N LEU I 124 31.97 -24.86 -23.05
CA LEU I 124 33.12 -25.49 -22.43
C LEU I 124 33.74 -24.64 -21.34
N GLU I 125 33.86 -23.32 -21.57
CA GLU I 125 34.38 -22.42 -20.54
C GLU I 125 33.52 -22.48 -19.29
N SER I 126 32.19 -22.43 -19.45
CA SER I 126 31.29 -22.56 -18.31
CA SER I 126 31.29 -22.56 -18.31
C SER I 126 31.48 -23.91 -17.61
N GLU I 127 31.60 -25.00 -18.37
CA GLU I 127 31.76 -26.31 -17.73
C GLU I 127 33.09 -26.42 -16.99
N GLU I 128 34.15 -25.81 -17.52
CA GLU I 128 35.43 -25.86 -16.80
C GLU I 128 35.37 -25.05 -15.51
N GLU I 129 34.68 -23.91 -15.52
CA GLU I 129 34.47 -23.20 -14.25
C GLU I 129 33.68 -24.05 -13.27
N HIS I 130 32.70 -24.82 -13.75
CA HIS I 130 31.99 -25.70 -12.83
C HIS I 130 32.91 -26.78 -12.29
N ILE I 131 33.79 -27.33 -13.13
CA ILE I 131 34.78 -28.28 -12.65
C ILE I 131 35.65 -27.64 -11.58
N ASP I 132 36.14 -26.43 -11.84
CA ASP I 132 36.93 -25.74 -10.82
C ASP I 132 36.17 -25.64 -9.49
N TYR I 133 34.91 -25.22 -9.55
CA TYR I 133 34.11 -25.13 -8.33
C TYR I 133 34.08 -26.48 -7.60
N LEU I 134 33.80 -27.55 -8.35
CA LEU I 134 33.59 -28.87 -7.74
C LEU I 134 34.87 -29.40 -7.11
N GLU I 135 36.00 -29.33 -7.85
CA GLU I 135 37.29 -29.77 -7.33
C GLU I 135 37.68 -28.97 -6.09
N THR I 136 37.32 -27.69 -6.07
CA THR I 136 37.65 -26.85 -4.92
C THR I 136 36.81 -27.24 -3.70
N GLN I 137 35.53 -27.55 -3.89
CA GLN I 137 34.71 -27.98 -2.75
C GLN I 137 35.24 -29.28 -2.16
N LEU I 138 35.54 -30.25 -3.02
CA LEU I 138 36.06 -31.53 -2.54
C LEU I 138 37.39 -31.36 -1.82
N GLY I 139 38.23 -30.44 -2.32
CA GLY I 139 39.46 -30.14 -1.61
C GLY I 139 39.22 -29.43 -0.28
N LEU I 140 38.26 -28.50 -0.23
CA LEU I 140 37.94 -27.86 1.04
C LEU I 140 37.44 -28.86 2.06
N ILE I 141 36.69 -29.88 1.62
CA ILE I 141 36.21 -30.85 2.61
C ILE I 141 37.40 -31.50 3.31
N GLN I 142 38.47 -31.76 2.55
CA GLN I 142 39.66 -32.34 3.15
C GLN I 142 40.40 -31.36 4.05
N LYS I 143 40.33 -30.06 3.75
CA LYS I 143 41.15 -29.09 4.48
C LYS I 143 40.48 -28.65 5.77
N VAL I 144 39.16 -28.45 5.76
CA VAL I 144 38.47 -27.93 6.94
C VAL I 144 37.72 -29.02 7.68
N GLY I 145 37.62 -30.21 7.11
CA GLY I 145 36.84 -31.29 7.68
C GLY I 145 35.39 -31.19 7.25
N LEU I 146 34.74 -32.34 7.19
CA LEU I 146 33.39 -32.39 6.65
C LEU I 146 32.40 -31.58 7.51
N GLU I 147 32.48 -31.69 8.84
CA GLU I 147 31.51 -30.99 9.68
C GLU I 147 31.62 -29.47 9.50
N ASN I 148 32.84 -28.95 9.48
CA ASN I 148 33.01 -27.52 9.21
C ASN I 148 32.54 -27.19 7.80
N TYR I 149 32.86 -28.04 6.80
CA TYR I 149 32.43 -27.73 5.45
C TYR I 149 30.92 -27.59 5.38
N LEU I 150 30.20 -28.55 5.95
CA LEU I 150 28.74 -28.45 5.95
C LEU I 150 28.26 -27.27 6.77
N GLN I 151 28.89 -27.01 7.92
CA GLN I 151 28.49 -25.87 8.74
C GLN I 151 28.53 -24.57 7.94
N SER I 152 29.60 -24.37 7.17
CA SER I 152 29.77 -23.17 6.36
C SER I 152 28.77 -23.07 5.23
N HIS I 153 28.03 -24.14 4.94
CA HIS I 153 27.07 -24.09 3.85
C HIS I 153 25.63 -24.15 4.34
N MET I 154 25.42 -23.90 5.64
CA MET I 154 24.07 -23.90 6.19
C MET I 154 23.30 -22.64 5.79
N HIS I 155 23.91 -21.47 5.94
CA HIS I 155 23.15 -20.21 5.79
C HIS I 155 23.54 -19.43 4.54
N MET J 1 9.50 54.14 32.52
CA MET J 1 8.70 55.38 32.26
C MET J 1 7.69 55.47 33.38
N LYS J 2 7.61 56.59 34.08
CA LYS J 2 6.79 56.62 35.28
C LYS J 2 5.30 56.60 34.89
N GLY J 3 4.59 55.58 35.28
CA GLY J 3 3.18 55.52 34.98
C GLY J 3 2.31 56.18 36.05
N ASP J 4 1.04 56.34 35.70
CA ASP J 4 0.03 56.83 36.63
C ASP J 4 -0.25 55.77 37.71
N LYS J 5 -0.23 56.19 38.98
CA LYS J 5 -0.41 55.23 40.07
C LYS J 5 -1.72 54.46 39.96
N LYS J 6 -2.82 55.16 39.63
CA LYS J 6 -4.11 54.50 39.56
C LYS J 6 -4.19 53.57 38.35
N VAL J 7 -3.55 53.93 37.23
CA VAL J 7 -3.41 52.97 36.13
C VAL J 7 -2.73 51.70 36.62
N ILE J 8 -1.61 51.84 37.30
CA ILE J 8 -0.91 50.65 37.77
C ILE J 8 -1.82 49.84 38.68
N GLN J 9 -2.58 50.52 39.54
CA GLN J 9 -3.50 49.80 40.40
C GLN J 9 -4.54 49.03 39.60
N HIS J 10 -5.10 49.65 38.55
CA HIS J 10 -6.04 48.93 37.71
C HIS J 10 -5.36 47.75 37.03
N LEU J 11 -4.15 47.95 36.50
CA LEU J 11 -3.46 46.86 35.83
C LEU J 11 -3.22 45.71 36.79
N ASN J 12 -2.87 46.01 38.06
CA ASN J 12 -2.70 44.96 39.04
C ASN J 12 -4.02 44.26 39.35
N LYS J 13 -5.14 44.99 39.33
CA LYS J 13 -6.44 44.34 39.51
C LYS J 13 -6.73 43.39 38.35
N ILE J 14 -6.50 43.84 37.11
CA ILE J 14 -6.71 42.96 35.96
C ILE J 14 -5.81 41.74 36.08
N LEU J 15 -4.54 41.95 36.43
CA LEU J 15 -3.61 40.84 36.61
C LEU J 15 -4.12 39.86 37.66
N GLY J 16 -4.60 40.37 38.79
CA GLY J 16 -5.17 39.50 39.80
C GLY J 16 -6.27 38.60 39.26
N ASN J 17 -7.16 39.16 38.43
CA ASN J 17 -8.21 38.36 37.82
C ASN J 17 -7.63 37.30 36.87
N GLU J 18 -6.59 37.66 36.12
CA GLU J 18 -5.96 36.69 35.21
C GLU J 18 -5.32 35.56 36.00
N LEU J 19 -4.71 35.87 37.15
CA LEU J 19 -4.07 34.83 37.96
C LEU J 19 -5.09 33.84 38.54
N ILE J 20 -6.25 34.33 38.98
CA ILE J 20 -7.35 33.45 39.36
C ILE J 20 -7.71 32.54 38.19
N ALA J 21 -7.92 33.15 37.02
CA ALA J 21 -8.39 32.41 35.86
C ALA J 21 -7.39 31.34 35.44
N ILE J 22 -6.10 31.66 35.46
CA ILE J 22 -5.08 30.66 35.13
C ILE J 22 -5.30 29.38 35.95
N ASN J 23 -5.42 29.52 37.28
CA ASN J 23 -5.50 28.35 38.15
C ASN J 23 -6.86 27.64 38.02
N GLN J 24 -7.93 28.43 37.94
CA GLN J 24 -9.27 27.86 37.80
C GLN J 24 -9.40 27.07 36.50
N TYR J 25 -8.97 27.66 35.39
CA TYR J 25 -9.04 26.97 34.12
C TYR J 25 -8.09 25.78 34.06
N PHE J 26 -6.92 25.89 34.69
CA PHE J 26 -5.99 24.76 34.66
C PHE J 26 -6.55 23.59 35.46
N LEU J 27 -7.05 23.85 36.66
CA LEU J 27 -7.63 22.77 37.44
C LEU J 27 -8.83 22.16 36.72
N HIS J 28 -9.74 23.00 36.20
CA HIS J 28 -10.88 22.47 35.44
C HIS J 28 -10.43 21.60 34.27
N SER J 29 -9.37 22.01 33.57
CA SER J 29 -8.84 21.22 32.46
C SER J 29 -8.44 19.83 32.92
N ARG J 30 -7.69 19.76 34.01
CA ARG J 30 -7.19 18.49 34.51
C ARG J 30 -8.29 17.65 35.13
N MET J 31 -9.30 18.29 35.72
CA MET J 31 -10.45 17.53 36.20
C MET J 31 -11.14 16.85 35.03
N TRP J 32 -11.39 17.60 33.95
CA TRP J 32 -12.06 17.04 32.78
C TRP J 32 -11.24 15.91 32.16
N ASN J 33 -9.91 16.09 32.11
CA ASN J 33 -9.05 15.03 31.59
C ASN J 33 -9.14 13.78 32.44
N ASP J 34 -9.13 13.96 33.76
CA ASP J 34 -9.24 12.83 34.68
C ASP J 34 -10.54 12.08 34.42
N TRP J 35 -11.62 12.81 34.16
CA TRP J 35 -12.93 12.22 33.90
C TRP J 35 -13.07 11.63 32.51
N GLY J 36 -12.04 11.70 31.67
CA GLY J 36 -12.13 11.20 30.30
C GLY J 36 -12.80 12.14 29.34
N LEU J 37 -13.01 13.38 29.72
CA LEU J 37 -13.62 14.37 28.83
C LEU J 37 -12.51 15.21 28.18
N LYS J 38 -11.72 14.55 27.35
CA LYS J 38 -10.43 15.12 26.97
C LYS J 38 -10.55 16.26 25.97
N ARG J 39 -11.65 16.35 25.22
CA ARG J 39 -11.81 17.52 24.36
C ARG J 39 -12.12 18.78 25.18
N LEU J 40 -12.93 18.64 26.24
CA LEU J 40 -13.12 19.75 27.17
C LEU J 40 -11.83 20.09 27.87
N GLY J 41 -11.08 19.07 28.28
CA GLY J 41 -9.83 19.31 28.99
C GLY J 41 -8.82 20.02 28.12
N ALA J 42 -8.75 19.65 26.84
CA ALA J 42 -7.82 20.32 25.91
C ALA J 42 -8.22 21.77 25.70
N HIS J 43 -9.50 22.02 25.47
CA HIS J 43 -9.93 23.38 25.22
C HIS J 43 -9.71 24.24 26.45
N GLU J 44 -9.97 23.70 27.63
CA GLU J 44 -9.83 24.49 28.85
C GLU J 44 -8.35 24.76 29.13
N TYR J 45 -7.50 23.81 28.79
CA TYR J 45 -6.06 24.01 28.84
C TYR J 45 -5.64 25.21 28.00
N HIS J 46 -6.18 25.33 26.79
CA HIS J 46 -5.82 26.45 25.94
C HIS J 46 -6.36 27.77 26.50
N GLU J 47 -7.53 27.75 27.14
CA GLU J 47 -8.00 28.95 27.84
C GLU J 47 -7.03 29.36 28.94
N SER J 48 -6.54 28.39 29.72
CA SER J 48 -5.58 28.70 30.76
CA SER J 48 -5.58 28.71 30.77
C SER J 48 -4.31 29.32 30.18
N ILE J 49 -3.80 28.74 29.08
CA ILE J 49 -2.61 29.29 28.41
C ILE J 49 -2.86 30.72 27.96
N ASP J 50 -4.04 30.99 27.35
CA ASP J 50 -4.33 32.35 26.93
C ASP J 50 -4.24 33.32 28.11
N GLU J 51 -4.75 32.92 29.28
CA GLU J 51 -4.71 33.81 30.44
C GLU J 51 -3.27 34.00 30.92
N MET J 52 -2.47 32.95 30.83
CA MET J 52 -1.04 33.08 31.13
C MET J 52 -0.37 34.12 30.25
N LYS J 53 -0.69 34.11 28.93
CA LYS J 53 -0.11 35.10 28.03
C LYS J 53 -0.58 36.50 28.36
N HIS J 54 -1.86 36.67 28.74
CA HIS J 54 -2.32 37.99 29.15
C HIS J 54 -1.61 38.45 30.42
N ALA J 55 -1.46 37.55 31.38
CA ALA J 55 -0.81 37.91 32.62
C ALA J 55 0.62 38.37 32.34
N ASP J 56 1.30 37.68 31.42
CA ASP J 56 2.65 38.07 31.03
C ASP J 56 2.65 39.50 30.48
N LYS J 57 1.72 39.81 29.59
CA LYS J 57 1.74 41.15 29.01
C LYS J 57 1.47 42.21 30.07
N LEU J 58 0.57 41.94 31.01
CA LEU J 58 0.31 42.89 32.08
C LEU J 58 1.51 43.08 32.99
N ILE J 59 2.16 41.98 33.37
CA ILE J 59 3.38 42.06 34.17
C ILE J 59 4.42 42.91 33.48
N GLU J 60 4.63 42.67 32.19
CA GLU J 60 5.64 43.43 31.46
C GLU J 60 5.29 44.91 31.44
N ARG J 61 4.01 45.24 31.27
CA ARG J 61 3.58 46.64 31.17
C ARG J 61 3.70 47.36 32.51
N ILE J 62 3.30 46.70 33.59
CA ILE J 62 3.44 47.26 34.92
C ILE J 62 4.91 47.58 35.21
N LEU J 63 5.82 46.65 34.93
CA LEU J 63 7.24 46.88 35.16
C LEU J 63 7.74 48.06 34.33
N PHE J 64 7.35 48.14 33.06
CA PHE J 64 7.78 49.26 32.24
C PHE J 64 7.30 50.57 32.84
N LEU J 65 6.11 50.58 33.44
CA LEU J 65 5.57 51.78 34.06
C LEU J 65 6.12 52.01 35.46
N GLU J 66 7.13 51.24 35.86
CA GLU J 66 7.84 51.37 37.14
C GLU J 66 6.93 51.04 38.33
N GLY J 67 5.99 50.12 38.13
CA GLY J 67 5.18 49.59 39.21
C GLY J 67 5.67 48.20 39.61
N LEU J 68 5.06 47.70 40.68
CA LEU J 68 5.35 46.33 41.14
C LEU J 68 4.19 45.41 40.79
N PRO J 69 4.37 44.45 39.89
CA PRO J 69 3.29 43.51 39.58
C PRO J 69 2.99 42.63 40.78
N ASN J 70 1.70 42.53 41.16
CA ASN J 70 1.27 41.74 42.33
C ASN J 70 0.95 40.30 41.89
N LEU J 71 1.88 39.37 42.13
CA LEU J 71 1.66 37.95 41.91
C LEU J 71 1.44 37.20 43.22
N GLN J 72 1.35 37.93 44.33
CA GLN J 72 1.25 37.35 45.67
C GLN J 72 -0.18 37.15 46.10
N ASP J 73 -1.06 38.08 45.76
CA ASP J 73 -2.44 38.01 46.22
C ASP J 73 -3.22 37.22 45.19
N LEU J 74 -3.80 36.14 45.65
CA LEU J 74 -4.59 35.27 44.80
C LEU J 74 -6.00 35.31 45.36
N GLY J 75 -6.94 35.78 44.56
CA GLY J 75 -8.34 35.79 44.93
C GLY J 75 -8.99 34.40 44.87
N LYS J 76 -10.31 34.39 45.04
CA LYS J 76 -11.05 33.15 45.24
C LYS J 76 -11.27 32.44 43.91
N LEU J 77 -10.79 31.20 43.83
CA LEU J 77 -11.10 30.31 42.70
C LEU J 77 -12.55 29.82 42.79
N LEU J 78 -13.25 29.82 41.65
CA LEU J 78 -14.61 29.29 41.50
C LEU J 78 -14.50 27.94 40.80
N ILE J 79 -14.44 26.86 41.58
CA ILE J 79 -14.24 25.52 41.03
C ILE J 79 -15.59 24.79 41.04
N GLY J 80 -16.05 24.37 39.89
CA GLY J 80 -17.26 23.57 39.86
C GLY J 80 -17.04 22.10 40.26
N GLU J 81 -18.14 21.37 40.47
CA GLU J 81 -18.10 19.94 40.77
C GLU J 81 -18.67 19.08 39.65
N ASN J 82 -19.13 19.69 38.56
CA ASN J 82 -19.55 18.97 37.36
C ASN J 82 -19.38 19.91 36.17
N THR J 83 -19.53 19.36 34.96
CA THR J 83 -19.26 20.14 33.76
C THR J 83 -20.10 21.41 33.71
N GLN J 84 -21.39 21.32 34.02
CA GLN J 84 -22.22 22.50 33.94
C GLN J 84 -21.74 23.59 34.90
N GLU J 85 -21.39 23.21 36.14
CA GLU J 85 -20.93 24.21 37.11
C GLU J 85 -19.58 24.80 36.71
N MET J 86 -18.68 23.96 36.17
CA MET J 86 -17.35 24.45 35.79
C MET J 86 -17.47 25.53 34.71
N LEU J 87 -18.29 25.27 33.68
CA LEU J 87 -18.53 26.27 32.65
C LEU J 87 -19.18 27.52 33.22
N GLN J 88 -20.16 27.36 34.12
CA GLN J 88 -20.80 28.53 34.70
C GLN J 88 -19.84 29.31 35.59
N CYS J 89 -18.99 28.61 36.34
CA CYS J 89 -17.99 29.29 37.16
C CYS J 89 -16.99 30.07 36.31
N ASP J 90 -16.56 29.48 35.19
CA ASP J 90 -15.71 30.22 34.26
C ASP J 90 -16.41 31.46 33.75
N LEU J 91 -17.70 31.33 33.37
CA LEU J 91 -18.43 32.46 32.81
C LEU J 91 -18.60 33.57 33.86
N ASN J 92 -18.98 33.20 35.09
CA ASN J 92 -19.07 34.19 36.16
C ASN J 92 -17.76 34.94 36.34
N LEU J 93 -16.63 34.21 36.36
CA LEU J 93 -15.33 34.86 36.48
C LEU J 93 -15.07 35.78 35.30
N GLU J 94 -15.40 35.34 34.07
CA GLU J 94 -15.18 36.19 32.89
C GLU J 94 -16.00 37.48 32.96
N LEU J 95 -17.23 37.40 33.46
CA LEU J 95 -18.08 38.61 33.50
C LEU J 95 -17.54 39.63 34.51
N LYS J 96 -16.99 39.15 35.62
CA LYS J 96 -16.31 40.07 36.54
C LYS J 96 -15.08 40.67 35.87
N ALA J 97 -14.29 39.84 35.19
CA ALA J 97 -13.08 40.32 34.54
C ALA J 97 -13.39 41.40 33.52
N THR J 98 -14.45 41.22 32.73
CA THR J 98 -14.71 42.21 31.69
C THR J 98 -15.24 43.51 32.31
N LYS J 99 -16.00 43.42 33.39
CA LYS J 99 -16.40 44.63 34.12
C LYS J 99 -15.17 45.39 34.59
N ASP J 100 -14.21 44.68 35.17
CA ASP J 100 -13.00 45.35 35.66
C ASP J 100 -12.19 45.93 34.49
N LEU J 101 -12.10 45.20 33.38
CA LEU J 101 -11.40 45.72 32.20
C LEU J 101 -12.03 47.02 31.72
N ARG J 102 -13.35 47.08 31.68
CA ARG J 102 -14.03 48.29 31.23
C ARG J 102 -13.67 49.48 32.12
N GLU J 103 -13.70 49.28 33.45
CA GLU J 103 -13.37 50.39 34.36
C GLU J 103 -11.90 50.80 34.19
N ALA J 104 -11.01 49.84 33.93
CA ALA J 104 -9.60 50.16 33.74
C ALA J 104 -9.41 50.99 32.49
N ILE J 105 -10.14 50.65 31.43
CA ILE J 105 -10.00 51.38 30.19
C ILE J 105 -10.49 52.82 30.35
N VAL J 106 -11.58 53.03 31.09
CA VAL J 106 -12.07 54.37 31.35
C VAL J 106 -10.96 55.22 31.95
N HIS J 107 -10.28 54.68 32.97
CA HIS J 107 -9.27 55.49 33.63
C HIS J 107 -8.08 55.73 32.73
N CYS J 108 -7.62 54.69 32.00
CA CYS J 108 -6.52 54.87 31.05
C CYS J 108 -6.83 55.98 30.06
N GLU J 109 -8.05 55.98 29.53
CA GLU J 109 -8.46 57.02 28.61
C GLU J 109 -8.41 58.40 29.27
N GLN J 110 -8.81 58.48 30.54
CA GLN J 110 -8.89 59.80 31.18
C GLN J 110 -7.51 60.36 31.46
N VAL J 111 -6.51 59.52 31.75
CA VAL J 111 -5.18 60.03 31.97
C VAL J 111 -4.29 59.90 30.73
N HIS J 112 -4.87 59.59 29.57
CA HIS J 112 -4.17 59.56 28.29
C HIS J 112 -3.12 58.46 28.20
N ASP J 113 -3.23 57.37 28.98
CA ASP J 113 -2.35 56.21 28.83
C ASP J 113 -2.96 55.33 27.73
N TYR J 114 -2.76 55.75 26.49
CA TYR J 114 -3.44 55.11 25.39
C TYR J 114 -2.84 53.75 25.03
N VAL J 115 -1.55 53.53 25.34
CA VAL J 115 -0.96 52.23 25.11
C VAL J 115 -1.50 51.20 26.11
N SER J 116 -1.59 51.55 27.40
CA SER J 116 -2.25 50.65 28.34
C SER J 116 -3.68 50.36 27.91
N ARG J 117 -4.40 51.39 27.44
CA ARG J 117 -5.76 51.16 26.98
C ARG J 117 -5.79 50.11 25.87
N ASP J 118 -4.88 50.24 24.89
CA ASP J 118 -4.85 49.32 23.75
C ASP J 118 -4.59 47.88 24.19
N LEU J 119 -3.66 47.69 25.13
CA LEU J 119 -3.44 46.36 25.70
C LEU J 119 -4.70 45.82 26.37
N LEU J 120 -5.36 46.65 27.16
CA LEU J 120 -6.56 46.18 27.85
C LEU J 120 -7.68 45.87 26.86
N LYS J 121 -7.80 46.65 25.79
CA LYS J 121 -8.81 46.37 24.79
C LYS J 121 -8.55 45.02 24.14
N ASP J 122 -7.30 44.71 23.84
CA ASP J 122 -6.99 43.41 23.24
C ASP J 122 -7.32 42.28 24.21
N ILE J 123 -6.98 42.43 25.48
CA ILE J 123 -7.37 41.40 26.45
C ILE J 123 -8.89 41.28 26.54
N LEU J 124 -9.60 42.42 26.52
CA LEU J 124 -11.06 42.40 26.56
C LEU J 124 -11.64 41.66 25.35
N GLU J 125 -11.05 41.83 24.17
CA GLU J 125 -11.51 41.07 23.00
C GLU J 125 -11.36 39.57 23.23
N SER J 126 -10.21 39.14 23.78
CA SER J 126 -10.02 37.73 24.12
CA SER J 126 -10.01 37.73 24.13
C SER J 126 -11.04 37.26 25.14
N GLU J 127 -11.29 38.07 26.19
CA GLU J 127 -12.24 37.62 27.21
C GLU J 127 -13.65 37.52 26.65
N GLU J 128 -14.07 38.45 25.77
CA GLU J 128 -15.39 38.33 25.15
C GLU J 128 -15.46 37.12 24.23
N GLU J 129 -14.34 36.76 23.58
CA GLU J 129 -14.32 35.50 22.83
C GLU J 129 -14.53 34.30 23.77
N HIS J 130 -13.91 34.33 24.96
CA HIS J 130 -14.12 33.25 25.91
C HIS J 130 -15.57 33.22 26.41
N ILE J 131 -16.14 34.39 26.66
CA ILE J 131 -17.55 34.44 27.05
C ILE J 131 -18.42 33.83 25.97
N ASP J 132 -18.14 34.17 24.72
CA ASP J 132 -18.87 33.55 23.61
C ASP J 132 -18.76 32.02 23.66
N TYR J 133 -17.54 31.52 23.82
CA TYR J 133 -17.37 30.08 23.87
C TYR J 133 -18.19 29.47 25.01
N LEU J 134 -18.12 30.10 26.18
CA LEU J 134 -18.79 29.57 27.36
C LEU J 134 -20.30 29.61 27.22
N GLU J 135 -20.84 30.74 26.76
CA GLU J 135 -22.29 30.85 26.56
C GLU J 135 -22.77 29.82 25.57
N THR J 136 -21.98 29.59 24.52
CA THR J 136 -22.33 28.63 23.49
C THR J 136 -22.33 27.20 24.05
N GLN J 137 -21.33 26.85 24.87
CA GLN J 137 -21.30 25.52 25.47
C GLN J 137 -22.53 25.30 26.33
N LEU J 138 -22.86 26.27 27.19
CA LEU J 138 -24.02 26.09 28.04
C LEU J 138 -25.30 25.97 27.20
N GLY J 139 -25.36 26.70 26.09
CA GLY J 139 -26.48 26.56 25.17
C GLY J 139 -26.52 25.19 24.49
N LEU J 140 -25.36 24.68 24.09
CA LEU J 140 -25.33 23.36 23.48
C LEU J 140 -25.80 22.27 24.45
N ILE J 141 -25.40 22.36 25.72
CA ILE J 141 -25.87 21.39 26.71
C ILE J 141 -27.40 21.33 26.72
N GLN J 142 -28.05 22.49 26.55
CA GLN J 142 -29.50 22.52 26.41
C GLN J 142 -29.98 21.92 25.09
N LYS J 143 -29.34 22.26 23.97
CA LYS J 143 -29.88 21.81 22.69
C LYS J 143 -29.60 20.33 22.39
N VAL J 144 -28.44 19.80 22.77
CA VAL J 144 -28.12 18.40 22.45
C VAL J 144 -28.34 17.49 23.66
N GLY J 145 -28.57 18.04 24.83
CA GLY J 145 -28.71 17.24 26.05
C GLY J 145 -27.36 17.00 26.68
N LEU J 146 -27.35 16.81 28.02
CA LEU J 146 -26.07 16.72 28.72
C LEU J 146 -25.30 15.47 28.31
N GLU J 147 -25.97 14.32 28.19
CA GLU J 147 -25.27 13.08 27.86
C GLU J 147 -24.60 13.18 26.50
N ASN J 148 -25.31 13.71 25.50
CA ASN J 148 -24.70 13.94 24.18
C ASN J 148 -23.56 14.94 24.26
N TYR J 149 -23.75 16.02 25.02
CA TYR J 149 -22.72 17.04 25.09
C TYR J 149 -21.45 16.46 25.67
N LEU J 150 -21.59 15.69 26.75
CA LEU J 150 -20.43 15.05 27.34
C LEU J 150 -19.85 14.02 26.40
N GLN J 151 -20.71 13.24 25.72
CA GLN J 151 -20.22 12.27 24.76
C GLN J 151 -19.35 12.93 23.68
N SER J 152 -19.82 14.06 23.16
CA SER J 152 -19.09 14.76 22.13
C SER J 152 -17.75 15.33 22.59
N HIS J 153 -17.46 15.32 23.89
CA HIS J 153 -16.21 15.88 24.40
C HIS J 153 -15.31 14.82 25.03
N MET J 154 -15.60 13.53 24.77
CA MET J 154 -14.74 12.47 25.26
C MET J 154 -13.41 12.44 24.50
N HIS J 155 -13.46 12.50 23.17
CA HIS J 155 -12.26 12.33 22.35
C HIS J 155 -11.73 13.64 21.76
N MET K 1 23.22 -15.02 37.24
CA MET K 1 23.60 -14.41 38.55
C MET K 1 22.59 -14.90 39.59
N LYS K 2 23.07 -15.57 40.63
CA LYS K 2 22.20 -16.23 41.59
C LYS K 2 21.27 -15.23 42.28
N GLY K 3 19.96 -15.34 42.05
CA GLY K 3 19.01 -14.47 42.70
C GLY K 3 18.48 -15.01 44.03
N ASP K 4 17.88 -14.12 44.83
CA ASP K 4 17.19 -14.49 46.06
C ASP K 4 15.99 -15.38 45.75
N LYS K 5 15.90 -16.52 46.43
CA LYS K 5 14.82 -17.47 46.14
C LYS K 5 13.44 -16.81 46.25
N LYS K 6 13.22 -16.04 47.32
CA LYS K 6 11.91 -15.43 47.51
C LYS K 6 11.64 -14.32 46.49
N VAL K 7 12.66 -13.57 46.08
CA VAL K 7 12.45 -12.63 44.98
C VAL K 7 11.94 -13.37 43.75
N ILE K 8 12.56 -14.52 43.43
CA ILE K 8 12.14 -15.25 42.23
C ILE K 8 10.71 -15.76 42.39
N GLN K 9 10.33 -16.20 43.58
CA GLN K 9 8.95 -16.58 43.82
C GLN K 9 8.00 -15.39 43.63
N HIS K 10 8.37 -14.23 44.15
CA HIS K 10 7.59 -13.02 43.88
C HIS K 10 7.50 -12.77 42.38
N LEU K 11 8.64 -12.85 41.67
CA LEU K 11 8.61 -12.58 40.23
C LEU K 11 7.69 -13.56 39.51
N ASN K 12 7.67 -14.83 39.94
CA ASN K 12 6.76 -15.78 39.29
C ASN K 12 5.30 -15.51 39.64
N LYS K 13 5.02 -15.01 40.85
CA LYS K 13 3.66 -14.64 41.18
C LYS K 13 3.18 -13.48 40.31
N ILE K 14 4.02 -12.45 40.12
CA ILE K 14 3.63 -11.35 39.23
C ILE K 14 3.45 -11.87 37.80
N LEU K 15 4.36 -12.74 37.35
CA LEU K 15 4.23 -13.32 36.03
C LEU K 15 2.90 -14.06 35.88
N GLY K 16 2.51 -14.84 36.89
CA GLY K 16 1.24 -15.50 36.83
C GLY K 16 0.08 -14.53 36.64
N ASN K 17 0.10 -13.40 37.36
CA ASN K 17 -0.93 -12.38 37.15
C ASN K 17 -0.93 -11.86 35.73
N GLU K 18 0.27 -11.62 35.16
CA GLU K 18 0.33 -11.12 33.79
C GLU K 18 -0.23 -12.15 32.81
N LEU K 19 0.02 -13.42 33.06
CA LEU K 19 -0.47 -14.44 32.14
C LEU K 19 -1.99 -14.49 32.14
N ILE K 20 -2.61 -14.31 33.31
CA ILE K 20 -4.06 -14.21 33.37
C ILE K 20 -4.54 -13.03 32.57
N ALA K 21 -3.93 -11.86 32.84
CA ALA K 21 -4.37 -10.64 32.19
C ALA K 21 -4.21 -10.72 30.68
N ILE K 22 -3.11 -11.29 30.19
CA ILE K 22 -2.93 -11.42 28.75
C ILE K 22 -4.16 -12.08 28.12
N ASN K 23 -4.57 -13.23 28.68
CA ASN K 23 -5.67 -14.00 28.13
C ASN K 23 -7.02 -13.33 28.37
N GLN K 24 -7.24 -12.81 29.56
CA GLN K 24 -8.50 -12.13 29.82
C GLN K 24 -8.69 -10.92 28.91
N TYR K 25 -7.66 -10.08 28.77
CA TYR K 25 -7.80 -8.92 27.90
C TYR K 25 -7.88 -9.32 26.44
N PHE K 26 -7.17 -10.36 26.02
CA PHE K 26 -7.27 -10.73 24.62
C PHE K 26 -8.67 -11.21 24.27
N LEU K 27 -9.28 -12.01 25.16
CA LEU K 27 -10.64 -12.47 24.91
C LEU K 27 -11.63 -11.31 24.96
N HIS K 28 -11.52 -10.43 25.96
CA HIS K 28 -12.40 -9.28 26.02
C HIS K 28 -12.31 -8.46 24.75
N SER K 29 -11.10 -8.27 24.24
CA SER K 29 -10.88 -7.51 23.02
C SER K 29 -11.65 -8.13 21.85
N ARG K 30 -11.49 -9.44 21.68
CA ARG K 30 -12.11 -10.11 20.55
C ARG K 30 -13.63 -10.22 20.73
N MET K 31 -14.11 -10.35 21.96
CA MET K 31 -15.54 -10.22 22.20
C MET K 31 -16.06 -8.86 21.73
N TRP K 32 -15.40 -7.79 22.17
CA TRP K 32 -15.85 -6.46 21.74
C TRP K 32 -15.77 -6.30 20.22
N ASN K 33 -14.75 -6.85 19.57
CA ASN K 33 -14.69 -6.71 18.11
C ASN K 33 -15.85 -7.47 17.45
N ASP K 34 -16.13 -8.68 17.93
CA ASP K 34 -17.25 -9.47 17.43
C ASP K 34 -18.57 -8.72 17.58
N TRP K 35 -18.73 -7.94 18.65
CA TRP K 35 -19.95 -7.14 18.84
C TRP K 35 -19.97 -5.86 18.04
N GLY K 36 -18.92 -5.55 17.28
CA GLY K 36 -18.87 -4.32 16.52
C GLY K 36 -18.43 -3.11 17.31
N LEU K 37 -17.89 -3.31 18.50
CA LEU K 37 -17.36 -2.22 19.32
C LEU K 37 -15.85 -2.16 19.13
N LYS K 38 -15.45 -1.71 17.94
CA LYS K 38 -14.07 -1.86 17.50
C LYS K 38 -13.10 -0.99 18.26
N ARG K 39 -13.55 0.17 18.77
CA ARG K 39 -12.63 1.03 19.52
C ARG K 39 -12.30 0.41 20.87
N LEU K 40 -13.29 -0.21 21.51
CA LEU K 40 -13.00 -0.95 22.73
C LEU K 40 -12.14 -2.16 22.43
N GLY K 41 -12.43 -2.88 21.35
CA GLY K 41 -11.61 -4.03 20.98
C GLY K 41 -10.15 -3.67 20.75
N ALA K 42 -9.90 -2.56 20.04
CA ALA K 42 -8.52 -2.15 19.75
C ALA K 42 -7.80 -1.73 21.03
N HIS K 43 -8.45 -0.93 21.88
CA HIS K 43 -7.80 -0.52 23.11
C HIS K 43 -7.51 -1.71 24.02
N GLU K 44 -8.48 -2.62 24.17
CA GLU K 44 -8.25 -3.81 24.99
C GLU K 44 -7.14 -4.70 24.40
N TYR K 45 -7.05 -4.77 23.07
CA TYR K 45 -5.94 -5.48 22.42
C TYR K 45 -4.61 -4.89 22.84
N HIS K 46 -4.49 -3.57 22.81
CA HIS K 46 -3.21 -2.96 23.22
C HIS K 46 -2.93 -3.19 24.70
N GLU K 47 -3.96 -3.28 25.54
CA GLU K 47 -3.71 -3.66 26.93
C GLU K 47 -3.14 -5.08 27.03
N SER K 48 -3.68 -6.01 26.23
CA SER K 48 -3.16 -7.38 26.25
CA SER K 48 -3.16 -7.37 26.29
C SER K 48 -1.71 -7.42 25.79
N ILE K 49 -1.39 -6.67 24.72
CA ILE K 49 -0.01 -6.61 24.24
C ILE K 49 0.89 -6.06 25.34
N ASP K 50 0.44 -5.03 26.04
CA ASP K 50 1.22 -4.45 27.12
C ASP K 50 1.59 -5.49 28.16
N GLU K 51 0.61 -6.32 28.56
CA GLU K 51 0.90 -7.36 29.53
C GLU K 51 1.83 -8.41 28.95
N MET K 52 1.76 -8.66 27.64
CA MET K 52 2.70 -9.59 27.02
C MET K 52 4.11 -9.07 27.16
N LYS K 53 4.29 -7.77 26.96
CA LYS K 53 5.62 -7.20 27.08
C LYS K 53 6.12 -7.24 28.52
N HIS K 54 5.24 -7.01 29.49
CA HIS K 54 5.63 -7.16 30.89
C HIS K 54 6.03 -8.59 31.21
N ALA K 55 5.26 -9.57 30.73
CA ALA K 55 5.56 -10.97 31.02
C ALA K 55 6.93 -11.36 30.44
N ASP K 56 7.22 -10.88 29.23
CA ASP K 56 8.54 -11.10 28.63
C ASP K 56 9.66 -10.63 29.54
N LYS K 57 9.56 -9.39 30.02
CA LYS K 57 10.62 -8.84 30.86
C LYS K 57 10.76 -9.61 32.16
N LEU K 58 9.64 -10.05 32.74
CA LEU K 58 9.72 -10.89 33.94
C LEU K 58 10.38 -12.22 33.64
N ILE K 59 10.00 -12.86 32.53
CA ILE K 59 10.62 -14.12 32.12
C ILE K 59 12.13 -13.93 31.98
N GLU K 60 12.53 -12.85 31.33
CA GLU K 60 13.95 -12.58 31.09
C GLU K 60 14.70 -12.34 32.41
N ARG K 61 14.08 -11.63 33.35
CA ARG K 61 14.72 -11.36 34.64
C ARG K 61 14.81 -12.64 35.50
N ILE K 62 13.76 -13.45 35.51
CA ILE K 62 13.80 -14.71 36.27
C ILE K 62 14.92 -15.59 35.76
N LEU K 63 15.07 -15.68 34.43
CA LEU K 63 16.09 -16.54 33.87
C LEU K 63 17.49 -16.03 34.21
N PHE K 64 17.68 -14.72 34.12
CA PHE K 64 18.96 -14.13 34.48
C PHE K 64 19.32 -14.45 35.94
N LEU K 65 18.34 -14.41 36.83
CA LEU K 65 18.56 -14.74 38.24
C LEU K 65 18.61 -16.24 38.52
N GLU K 66 18.63 -17.06 37.45
CA GLU K 66 18.81 -18.51 37.52
C GLU K 66 17.62 -19.23 38.15
N GLY K 67 16.43 -18.66 38.01
CA GLY K 67 15.21 -19.32 38.37
C GLY K 67 14.50 -19.87 37.14
N LEU K 68 13.39 -20.57 37.40
CA LEU K 68 12.57 -21.15 36.33
C LEU K 68 11.28 -20.36 36.19
N PRO K 69 11.02 -19.72 35.06
CA PRO K 69 9.76 -18.99 34.90
C PRO K 69 8.60 -19.96 34.77
N ASN K 70 7.52 -19.67 35.48
CA ASN K 70 6.37 -20.56 35.51
C ASN K 70 5.36 -20.06 34.48
N LEU K 71 5.33 -20.69 33.30
CA LEU K 71 4.32 -20.42 32.28
C LEU K 71 3.27 -21.50 32.24
N GLN K 72 3.29 -22.43 33.19
CA GLN K 72 2.42 -23.59 33.18
C GLN K 72 1.14 -23.35 33.96
N ASP K 73 1.24 -22.67 35.09
CA ASP K 73 0.10 -22.46 35.98
C ASP K 73 -0.62 -21.17 35.56
N LEU K 74 -1.87 -21.33 35.17
CA LEU K 74 -2.73 -20.24 34.74
C LEU K 74 -3.90 -20.13 35.71
N GLY K 75 -4.01 -18.99 36.39
CA GLY K 75 -5.07 -18.75 37.34
C GLY K 75 -6.39 -18.48 36.63
N LYS K 76 -7.37 -18.05 37.43
CA LYS K 76 -8.75 -17.96 36.97
C LYS K 76 -8.94 -16.68 36.14
N LEU K 77 -9.37 -16.82 34.90
CA LEU K 77 -9.76 -15.65 34.11
C LEU K 77 -11.09 -15.09 34.62
N LEU K 78 -11.20 -13.77 34.64
CA LEU K 78 -12.43 -13.08 35.02
C LEU K 78 -13.08 -12.49 33.76
N ILE K 79 -14.02 -13.21 33.17
CA ILE K 79 -14.60 -12.84 31.89
C ILE K 79 -15.98 -12.24 32.13
N GLY K 80 -16.19 -11.02 31.68
CA GLY K 80 -17.50 -10.43 31.83
C GLY K 80 -18.49 -10.91 30.76
N GLU K 81 -19.77 -10.62 30.95
CA GLU K 81 -20.79 -10.95 29.98
C GLU K 81 -21.35 -9.74 29.26
N ASN K 82 -21.00 -8.53 29.69
CA ASN K 82 -21.35 -7.30 28.98
C ASN K 82 -20.25 -6.29 29.27
N THR K 83 -20.34 -5.13 28.62
CA THR K 83 -19.24 -4.18 28.64
C THR K 83 -18.90 -3.73 30.06
N GLN K 84 -19.92 -3.35 30.85
CA GLN K 84 -19.63 -2.93 32.23
C GLN K 84 -18.96 -4.03 33.03
N GLU K 85 -19.49 -5.25 32.92
CA GLU K 85 -18.90 -6.37 33.65
C GLU K 85 -17.47 -6.63 33.20
N MET K 86 -17.21 -6.51 31.90
CA MET K 86 -15.87 -6.79 31.40
C MET K 86 -14.88 -5.77 31.93
N LEU K 87 -15.26 -4.49 31.91
CA LEU K 87 -14.41 -3.45 32.48
C LEU K 87 -14.19 -3.67 33.98
N GLN K 88 -15.24 -4.01 34.72
CA GLN K 88 -15.08 -4.24 36.15
C GLN K 88 -14.23 -5.47 36.44
N CYS K 89 -14.36 -6.54 35.64
CA CYS K 89 -13.50 -7.70 35.78
C CYS K 89 -12.03 -7.34 35.55
N ASP K 90 -11.75 -6.55 34.50
CA ASP K 90 -10.39 -6.05 34.30
C ASP K 90 -9.90 -5.28 35.51
N LEU K 91 -10.76 -4.42 36.06
CA LEU K 91 -10.34 -3.57 37.17
C LEU K 91 -10.07 -4.41 38.42
N ASN K 92 -10.94 -5.39 38.69
CA ASN K 92 -10.69 -6.30 39.82
C ASN K 92 -9.34 -6.99 39.67
N LEU K 93 -9.04 -7.45 38.47
CA LEU K 93 -7.76 -8.13 38.24
C LEU K 93 -6.58 -7.17 38.44
N GLU K 94 -6.70 -5.94 37.96
CA GLU K 94 -5.61 -4.97 38.12
C GLU K 94 -5.36 -4.65 39.59
N LEU K 95 -6.44 -4.55 40.39
CA LEU K 95 -6.26 -4.21 41.81
C LEU K 95 -5.56 -5.33 42.56
N LYS K 96 -5.87 -6.58 42.24
CA LYS K 96 -5.09 -7.69 42.79
C LYS K 96 -3.64 -7.60 42.33
N ALA K 97 -3.41 -7.31 41.06
CA ALA K 97 -2.05 -7.27 40.52
C ALA K 97 -1.21 -6.18 41.22
N THR K 98 -1.78 -5.00 41.43
CA THR K 98 -0.98 -3.94 42.05
C THR K 98 -0.66 -4.27 43.50
N LYS K 99 -1.60 -4.89 44.21
CA LYS K 99 -1.28 -5.34 45.57
C LYS K 99 -0.11 -6.31 45.57
N ASP K 100 -0.10 -7.27 44.66
CA ASP K 100 1.00 -8.23 44.60
C ASP K 100 2.31 -7.53 44.22
N LEU K 101 2.25 -6.57 43.31
CA LEU K 101 3.45 -5.81 42.93
C LEU K 101 4.05 -5.07 44.14
N ARG K 102 3.19 -4.44 44.95
CA ARG K 102 3.69 -3.71 46.11
C ARG K 102 4.41 -4.63 47.08
N GLU K 103 3.82 -5.80 47.36
CA GLU K 103 4.47 -6.75 48.26
C GLU K 103 5.80 -7.24 47.69
N ALA K 104 5.86 -7.49 46.37
CA ALA K 104 7.13 -7.91 45.77
C ALA K 104 8.19 -6.79 45.87
N ILE K 105 7.78 -5.54 45.68
CA ILE K 105 8.75 -4.45 45.80
C ILE K 105 9.29 -4.36 47.22
N VAL K 106 8.43 -4.47 48.23
CA VAL K 106 8.89 -4.50 49.62
C VAL K 106 10.01 -5.54 49.78
N HIS K 107 9.78 -6.75 49.29
CA HIS K 107 10.78 -7.79 49.51
C HIS K 107 12.07 -7.55 48.70
N CYS K 108 11.97 -7.09 47.46
CA CYS K 108 13.18 -6.73 46.71
C CYS K 108 14.01 -5.68 47.46
N GLU K 109 13.35 -4.69 48.05
CA GLU K 109 14.06 -3.66 48.79
C GLU K 109 14.82 -4.27 49.96
N GLN K 110 14.14 -5.13 50.73
CA GLN K 110 14.75 -5.76 51.92
C GLN K 110 16.01 -6.55 51.59
N VAL K 111 16.05 -7.25 50.45
CA VAL K 111 17.24 -8.02 50.13
C VAL K 111 18.15 -7.30 49.14
N HIS K 112 17.88 -6.03 48.86
CA HIS K 112 18.77 -5.18 48.07
C HIS K 112 18.79 -5.56 46.58
N ASP K 113 17.72 -6.19 46.07
CA ASP K 113 17.65 -6.48 44.64
C ASP K 113 16.99 -5.26 43.97
N TYR K 114 17.81 -4.22 43.80
CA TYR K 114 17.28 -2.93 43.38
C TYR K 114 16.88 -2.91 41.90
N VAL K 115 17.52 -3.74 41.07
CA VAL K 115 17.10 -3.81 39.66
C VAL K 115 15.75 -4.51 39.54
N SER K 116 15.53 -5.58 40.28
CA SER K 116 14.21 -6.20 40.26
C SER K 116 13.16 -5.21 40.74
N ARG K 117 13.49 -4.43 41.77
CA ARG K 117 12.55 -3.42 42.24
C ARG K 117 12.19 -2.44 41.13
N ASP K 118 13.21 -1.98 40.39
CA ASP K 118 12.98 -0.98 39.35
C ASP K 118 12.07 -1.54 38.25
N LEU K 119 12.30 -2.79 37.85
CA LEU K 119 11.43 -3.44 36.88
C LEU K 119 9.99 -3.47 37.36
N LEU K 120 9.77 -3.90 38.61
CA LEU K 120 8.41 -4.00 39.13
C LEU K 120 7.75 -2.64 39.27
N LYS K 121 8.54 -1.61 39.59
CA LYS K 121 8.01 -0.24 39.65
C LYS K 121 7.51 0.22 38.29
N ASP K 122 8.28 -0.08 37.24
CA ASP K 122 7.85 0.24 35.88
C ASP K 122 6.55 -0.48 35.54
N ILE K 123 6.45 -1.77 35.89
CA ILE K 123 5.21 -2.51 35.66
C ILE K 123 4.08 -1.88 36.45
N LEU K 124 4.34 -1.54 37.72
CA LEU K 124 3.33 -0.92 38.57
C LEU K 124 2.81 0.38 37.98
N GLU K 125 3.70 1.19 37.38
CA GLU K 125 3.27 2.42 36.71
C GLU K 125 2.31 2.12 35.58
N SER K 126 2.64 1.10 34.76
CA SER K 126 1.74 0.70 33.66
CA SER K 126 1.74 0.71 33.67
C SER K 126 0.40 0.21 34.19
N GLU K 127 0.42 -0.61 35.26
CA GLU K 127 -0.84 -1.12 35.80
C GLU K 127 -1.68 0.01 36.42
N GLU K 128 -1.06 0.98 37.12
CA GLU K 128 -1.84 2.13 37.59
C GLU K 128 -2.43 2.94 36.43
N GLU K 129 -1.74 3.02 35.30
CA GLU K 129 -2.34 3.69 34.15
C GLU K 129 -3.54 2.90 33.64
N HIS K 130 -3.44 1.58 33.62
CA HIS K 130 -4.61 0.79 33.24
C HIS K 130 -5.75 1.00 34.24
N ILE K 131 -5.45 1.04 35.54
CA ILE K 131 -6.49 1.32 36.51
C ILE K 131 -7.15 2.68 36.22
N ASP K 132 -6.35 3.68 35.88
CA ASP K 132 -6.90 5.00 35.52
C ASP K 132 -7.86 4.87 34.33
N TYR K 133 -7.44 4.17 33.29
CA TYR K 133 -8.28 4.00 32.11
C TYR K 133 -9.59 3.34 32.48
N LEU K 134 -9.52 2.25 33.26
CA LEU K 134 -10.71 1.46 33.55
C LEU K 134 -11.69 2.23 34.44
N GLU K 135 -11.20 2.86 35.50
CA GLU K 135 -12.07 3.68 36.35
C GLU K 135 -12.73 4.79 35.54
N THR K 136 -11.98 5.40 34.63
CA THR K 136 -12.51 6.48 33.82
C THR K 136 -13.62 5.97 32.91
N GLN K 137 -13.41 4.81 32.25
CA GLN K 137 -14.45 4.26 31.40
C GLN K 137 -15.71 3.98 32.19
N LEU K 138 -15.57 3.40 33.39
CA LEU K 138 -16.75 3.09 34.19
C LEU K 138 -17.51 4.36 34.55
N GLY K 139 -16.78 5.43 34.92
CA GLY K 139 -17.42 6.71 35.16
C GLY K 139 -18.05 7.35 33.94
N LEU K 140 -17.44 7.17 32.77
CA LEU K 140 -18.05 7.71 31.56
C LEU K 140 -19.37 7.00 31.28
N ILE K 141 -19.44 5.71 31.56
CA ILE K 141 -20.69 5.00 31.36
C ILE K 141 -21.79 5.67 32.19
N GLN K 142 -21.47 6.02 33.43
CA GLN K 142 -22.44 6.71 34.29
C GLN K 142 -22.76 8.12 33.79
N LYS K 143 -21.76 8.84 33.26
CA LYS K 143 -21.97 10.22 32.84
C LYS K 143 -22.70 10.36 31.51
N VAL K 144 -22.38 9.53 30.50
CA VAL K 144 -22.98 9.71 29.17
C VAL K 144 -24.07 8.67 28.89
N GLY K 145 -24.27 7.70 29.76
CA GLY K 145 -25.21 6.63 29.50
C GLY K 145 -24.57 5.50 28.72
N LEU K 146 -25.08 4.28 28.93
CA LEU K 146 -24.43 3.12 28.32
C LEU K 146 -24.55 3.16 26.80
N GLU K 147 -25.71 3.55 26.28
CA GLU K 147 -25.90 3.53 24.85
C GLU K 147 -24.95 4.49 24.14
N ASN K 148 -24.79 5.73 24.67
CA ASN K 148 -23.80 6.66 24.13
C ASN K 148 -22.38 6.13 24.31
N TYR K 149 -22.09 5.56 25.48
CA TYR K 149 -20.74 5.04 25.69
C TYR K 149 -20.41 3.99 24.63
N LEU K 150 -21.36 3.10 24.34
CA LEU K 150 -21.10 2.04 23.37
C LEU K 150 -21.05 2.61 21.96
N GLN K 151 -21.96 3.56 21.66
CA GLN K 151 -21.92 4.25 20.38
C GLN K 151 -20.54 4.82 20.10
N SER K 152 -19.95 5.48 21.10
CA SER K 152 -18.66 6.11 20.93
C SER K 152 -17.54 5.10 20.75
N HIS K 153 -17.78 3.81 20.96
CA HIS K 153 -16.73 2.81 20.82
C HIS K 153 -17.01 1.86 19.67
N MET K 154 -17.93 2.24 18.78
CA MET K 154 -18.21 1.44 17.59
C MET K 154 -17.10 1.55 16.56
N HIS K 155 -16.68 2.77 16.25
CA HIS K 155 -15.72 3.03 15.18
C HIS K 155 -14.30 3.10 15.72
N MET L 1 3.81 46.94 -49.23
CA MET L 1 4.79 47.03 -50.37
C MET L 1 4.06 46.63 -51.64
N LYS L 2 4.05 47.47 -52.65
CA LYS L 2 3.19 47.23 -53.82
C LYS L 2 3.70 46.01 -54.60
N GLY L 3 2.90 44.96 -54.67
CA GLY L 3 3.30 43.79 -55.43
C GLY L 3 2.95 43.86 -56.93
N ASP L 4 3.57 42.96 -57.69
CA ASP L 4 3.21 42.73 -59.08
C ASP L 4 1.78 42.22 -59.17
N LYS L 5 0.97 42.86 -60.02
CA LYS L 5 -0.43 42.48 -60.11
C LYS L 5 -0.58 41.03 -60.52
N LYS L 6 0.20 40.58 -61.49
CA LYS L 6 0.03 39.19 -61.93
C LYS L 6 0.54 38.22 -60.85
N VAL L 7 1.55 38.59 -60.09
CA VAL L 7 1.98 37.73 -58.98
C VAL L 7 0.82 37.53 -58.00
N ILE L 8 0.14 38.62 -57.65
CA ILE L 8 -0.98 38.52 -56.72
C ILE L 8 -2.08 37.64 -57.32
N GLN L 9 -2.35 37.79 -58.62
CA GLN L 9 -3.33 36.88 -59.22
C GLN L 9 -2.90 35.42 -59.11
N HIS L 10 -1.62 35.13 -59.36
CA HIS L 10 -1.13 33.76 -59.16
C HIS L 10 -1.31 33.30 -57.71
N LEU L 11 -0.96 34.18 -56.75
CA LEU L 11 -1.07 33.80 -55.34
C LEU L 11 -2.52 33.55 -54.96
N ASN L 12 -3.46 34.35 -55.48
CA ASN L 12 -4.86 34.05 -55.24
C ASN L 12 -5.30 32.74 -55.89
N LYS L 13 -4.75 32.41 -57.07
CA LYS L 13 -5.09 31.11 -57.66
C LYS L 13 -4.61 29.96 -56.77
N ILE L 14 -3.39 30.07 -56.25
CA ILE L 14 -2.85 29.03 -55.36
C ILE L 14 -3.70 28.95 -54.10
N LEU L 15 -4.06 30.12 -53.56
CA LEU L 15 -4.95 30.19 -52.41
C LEU L 15 -6.26 29.47 -52.70
N GLY L 16 -6.85 29.72 -53.87
CA GLY L 16 -8.08 29.04 -54.23
C GLY L 16 -7.96 27.53 -54.18
N ASN L 17 -6.83 27.00 -54.68
CA ASN L 17 -6.59 25.57 -54.60
C ASN L 17 -6.48 25.09 -53.15
N GLU L 18 -5.81 25.86 -52.30
CA GLU L 18 -5.68 25.44 -50.91
C GLU L 18 -7.05 25.43 -50.22
N LEU L 19 -7.93 26.36 -50.57
CA LEU L 19 -9.23 26.42 -49.92
C LEU L 19 -10.09 25.23 -50.31
N ILE L 20 -10.01 24.82 -51.58
CA ILE L 20 -10.61 23.55 -52.00
C ILE L 20 -10.05 22.39 -51.18
N ALA L 21 -8.72 22.29 -51.09
CA ALA L 21 -8.11 21.16 -50.40
C ALA L 21 -8.50 21.10 -48.92
N ILE L 22 -8.48 22.24 -48.23
CA ILE L 22 -8.92 22.26 -46.82
C ILE L 22 -10.26 21.57 -46.67
N ASN L 23 -11.25 22.00 -47.46
CA ASN L 23 -12.59 21.45 -47.29
C ASN L 23 -12.66 19.99 -47.74
N GLN L 24 -12.04 19.69 -48.87
CA GLN L 24 -12.03 18.32 -49.37
C GLN L 24 -11.39 17.36 -48.37
N TYR L 25 -10.19 17.68 -47.90
CA TYR L 25 -9.53 16.83 -46.91
C TYR L 25 -10.30 16.77 -45.61
N PHE L 26 -10.88 17.89 -45.18
CA PHE L 26 -11.58 17.84 -43.90
C PHE L 26 -12.80 16.94 -44.01
N LEU L 27 -13.54 17.03 -45.12
CA LEU L 27 -14.70 16.15 -45.26
C LEU L 27 -14.27 14.68 -45.34
N HIS L 28 -13.23 14.38 -46.13
CA HIS L 28 -12.74 13.01 -46.21
C HIS L 28 -12.34 12.47 -44.85
N SER L 29 -11.62 13.30 -44.07
CA SER L 29 -11.26 12.92 -42.71
C SER L 29 -12.47 12.46 -41.93
N ARG L 30 -13.52 13.30 -41.93
CA ARG L 30 -14.69 13.03 -41.09
C ARG L 30 -15.50 11.85 -41.66
N MET L 31 -15.53 11.70 -42.99
CA MET L 31 -16.11 10.49 -43.57
C MET L 31 -15.39 9.24 -43.07
N TRP L 32 -14.06 9.24 -43.16
CA TRP L 32 -13.29 8.09 -42.68
C TRP L 32 -13.51 7.83 -41.20
N ASN L 33 -13.59 8.88 -40.38
CA ASN L 33 -13.88 8.68 -38.96
C ASN L 33 -15.26 8.09 -38.76
N ASP L 34 -16.25 8.60 -39.50
CA ASP L 34 -17.59 8.05 -39.40
C ASP L 34 -17.61 6.57 -39.76
N TRP L 35 -16.78 6.14 -40.73
CA TRP L 35 -16.76 4.74 -41.15
C TRP L 35 -15.90 3.85 -40.25
N GLY L 36 -15.23 4.39 -39.26
CA GLY L 36 -14.43 3.57 -38.38
C GLY L 36 -13.00 3.40 -38.84
N LEU L 37 -12.57 4.15 -39.85
CA LEU L 37 -11.20 4.08 -40.35
C LEU L 37 -10.38 5.23 -39.78
N LYS L 38 -10.15 5.15 -38.47
CA LYS L 38 -9.70 6.33 -37.73
C LYS L 38 -8.25 6.72 -38.05
N ARG L 39 -7.42 5.77 -38.47
CA ARG L 39 -6.07 6.16 -38.83
C ARG L 39 -6.05 6.97 -40.13
N LEU L 40 -6.90 6.60 -41.08
CA LEU L 40 -7.08 7.43 -42.27
C LEU L 40 -7.68 8.77 -41.89
N GLY L 41 -8.68 8.77 -41.01
CA GLY L 41 -9.33 10.01 -40.64
C GLY L 41 -8.35 10.98 -39.99
N ALA L 42 -7.47 10.47 -39.13
CA ALA L 42 -6.51 11.32 -38.44
C ALA L 42 -5.46 11.85 -39.38
N HIS L 43 -4.97 10.99 -40.28
CA HIS L 43 -3.95 11.43 -41.20
C HIS L 43 -4.48 12.51 -42.12
N GLU L 44 -5.71 12.32 -42.61
CA GLU L 44 -6.37 13.28 -43.51
C GLU L 44 -6.68 14.59 -42.80
N TYR L 45 -7.01 14.52 -41.52
CA TYR L 45 -7.16 15.72 -40.70
C TYR L 45 -5.88 16.53 -40.70
N HIS L 46 -4.75 15.87 -40.49
CA HIS L 46 -3.47 16.57 -40.49
C HIS L 46 -3.12 17.13 -41.87
N GLU L 47 -3.50 16.46 -42.96
CA GLU L 47 -3.34 17.07 -44.28
C GLU L 47 -4.17 18.33 -44.40
N SER L 48 -5.39 18.32 -43.87
CA SER L 48 -6.24 19.51 -43.93
CA SER L 48 -6.23 19.51 -43.94
C SER L 48 -5.62 20.66 -43.15
N ILE L 49 -5.12 20.38 -41.95
CA ILE L 49 -4.49 21.42 -41.14
C ILE L 49 -3.30 22.02 -41.89
N ASP L 50 -2.47 21.14 -42.49
CA ASP L 50 -1.35 21.60 -43.30
C ASP L 50 -1.78 22.58 -44.38
N GLU L 51 -2.90 22.29 -45.06
CA GLU L 51 -3.37 23.21 -46.10
C GLU L 51 -3.89 24.50 -45.49
N MET L 52 -4.46 24.43 -44.30
CA MET L 52 -4.89 25.65 -43.61
C MET L 52 -3.71 26.56 -43.33
N LYS L 53 -2.58 25.96 -42.91
CA LYS L 53 -1.37 26.74 -42.65
C LYS L 53 -0.83 27.39 -43.90
N HIS L 54 -0.83 26.67 -45.03
CA HIS L 54 -0.39 27.26 -46.29
C HIS L 54 -1.30 28.40 -46.72
N ALA L 55 -2.63 28.22 -46.58
CA ALA L 55 -3.56 29.28 -46.90
C ALA L 55 -3.26 30.53 -46.06
N ASP L 56 -3.00 30.33 -44.76
CA ASP L 56 -2.64 31.45 -43.88
C ASP L 56 -1.44 32.22 -44.44
N LYS L 57 -0.39 31.50 -44.83
CA LYS L 57 0.80 32.15 -45.33
C LYS L 57 0.54 32.89 -46.65
N LEU L 58 -0.27 32.31 -47.53
CA LEU L 58 -0.59 33.00 -48.78
C LEU L 58 -1.38 34.27 -48.50
N ILE L 59 -2.38 34.19 -47.64
CA ILE L 59 -3.19 35.35 -47.29
C ILE L 59 -2.30 36.45 -46.74
N GLU L 60 -1.37 36.08 -45.84
CA GLU L 60 -0.46 37.07 -45.26
C GLU L 60 0.42 37.70 -46.32
N ARG L 61 0.94 36.90 -47.25
CA ARG L 61 1.78 37.47 -48.32
C ARG L 61 0.98 38.39 -49.22
N ILE L 62 -0.24 38.00 -49.60
CA ILE L 62 -1.06 38.83 -50.48
C ILE L 62 -1.34 40.19 -49.84
N LEU L 63 -1.69 40.18 -48.55
CA LEU L 63 -1.97 41.44 -47.87
C LEU L 63 -0.72 42.31 -47.76
N PHE L 64 0.44 41.71 -47.51
CA PHE L 64 1.67 42.49 -47.49
C PHE L 64 1.91 43.14 -48.85
N LEU L 65 1.59 42.43 -49.94
CA LEU L 65 1.79 42.94 -51.28
C LEU L 65 0.67 43.90 -51.72
N GLU L 66 -0.26 44.22 -50.82
CA GLU L 66 -1.32 45.19 -51.05
C GLU L 66 -2.34 44.68 -52.06
N GLY L 67 -2.64 43.37 -52.00
CA GLY L 67 -3.70 42.79 -52.78
C GLY L 67 -4.82 42.34 -51.86
N LEU L 68 -5.92 41.91 -52.48
CA LEU L 68 -7.06 41.40 -51.73
C LEU L 68 -7.06 39.88 -51.79
N PRO L 69 -6.91 39.16 -50.67
CA PRO L 69 -6.99 37.69 -50.71
C PRO L 69 -8.41 37.22 -50.99
N ASN L 70 -8.56 36.33 -51.95
CA ASN L 70 -9.89 35.85 -52.36
C ASN L 70 -10.25 34.63 -51.53
N LEU L 71 -11.09 34.81 -50.51
CA LEU L 71 -11.65 33.68 -49.77
C LEU L 71 -13.12 33.44 -50.11
N GLN L 72 -13.62 34.11 -51.15
CA GLN L 72 -15.04 34.05 -51.50
C GLN L 72 -15.32 32.97 -52.53
N ASP L 73 -14.45 32.86 -53.52
CA ASP L 73 -14.64 31.94 -54.63
C ASP L 73 -14.07 30.58 -54.21
N LEU L 74 -14.93 29.58 -54.16
CA LEU L 74 -14.54 28.24 -53.79
C LEU L 74 -14.82 27.33 -54.98
N GLY L 75 -13.76 26.73 -55.51
CA GLY L 75 -13.87 25.80 -56.62
C GLY L 75 -14.53 24.47 -56.25
N LYS L 76 -14.55 23.59 -57.26
CA LYS L 76 -15.21 22.29 -57.15
C LYS L 76 -14.43 21.35 -56.23
N LEU L 77 -15.10 20.87 -55.19
CA LEU L 77 -14.53 19.82 -54.34
C LEU L 77 -14.64 18.48 -55.05
N LEU L 78 -13.60 17.65 -54.91
CA LEU L 78 -13.56 16.29 -55.46
C LEU L 78 -13.76 15.32 -54.29
N ILE L 79 -15.00 14.86 -54.07
CA ILE L 79 -15.31 14.00 -52.94
C ILE L 79 -15.45 12.58 -53.46
N GLY L 80 -14.68 11.66 -52.92
CA GLY L 80 -14.83 10.27 -53.34
C GLY L 80 -15.99 9.58 -52.63
N GLU L 81 -16.37 8.39 -53.10
CA GLU L 81 -17.45 7.61 -52.47
C GLU L 81 -16.94 6.34 -51.78
N ASN L 82 -15.64 6.08 -51.85
CA ASN L 82 -15.01 5.01 -51.10
C ASN L 82 -13.54 5.42 -50.95
N THR L 83 -12.80 4.61 -50.17
CA THR L 83 -11.46 5.02 -49.75
C THR L 83 -10.53 5.23 -50.94
N GLN L 84 -10.56 4.30 -51.89
CA GLN L 84 -9.69 4.42 -53.05
C GLN L 84 -9.96 5.69 -53.82
N GLU L 85 -11.24 5.95 -54.09
CA GLU L 85 -11.64 7.16 -54.80
C GLU L 85 -11.25 8.41 -54.03
N MET L 86 -11.38 8.37 -52.71
CA MET L 86 -11.08 9.58 -51.95
C MET L 86 -9.61 9.89 -52.05
N LEU L 87 -8.76 8.86 -51.96
CA LEU L 87 -7.33 9.10 -52.12
C LEU L 87 -7.01 9.61 -53.51
N GLN L 88 -7.63 9.02 -54.53
CA GLN L 88 -7.38 9.47 -55.90
CA GLN L 88 -7.41 9.47 -55.90
C GLN L 88 -7.89 10.90 -56.11
N CYS L 89 -9.03 11.26 -55.50
CA CYS L 89 -9.50 12.64 -55.60
C CYS L 89 -8.50 13.61 -54.99
N ASP L 90 -7.96 13.26 -53.81
CA ASP L 90 -6.91 14.08 -53.25
C ASP L 90 -5.71 14.17 -54.19
N LEU L 91 -5.34 13.03 -54.80
CA LEU L 91 -4.19 13.02 -55.70
C LEU L 91 -4.45 13.91 -56.93
N ASN L 92 -5.62 13.79 -57.55
CA ASN L 92 -5.94 14.65 -58.69
C ASN L 92 -5.90 16.12 -58.32
N LEU L 93 -6.44 16.48 -57.16
CA LEU L 93 -6.34 17.85 -56.69
C LEU L 93 -4.89 18.29 -56.54
N GLU L 94 -4.06 17.45 -55.91
CA GLU L 94 -2.66 17.82 -55.70
C GLU L 94 -1.92 17.99 -57.01
N LEU L 95 -2.18 17.12 -58.00
CA LEU L 95 -1.49 17.25 -59.29
C LEU L 95 -1.87 18.56 -60.00
N LYS L 96 -3.14 18.97 -59.92
CA LYS L 96 -3.48 20.30 -60.43
C LYS L 96 -2.79 21.40 -59.62
N ALA L 97 -2.74 21.24 -58.29
CA ALA L 97 -2.14 22.27 -57.44
C ALA L 97 -0.66 22.48 -57.77
N THR L 98 0.08 21.39 -57.99
CA THR L 98 1.51 21.55 -58.22
C THR L 98 1.77 22.16 -59.59
N LYS L 99 0.96 21.81 -60.59
CA LYS L 99 1.05 22.48 -61.89
C LYS L 99 0.91 23.98 -61.70
N ASP L 100 -0.12 24.41 -60.96
CA ASP L 100 -0.33 25.83 -60.75
C ASP L 100 0.83 26.47 -60.00
N LEU L 101 1.39 25.77 -59.01
CA LEU L 101 2.52 26.31 -58.26
C LEU L 101 3.73 26.55 -59.17
N ARG L 102 4.03 25.60 -60.07
CA ARG L 102 5.14 25.76 -61.00
C ARG L 102 4.94 26.99 -61.90
N GLU L 103 3.73 27.18 -62.42
CA GLU L 103 3.47 28.33 -63.27
C GLU L 103 3.61 29.64 -62.50
N ALA L 104 3.14 29.67 -61.24
CA ALA L 104 3.30 30.86 -60.40
C ALA L 104 4.77 31.14 -60.10
N ILE L 105 5.56 30.09 -59.86
CA ILE L 105 6.96 30.30 -59.56
C ILE L 105 7.67 30.88 -60.77
N VAL L 106 7.32 30.39 -61.97
CA VAL L 106 7.90 30.95 -63.20
C VAL L 106 7.69 32.46 -63.23
N HIS L 107 6.45 32.92 -63.02
CA HIS L 107 6.18 34.34 -63.09
C HIS L 107 6.89 35.10 -61.98
N CYS L 108 6.93 34.54 -60.75
CA CYS L 108 7.66 35.22 -59.69
C CYS L 108 9.12 35.44 -60.06
N GLU L 109 9.73 34.43 -60.68
CA GLU L 109 11.13 34.56 -61.09
C GLU L 109 11.29 35.66 -62.13
N GLN L 110 10.39 35.70 -63.11
CA GLN L 110 10.53 36.67 -64.20
C GLN L 110 10.40 38.12 -63.72
N VAL L 111 9.60 38.38 -62.67
CA VAL L 111 9.45 39.74 -62.18
C VAL L 111 10.26 39.98 -60.91
N HIS L 112 11.11 39.02 -60.53
CA HIS L 112 12.10 39.19 -59.47
C HIS L 112 11.48 39.19 -58.07
N ASP L 113 10.32 38.55 -57.90
CA ASP L 113 9.69 38.46 -56.59
C ASP L 113 10.19 37.16 -55.94
N TYR L 114 11.43 37.21 -55.49
CA TYR L 114 12.10 36.02 -55.00
C TYR L 114 11.53 35.52 -53.68
N VAL L 115 10.96 36.41 -52.85
CA VAL L 115 10.39 35.96 -51.58
C VAL L 115 9.10 35.18 -51.83
N SER L 116 8.24 35.70 -52.72
CA SER L 116 7.05 34.93 -53.10
C SER L 116 7.43 33.59 -53.70
N ARG L 117 8.48 33.57 -54.55
CA ARG L 117 8.93 32.30 -55.11
C ARG L 117 9.30 31.33 -54.00
N ASP L 118 10.04 31.81 -53.00
CA ASP L 118 10.49 30.95 -51.92
C ASP L 118 9.32 30.38 -51.14
N LEU L 119 8.32 31.21 -50.87
CA LEU L 119 7.12 30.71 -50.19
C LEU L 119 6.45 29.62 -51.01
N LEU L 120 6.30 29.85 -52.31
CA LEU L 120 5.64 28.87 -53.16
C LEU L 120 6.48 27.60 -53.27
N LYS L 121 7.81 27.73 -53.26
CA LYS L 121 8.65 26.55 -53.31
C LYS L 121 8.46 25.69 -52.07
N ASP L 122 8.40 26.33 -50.90
CA ASP L 122 8.12 25.59 -49.67
C ASP L 122 6.76 24.91 -49.72
N ILE L 123 5.74 25.59 -50.24
CA ILE L 123 4.42 24.95 -50.37
C ILE L 123 4.49 23.77 -51.34
N LEU L 124 5.18 23.96 -52.47
CA LEU L 124 5.35 22.89 -53.46
C LEU L 124 6.03 21.66 -52.84
N GLU L 125 7.01 21.87 -51.96
CA GLU L 125 7.65 20.75 -51.29
C GLU L 125 6.66 19.98 -50.43
N SER L 126 5.81 20.70 -49.69
CA SER L 126 4.77 20.05 -48.89
CA SER L 126 4.78 20.04 -48.89
C SER L 126 3.79 19.30 -49.78
N GLU L 127 3.39 19.90 -50.90
CA GLU L 127 2.44 19.24 -51.79
C GLU L 127 3.06 18.00 -52.43
N GLU L 128 4.35 18.03 -52.77
CA GLU L 128 4.97 16.82 -53.32
C GLU L 128 5.08 15.74 -52.25
N GLU L 129 5.29 16.14 -50.98
CA GLU L 129 5.22 15.15 -49.91
C GLU L 129 3.83 14.52 -49.82
N HIS L 130 2.78 15.33 -49.96
CA HIS L 130 1.44 14.76 -49.95
C HIS L 130 1.23 13.83 -51.15
N ILE L 131 1.74 14.18 -52.32
CA ILE L 131 1.62 13.30 -53.48
C ILE L 131 2.30 11.97 -53.20
N ASP L 132 3.50 12.00 -52.62
CA ASP L 132 4.17 10.75 -52.25
C ASP L 132 3.30 9.92 -51.32
N TYR L 133 2.73 10.53 -50.29
CA TYR L 133 1.88 9.78 -49.38
C TYR L 133 0.72 9.13 -50.15
N LEU L 134 0.03 9.92 -50.97
CA LEU L 134 -1.14 9.38 -51.67
C LEU L 134 -0.77 8.26 -52.64
N GLU L 135 0.23 8.48 -53.49
CA GLU L 135 0.63 7.44 -54.41
C GLU L 135 0.99 6.14 -53.66
N THR L 136 1.66 6.28 -52.51
CA THR L 136 2.07 5.12 -51.74
C THR L 136 0.85 4.37 -51.19
N GLN L 137 -0.16 5.10 -50.70
CA GLN L 137 -1.37 4.47 -50.18
C GLN L 137 -2.09 3.68 -51.28
N LEU L 138 -2.17 4.27 -52.48
CA LEU L 138 -2.82 3.60 -53.59
C LEU L 138 -2.04 2.37 -54.03
N GLY L 139 -0.71 2.43 -53.96
CA GLY L 139 0.10 1.26 -54.23
C GLY L 139 -0.07 0.17 -53.19
N LEU L 140 -0.19 0.55 -51.91
CA LEU L 140 -0.41 -0.43 -50.84
C LEU L 140 -1.75 -1.14 -50.99
N ILE L 141 -2.79 -0.43 -51.44
CA ILE L 141 -4.07 -1.08 -51.69
C ILE L 141 -3.91 -2.23 -52.67
N GLN L 142 -3.10 -2.03 -53.72
CA GLN L 142 -2.83 -3.09 -54.69
C GLN L 142 -1.97 -4.21 -54.07
N LYS L 143 -0.96 -3.87 -53.28
CA LYS L 143 -0.04 -4.88 -52.74
C LYS L 143 -0.64 -5.70 -51.60
N VAL L 144 -1.41 -5.09 -50.68
CA VAL L 144 -1.92 -5.85 -49.54
C VAL L 144 -3.39 -6.23 -49.69
N GLY L 145 -4.05 -5.72 -50.72
CA GLY L 145 -5.48 -5.93 -50.87
C GLY L 145 -6.27 -4.89 -50.11
N LEU L 146 -7.45 -4.56 -50.64
CA LEU L 146 -8.25 -3.50 -50.06
C LEU L 146 -8.69 -3.86 -48.64
N GLU L 147 -9.14 -5.10 -48.42
CA GLU L 147 -9.59 -5.52 -47.09
C GLU L 147 -8.49 -5.34 -46.05
N ASN L 148 -7.27 -5.83 -46.34
CA ASN L 148 -6.14 -5.62 -45.44
C ASN L 148 -5.81 -4.14 -45.28
N TYR L 149 -5.80 -3.39 -46.38
CA TYR L 149 -5.47 -1.97 -46.28
C TYR L 149 -6.43 -1.26 -45.34
N LEU L 150 -7.72 -1.53 -45.46
CA LEU L 150 -8.69 -0.88 -44.60
C LEU L 150 -8.55 -1.35 -43.16
N GLN L 151 -8.38 -2.66 -42.96
CA GLN L 151 -8.11 -3.18 -41.62
C GLN L 151 -6.98 -2.41 -40.93
N SER L 152 -5.87 -2.18 -41.65
CA SER L 152 -4.71 -1.52 -41.09
C SER L 152 -4.95 -0.06 -40.74
N HIS L 153 -6.07 0.52 -41.16
CA HIS L 153 -6.37 1.91 -40.87
C HIS L 153 -7.60 2.07 -39.98
N MET L 154 -8.03 1.01 -39.31
CA MET L 154 -9.16 1.11 -38.39
C MET L 154 -8.78 1.86 -37.12
N HIS L 155 -7.65 1.49 -36.52
CA HIS L 155 -7.29 1.98 -35.20
C HIS L 155 -6.13 2.98 -35.32
N GLU L 156 -6.20 4.05 -34.53
CA GLU L 156 -5.22 5.14 -34.58
C GLU L 156 -4.16 4.96 -33.51
#